data_6ZK2
#
_entry.id   6ZK2
#
_cell.length_a   47.920
_cell.length_b   148.980
_cell.length_c   88.510
_cell.angle_alpha   90.000
_cell.angle_beta   102.400
_cell.angle_gamma   90.000
#
_symmetry.space_group_name_H-M   'P 1 21 1'
#
loop_
_entity.id
_entity.type
_entity.pdbx_description
1 polymer 'Pyrimidine-specific ribonucleoside hydrolase rihA'
2 non-polymer 'CALCIUM ION'
3 non-polymer 1,4-DIDEOXY-4-AZA-1-(S)-(9-DEAZAHYPOXANTHIN-9-YL)-D-RIBITOL
4 non-polymer 'DIMETHYL SULFOXIDE'
5 non-polymer 1,2-ETHANEDIOL
6 non-polymer DI(HYDROXYETHYL)ETHER
7 non-polymer 'TRIETHYLENE GLYCOL'
8 water water
#
_entity_poly.entity_id   1
_entity_poly.type   'polypeptide(L)'
_entity_poly.pdbx_seq_one_letter_code
;MGSSHHHHHHSQDPNSSSMGQDGQQIRRDKLIIDTDPGIDDSMTILMAFRAPSVEIIGLTTIFGNVDTKGATRNALLLCE
RAGCPEVPVAEGSHEPLKGGKPRVADFVHGSDGIGNLFLPAPSAKKVEESAADFLINKVSEFPGEVSVLALGPLTNVALA
IKRDPSFASKVKKIVVLGGAFFAAGNVNPAAEANIHGDPEAADIVFTSGADIVVVGINITTQVCLTDEDLLELRNSKGKH
AAFLYEMCKFYRDWHAKSDGFHGIFLHDPVSFTAVLHPEYFTFKKGVVRVETQGICTGHTLMDQGLKKWNSENPWSGYKP
ISVAWTVDVPKVISFIKKLLMAP
;
_entity_poly.pdbx_strand_id   A,B,C,D
#
loop_
_chem_comp.id
_chem_comp.type
_chem_comp.name
_chem_comp.formula
CA non-polymer 'CALCIUM ION' 'Ca 2'
DMS non-polymer 'DIMETHYL SULFOXIDE' 'C2 H6 O S'
EDO non-polymer 1,2-ETHANEDIOL 'C2 H6 O2'
IMH non-polymer 1,4-DIDEOXY-4-AZA-1-(S)-(9-DEAZAHYPOXANTHIN-9-YL)-D-RIBITOL 'C11 H14 N4 O4'
PEG non-polymer DI(HYDROXYETHYL)ETHER 'C4 H10 O3'
PGE non-polymer 'TRIETHYLENE GLYCOL' 'C6 H14 O4'
#
# COMPACT_ATOMS: atom_id res chain seq x y z
N ARG A 28 -1.44 51.80 12.30
CA ARG A 28 -1.24 50.53 12.98
C ARG A 28 -1.95 49.35 12.30
N ASP A 29 -1.20 48.28 12.03
CA ASP A 29 -1.69 47.06 11.39
C ASP A 29 -2.26 46.12 12.47
N LYS A 30 -3.51 45.70 12.28
CA LYS A 30 -4.21 44.80 13.21
C LYS A 30 -3.64 43.38 13.14
N LEU A 31 -3.35 42.80 14.32
CA LEU A 31 -2.75 41.48 14.42
C LEU A 31 -3.35 40.61 15.52
N ILE A 32 -3.60 39.33 15.19
CA ILE A 32 -4.03 38.30 16.14
C ILE A 32 -2.85 37.32 16.19
N ILE A 33 -2.41 36.98 17.41
CA ILE A 33 -1.34 36.00 17.63
C ILE A 33 -1.96 34.70 18.14
N ASP A 34 -1.84 33.61 17.33
CA ASP A 34 -2.31 32.25 17.69
C ASP A 34 -1.08 31.56 18.23
N THR A 35 -1.10 31.21 19.52
CA THR A 35 0.12 30.81 20.22
C THR A 35 -0.06 29.75 21.32
N ASP A 36 1.04 29.02 21.61
CA ASP A 36 1.11 28.01 22.68
C ASP A 36 2.22 28.45 23.67
N PRO A 37 2.11 29.61 24.36
CA PRO A 37 3.23 30.05 25.21
C PRO A 37 3.58 29.12 26.37
N GLY A 38 4.81 28.57 26.39
CA GLY A 38 5.87 28.78 25.38
C GLY A 38 6.84 29.89 25.72
N ILE A 39 8.15 29.59 25.66
CA ILE A 39 9.20 30.54 26.03
C ILE A 39 9.50 31.52 24.90
N ASP A 40 9.76 31.00 23.68
CA ASP A 40 10.00 31.88 22.54
C ASP A 40 8.71 32.59 22.17
N ASP A 41 7.54 31.94 22.39
CA ASP A 41 6.22 32.55 22.19
C ASP A 41 6.09 33.79 23.09
N SER A 42 6.48 33.68 24.37
CA SER A 42 6.42 34.75 25.37
C SER A 42 7.31 35.91 24.99
N MET A 43 8.52 35.63 24.45
CA MET A 43 9.46 36.66 23.98
C MET A 43 8.77 37.47 22.87
N THR A 44 8.16 36.75 21.89
CA THR A 44 7.43 37.30 20.74
C THR A 44 6.27 38.20 21.18
N ILE A 45 5.38 37.67 22.05
CA ILE A 45 4.21 38.39 22.57
C ILE A 45 4.65 39.71 23.25
N LEU A 46 5.68 39.65 24.11
CA LEU A 46 6.21 40.83 24.80
C LEU A 46 6.85 41.83 23.83
N MET A 47 7.53 41.35 22.75
CA MET A 47 8.10 42.19 21.68
C MET A 47 6.96 42.89 20.93
N ALA A 48 5.93 42.11 20.53
CA ALA A 48 4.74 42.56 19.80
C ALA A 48 4.01 43.71 20.49
N PHE A 49 3.91 43.68 21.84
CA PHE A 49 3.28 44.73 22.64
C PHE A 49 4.10 46.03 22.63
N ARG A 50 5.41 45.93 22.36
CA ARG A 50 6.34 47.07 22.31
C ARG A 50 6.52 47.60 20.88
N ALA A 51 6.15 46.80 19.88
CA ALA A 51 6.27 47.13 18.46
C ALA A 51 5.25 48.22 18.06
N PRO A 52 5.73 49.33 17.49
CA PRO A 52 4.83 50.48 17.19
C PRO A 52 3.87 50.32 16.01
N SER A 53 4.31 49.80 14.87
CA SER A 53 3.42 49.69 13.71
C SER A 53 2.38 48.54 13.82
N VAL A 54 2.17 47.99 15.04
CA VAL A 54 1.24 46.88 15.27
C VAL A 54 0.23 47.16 16.37
N GLU A 55 -1.01 46.72 16.14
CA GLU A 55 -2.11 46.77 17.10
C GLU A 55 -2.53 45.31 17.35
N ILE A 56 -2.22 44.78 18.56
CA ILE A 56 -2.61 43.42 18.96
C ILE A 56 -4.06 43.45 19.40
N ILE A 57 -4.94 42.85 18.59
CA ILE A 57 -6.36 42.87 18.91
C ILE A 57 -6.78 41.61 19.72
N GLY A 58 -5.87 40.64 19.84
CA GLY A 58 -6.12 39.44 20.61
C GLY A 58 -5.08 38.36 20.52
N LEU A 59 -5.10 37.47 21.52
CA LEU A 59 -4.24 36.29 21.61
C LEU A 59 -5.16 35.09 21.60
N THR A 60 -4.92 34.14 20.69
CA THR A 60 -5.71 32.92 20.63
C THR A 60 -4.78 31.78 21.01
N THR A 61 -5.23 30.88 21.91
CA THR A 61 -4.32 29.85 22.41
C THR A 61 -4.57 28.44 21.87
N ILE A 62 -3.48 27.67 21.83
CA ILE A 62 -3.43 26.29 21.34
C ILE A 62 -2.42 25.47 22.20
N PHE A 63 -2.51 24.12 22.11
CA PHE A 63 -1.60 23.17 22.77
C PHE A 63 -0.27 23.12 21.97
N GLY A 64 0.73 22.38 22.46
CA GLY A 64 2.01 22.20 21.77
C GLY A 64 3.17 22.13 22.73
N ASN A 65 3.63 23.29 23.19
CA ASN A 65 4.68 23.44 24.20
C ASN A 65 4.18 23.06 25.58
N VAL A 66 2.87 23.19 25.77
CA VAL A 66 2.10 22.98 27.01
C VAL A 66 0.65 22.71 26.56
N ASP A 67 -0.21 22.19 27.46
CA ASP A 67 -1.64 21.99 27.15
C ASP A 67 -2.33 23.35 26.95
N THR A 68 -3.44 23.39 26.19
CA THR A 68 -4.18 24.63 25.90
C THR A 68 -4.50 25.46 27.14
N LYS A 69 -4.92 24.82 28.23
CA LYS A 69 -5.24 25.50 29.49
C LYS A 69 -4.02 26.23 30.08
N GLY A 70 -2.84 25.60 29.99
CA GLY A 70 -1.56 26.16 30.40
C GLY A 70 -1.14 27.32 29.49
N ALA A 71 -1.44 27.22 28.17
CA ALA A 71 -1.15 28.28 27.18
C ALA A 71 -1.98 29.54 27.47
N THR A 72 -3.27 29.35 27.80
CA THR A 72 -4.22 30.42 28.16
C THR A 72 -3.73 31.15 29.40
N ARG A 73 -3.32 30.39 30.45
CA ARG A 73 -2.79 30.90 31.73
C ARG A 73 -1.58 31.81 31.47
N ASN A 74 -0.64 31.34 30.63
CA ASN A 74 0.56 32.10 30.25
C ASN A 74 0.25 33.34 29.44
N ALA A 75 -0.66 33.24 28.45
CA ALA A 75 -1.09 34.37 27.60
C ALA A 75 -1.75 35.46 28.43
N LEU A 76 -2.57 35.08 29.43
CA LEU A 76 -3.22 36.03 30.34
C LEU A 76 -2.17 36.70 31.21
N LEU A 77 -1.14 35.94 31.65
CA LEU A 77 -0.04 36.47 32.47
C LEU A 77 0.83 37.45 31.68
N LEU A 78 1.02 37.19 30.38
CA LEU A 78 1.82 38.04 29.49
C LEU A 78 1.14 39.37 29.24
N CYS A 79 -0.20 39.38 29.07
CA CYS A 79 -1.04 40.57 28.89
C CYS A 79 -0.94 41.48 30.12
N GLU A 80 -0.97 40.87 31.33
CA GLU A 80 -0.85 41.55 32.62
C GLU A 80 0.53 42.19 32.74
N ARG A 81 1.58 41.40 32.48
CA ARG A 81 2.99 41.81 32.54
C ARG A 81 3.29 42.98 31.57
N ALA A 82 2.66 42.98 30.38
CA ALA A 82 2.81 44.01 29.36
C ALA A 82 1.99 45.29 29.65
N GLY A 83 1.15 45.24 30.70
CA GLY A 83 0.30 46.37 31.11
C GLY A 83 -0.93 46.54 30.27
N CYS A 84 -1.37 45.44 29.59
CA CYS A 84 -2.54 45.38 28.71
C CYS A 84 -3.49 44.22 29.12
N PRO A 85 -4.03 44.16 30.38
CA PRO A 85 -4.93 43.03 30.72
C PRO A 85 -6.27 43.02 29.97
N GLU A 86 -6.58 44.13 29.27
CA GLU A 86 -7.81 44.31 28.49
C GLU A 86 -7.77 43.58 27.14
N VAL A 87 -6.56 43.30 26.60
CA VAL A 87 -6.37 42.56 25.34
C VAL A 87 -7.02 41.18 25.48
N PRO A 88 -8.01 40.86 24.62
CA PRO A 88 -8.71 39.57 24.76
C PRO A 88 -7.84 38.33 24.55
N VAL A 89 -8.06 37.32 25.41
CA VAL A 89 -7.42 36.01 25.28
C VAL A 89 -8.56 35.00 25.00
N ALA A 90 -8.54 34.38 23.82
CA ALA A 90 -9.53 33.38 23.44
C ALA A 90 -8.92 31.97 23.39
N GLU A 91 -9.40 31.08 24.27
CA GLU A 91 -8.93 29.69 24.36
C GLU A 91 -9.39 28.88 23.17
N GLY A 92 -8.47 28.12 22.59
CA GLY A 92 -8.77 27.30 21.42
C GLY A 92 -8.94 25.83 21.74
N SER A 93 -8.65 25.00 20.74
CA SER A 93 -8.79 23.55 20.80
C SER A 93 -7.82 22.89 21.77
N HIS A 94 -8.32 21.91 22.53
CA HIS A 94 -7.60 21.13 23.54
C HIS A 94 -6.87 19.93 22.93
N GLU A 95 -7.26 19.52 21.71
CA GLU A 95 -6.65 18.41 21.01
C GLU A 95 -6.62 18.63 19.49
N PRO A 96 -5.79 17.88 18.72
CA PRO A 96 -5.77 18.08 17.26
C PRO A 96 -7.10 17.66 16.60
N LEU A 97 -7.28 18.01 15.31
CA LEU A 97 -8.50 17.68 14.56
C LEU A 97 -8.88 16.20 14.64
N LYS A 98 -7.89 15.28 14.51
CA LYS A 98 -8.17 13.85 14.58
C LYS A 98 -8.54 13.34 15.99
N GLY A 99 -8.32 14.17 17.02
CA GLY A 99 -8.65 13.87 18.40
C GLY A 99 -7.54 13.17 19.16
N GLY A 100 -7.70 13.10 20.47
CA GLY A 100 -6.71 12.46 21.33
C GLY A 100 -5.87 13.48 22.09
N LYS A 101 -5.52 13.17 23.35
CA LYS A 101 -4.70 14.03 24.21
C LYS A 101 -3.32 14.25 23.58
N PRO A 102 -2.93 15.52 23.30
CA PRO A 102 -1.63 15.75 22.65
C PRO A 102 -0.40 15.62 23.55
N ARG A 103 0.75 15.29 22.95
CA ARG A 103 2.04 15.20 23.64
C ARG A 103 2.61 16.62 23.66
N VAL A 104 3.03 17.10 24.83
CA VAL A 104 3.53 18.47 24.93
C VAL A 104 5.08 18.50 25.10
N ALA A 105 5.74 19.58 24.61
CA ALA A 105 7.20 19.74 24.68
C ALA A 105 7.64 20.35 26.03
N ASP A 106 7.27 19.66 27.16
CA ASP A 106 7.65 20.08 28.51
C ASP A 106 9.16 19.93 28.76
N PHE A 107 9.84 19.09 27.96
CA PHE A 107 11.28 18.89 27.97
C PHE A 107 11.99 20.09 27.26
N VAL A 108 11.24 20.98 26.59
CA VAL A 108 11.75 22.19 25.92
C VAL A 108 11.30 23.47 26.64
N HIS A 109 10.05 23.48 27.16
CA HIS A 109 9.45 24.69 27.75
C HIS A 109 9.07 24.53 29.23
N GLY A 110 9.38 23.39 29.84
CA GLY A 110 9.10 23.18 31.26
C GLY A 110 7.67 22.75 31.51
N SER A 111 7.39 22.27 32.74
CA SER A 111 6.09 21.78 33.20
C SER A 111 4.96 22.80 33.07
N ASP A 112 5.26 24.09 33.36
CA ASP A 112 4.30 25.20 33.27
C ASP A 112 4.27 25.89 31.86
N GLY A 113 5.18 25.49 30.97
CA GLY A 113 5.26 26.10 29.64
C GLY A 113 6.13 27.34 29.58
N ILE A 114 6.65 27.83 30.72
CA ILE A 114 7.49 29.03 30.72
C ILE A 114 8.81 28.82 31.49
N GLY A 115 9.39 27.63 31.34
CA GLY A 115 10.68 27.29 31.92
C GLY A 115 10.74 27.08 33.42
N ASN A 116 9.62 26.60 34.01
CA ASN A 116 9.46 26.26 35.43
C ASN A 116 9.63 27.47 36.36
N LEU A 117 8.95 28.58 36.04
CA LEU A 117 9.00 29.77 36.89
C LEU A 117 7.97 29.66 38.00
N PHE A 118 6.95 28.78 37.81
CA PHE A 118 5.83 28.49 38.71
C PHE A 118 5.24 29.77 39.30
N LEU A 119 4.79 30.66 38.41
CA LEU A 119 4.26 31.95 38.77
C LEU A 119 2.83 31.87 39.30
N PRO A 120 2.41 32.79 40.21
CA PRO A 120 1.01 32.78 40.66
C PRO A 120 0.06 33.05 39.49
N ALA A 121 -1.18 32.59 39.63
CA ALA A 121 -2.24 32.64 38.63
C ALA A 121 -2.64 34.07 38.23
N PRO A 122 -3.02 34.31 36.95
CA PRO A 122 -3.46 35.66 36.55
C PRO A 122 -4.82 36.04 37.16
N SER A 123 -5.09 37.35 37.28
CA SER A 123 -6.37 37.87 37.78
C SER A 123 -7.33 38.04 36.59
N ALA A 124 -6.76 38.41 35.42
CA ALA A 124 -7.46 38.56 34.15
C ALA A 124 -8.03 37.22 33.70
N LYS A 125 -9.19 37.26 33.06
CA LYS A 125 -9.88 36.07 32.57
C LYS A 125 -9.98 36.08 31.06
N LYS A 126 -10.06 34.88 30.48
CA LYS A 126 -10.24 34.68 29.04
C LYS A 126 -11.67 35.12 28.63
N VAL A 127 -11.88 35.39 27.33
CA VAL A 127 -13.22 35.71 26.80
C VAL A 127 -14.04 34.40 26.70
N GLU A 128 -15.38 34.51 26.52
CA GLU A 128 -16.27 33.35 26.44
C GLU A 128 -16.11 32.57 25.14
N GLU A 129 -15.95 33.28 24.01
CA GLU A 129 -15.85 32.63 22.69
C GLU A 129 -14.54 31.86 22.50
N SER A 130 -14.59 30.82 21.67
CA SER A 130 -13.43 30.01 21.33
C SER A 130 -12.48 30.79 20.41
N ALA A 131 -11.22 30.34 20.29
CA ALA A 131 -10.22 30.98 19.43
C ALA A 131 -10.72 30.98 17.98
N ALA A 132 -11.27 29.85 17.49
CA ALA A 132 -11.84 29.70 16.13
C ALA A 132 -12.91 30.77 15.86
N ASP A 133 -13.85 30.97 16.82
CA ASP A 133 -14.92 31.95 16.71
C ASP A 133 -14.43 33.39 16.78
N PHE A 134 -13.42 33.67 17.65
CA PHE A 134 -12.77 34.99 17.77
C PHE A 134 -12.08 35.37 16.44
N LEU A 135 -11.34 34.38 15.82
CA LEU A 135 -10.65 34.58 14.55
C LEU A 135 -11.61 34.97 13.45
N ILE A 136 -12.73 34.23 13.30
CA ILE A 136 -13.75 34.50 12.30
C ILE A 136 -14.40 35.88 12.58
N ASN A 137 -14.78 36.16 13.86
CA ASN A 137 -15.46 37.42 14.19
C ASN A 137 -14.64 38.67 13.90
N LYS A 138 -13.35 38.67 14.25
CA LYS A 138 -12.48 39.86 14.08
C LYS A 138 -12.03 40.06 12.65
N VAL A 139 -11.85 38.98 11.91
CA VAL A 139 -11.51 39.03 10.49
C VAL A 139 -12.74 39.48 9.68
N SER A 140 -13.96 39.06 10.09
CA SER A 140 -15.21 39.47 9.45
C SER A 140 -15.56 40.91 9.77
N GLU A 141 -15.17 41.38 10.96
CA GLU A 141 -15.41 42.75 11.41
C GLU A 141 -14.55 43.74 10.60
N PHE A 142 -13.29 43.35 10.30
CA PHE A 142 -12.34 44.17 9.54
C PHE A 142 -11.82 43.35 8.33
N PRO A 143 -12.62 43.19 7.25
CA PRO A 143 -12.13 42.37 6.10
C PRO A 143 -10.89 42.93 5.43
N GLY A 144 -9.92 42.04 5.19
CA GLY A 144 -8.63 42.35 4.57
C GLY A 144 -7.72 43.28 5.35
N GLU A 145 -7.97 43.41 6.66
CA GLU A 145 -7.20 44.29 7.55
C GLU A 145 -6.46 43.55 8.64
N VAL A 146 -7.01 42.41 9.10
CA VAL A 146 -6.47 41.63 10.20
C VAL A 146 -5.49 40.53 9.75
N SER A 147 -4.24 40.60 10.26
CA SER A 147 -3.17 39.63 10.02
C SER A 147 -3.14 38.63 11.17
N VAL A 148 -2.82 37.37 10.87
CA VAL A 148 -2.73 36.29 11.84
C VAL A 148 -1.29 35.76 11.90
N LEU A 149 -0.66 35.81 13.10
CA LEU A 149 0.66 35.23 13.31
C LEU A 149 0.48 33.91 14.07
N ALA A 150 0.70 32.79 13.37
CA ALA A 150 0.54 31.43 13.89
C ALA A 150 1.85 30.86 14.45
N LEU A 151 1.89 30.72 15.79
CA LEU A 151 3.08 30.29 16.57
C LEU A 151 3.06 28.85 17.10
N GLY A 152 1.95 28.15 16.97
CA GLY A 152 1.83 26.77 17.42
C GLY A 152 1.15 25.91 16.35
N PRO A 153 0.69 24.68 16.71
CA PRO A 153 -0.11 23.88 15.76
C PRO A 153 -1.28 24.72 15.20
N LEU A 154 -1.69 24.40 13.96
CA LEU A 154 -2.64 25.21 13.21
C LEU A 154 -4.15 24.87 13.38
N THR A 155 -4.52 24.14 14.44
CA THR A 155 -5.88 23.66 14.72
C THR A 155 -6.97 24.75 14.69
N ASN A 156 -6.79 25.88 15.42
CA ASN A 156 -7.78 26.98 15.46
C ASN A 156 -7.96 27.65 14.12
N VAL A 157 -6.84 27.80 13.38
CA VAL A 157 -6.81 28.42 12.05
C VAL A 157 -7.59 27.53 11.07
N ALA A 158 -7.37 26.20 11.13
CA ALA A 158 -8.05 25.21 10.28
C ALA A 158 -9.54 25.13 10.61
N LEU A 159 -9.88 25.16 11.92
CA LEU A 159 -11.28 25.18 12.40
C LEU A 159 -12.01 26.41 11.86
N ALA A 160 -11.33 27.57 11.86
CA ALA A 160 -11.85 28.84 11.34
C ALA A 160 -12.13 28.73 9.82
N ILE A 161 -11.18 28.15 9.06
CA ILE A 161 -11.27 27.94 7.61
C ILE A 161 -12.45 27.00 7.31
N LYS A 162 -12.62 25.94 8.11
CA LYS A 162 -13.69 24.95 7.93
C LYS A 162 -15.07 25.46 8.33
N ARG A 163 -15.16 26.20 9.44
CA ARG A 163 -16.44 26.76 9.92
C ARG A 163 -16.92 27.92 9.05
N ASP A 164 -15.98 28.75 8.54
CA ASP A 164 -16.31 29.85 7.64
C ASP A 164 -15.43 29.69 6.38
N PRO A 165 -15.94 29.14 5.24
CA PRO A 165 -15.06 28.92 4.07
C PRO A 165 -14.58 30.19 3.36
N SER A 166 -15.03 31.36 3.85
CA SER A 166 -14.60 32.64 3.33
C SER A 166 -13.45 33.22 4.19
N PHE A 167 -13.16 32.60 5.37
CA PHE A 167 -12.14 33.08 6.32
C PHE A 167 -10.78 33.37 5.65
N ALA A 168 -10.25 32.40 4.87
CA ALA A 168 -8.97 32.50 4.15
C ALA A 168 -8.87 33.76 3.29
N SER A 169 -9.94 34.08 2.57
CA SER A 169 -10.04 35.25 1.71
C SER A 169 -10.12 36.59 2.47
N LYS A 170 -10.65 36.59 3.71
CA LYS A 170 -10.84 37.80 4.51
C LYS A 170 -9.63 38.18 5.37
N VAL A 171 -8.82 37.19 5.76
CA VAL A 171 -7.62 37.43 6.55
C VAL A 171 -6.63 38.14 5.60
N LYS A 172 -6.05 39.25 6.07
CA LYS A 172 -5.07 40.01 5.29
C LYS A 172 -3.86 39.12 4.93
N LYS A 173 -3.29 38.47 5.93
CA LYS A 173 -2.14 37.60 5.79
C LYS A 173 -2.08 36.65 6.96
N ILE A 174 -1.57 35.43 6.71
CA ILE A 174 -1.29 34.43 7.73
C ILE A 174 0.21 34.15 7.67
N VAL A 175 0.94 34.53 8.73
CA VAL A 175 2.38 34.25 8.84
C VAL A 175 2.49 33.08 9.84
N VAL A 176 3.01 31.96 9.34
CA VAL A 176 3.13 30.69 10.05
C VAL A 176 4.58 30.36 10.42
N LEU A 177 4.83 30.08 11.72
CA LEU A 177 6.10 29.51 12.15
C LEU A 177 5.83 28.00 12.13
N GLY A 178 6.46 27.30 11.20
CA GLY A 178 6.27 25.87 11.09
C GLY A 178 6.90 25.25 9.87
N GLY A 179 7.17 23.95 9.96
CA GLY A 179 7.75 23.17 8.90
C GLY A 179 9.25 23.09 8.93
N ALA A 180 9.79 22.24 8.06
CA ALA A 180 11.22 22.03 7.80
C ALA A 180 11.24 21.70 6.31
N PHE A 181 11.72 22.67 5.52
CA PHE A 181 11.75 22.61 4.06
C PHE A 181 13.14 22.26 3.60
N PHE A 182 13.30 21.02 3.07
CA PHE A 182 14.56 20.43 2.60
C PHE A 182 15.61 20.45 3.71
N ALA A 183 15.16 20.15 4.93
CA ALA A 183 15.97 20.12 6.14
C ALA A 183 15.31 19.16 7.16
N ALA A 184 16.07 18.76 8.17
CA ALA A 184 15.64 17.86 9.23
C ALA A 184 14.63 18.57 10.12
N GLY A 185 13.71 17.79 10.67
CA GLY A 185 12.70 18.28 11.60
C GLY A 185 13.29 18.35 13.00
N ASN A 186 12.49 18.77 14.00
CA ASN A 186 13.00 18.87 15.39
C ASN A 186 12.27 17.91 16.35
N VAL A 187 11.22 17.21 15.86
CA VAL A 187 10.49 16.17 16.61
C VAL A 187 11.21 14.86 16.32
N ASN A 188 11.49 14.65 15.02
CA ASN A 188 12.18 13.50 14.49
C ASN A 188 12.80 13.99 13.15
N PRO A 189 13.58 13.18 12.42
CA PRO A 189 14.16 13.68 11.14
C PRO A 189 13.17 14.25 10.11
N ALA A 190 11.89 13.81 10.13
CA ALA A 190 10.86 14.19 9.16
C ALA A 190 10.07 15.46 9.45
N ALA A 191 9.76 15.71 10.73
CA ALA A 191 8.80 16.75 11.07
C ALA A 191 9.22 17.81 12.09
N GLU A 192 8.73 19.04 11.88
CA GLU A 192 8.86 20.16 12.79
C GLU A 192 7.62 20.04 13.75
N ALA A 193 7.80 20.39 15.03
CA ALA A 193 6.83 20.29 16.13
C ALA A 193 5.42 20.83 15.86
N ASN A 194 5.26 22.11 15.47
CA ASN A 194 3.95 22.72 15.22
C ASN A 194 3.11 21.94 14.19
N ILE A 195 3.76 21.50 13.09
CA ILE A 195 3.10 20.75 12.02
C ILE A 195 2.77 19.34 12.52
N HIS A 196 3.70 18.68 13.20
CA HIS A 196 3.51 17.34 13.77
C HIS A 196 2.38 17.32 14.83
N GLY A 197 2.19 18.45 15.54
CA GLY A 197 1.13 18.63 16.54
C GLY A 197 -0.28 18.48 15.97
N ASP A 198 -0.47 18.89 14.71
CA ASP A 198 -1.74 18.75 13.97
C ASP A 198 -1.45 18.77 12.45
N PRO A 199 -1.08 17.61 11.86
CA PRO A 199 -0.75 17.58 10.41
C PRO A 199 -1.93 17.91 9.51
N GLU A 200 -3.13 17.43 9.87
CA GLU A 200 -4.38 17.67 9.13
C GLU A 200 -4.72 19.17 9.08
N ALA A 201 -4.54 19.89 10.19
CA ALA A 201 -4.81 21.33 10.30
C ALA A 201 -3.86 22.15 9.42
N ALA A 202 -2.57 21.77 9.41
CA ALA A 202 -1.54 22.42 8.60
C ALA A 202 -1.84 22.26 7.10
N ASP A 203 -2.26 21.06 6.68
CA ASP A 203 -2.62 20.75 5.29
C ASP A 203 -3.85 21.57 4.85
N ILE A 204 -4.86 21.72 5.73
CA ILE A 204 -6.03 22.54 5.50
C ILE A 204 -5.61 24.02 5.30
N VAL A 205 -4.74 24.56 6.18
CA VAL A 205 -4.25 25.93 6.10
C VAL A 205 -3.44 26.17 4.82
N PHE A 206 -2.46 25.29 4.49
CA PHE A 206 -1.59 25.47 3.33
C PHE A 206 -2.30 25.33 1.98
N THR A 207 -3.49 24.69 1.95
CA THR A 207 -4.27 24.53 0.72
C THR A 207 -5.57 25.40 0.71
N SER A 208 -5.74 26.30 1.72
CA SER A 208 -6.93 27.17 1.89
C SER A 208 -7.10 28.30 0.86
N GLY A 209 -6.01 28.66 0.17
CA GLY A 209 -6.03 29.75 -0.80
C GLY A 209 -5.79 31.13 -0.21
N ALA A 210 -5.51 31.19 1.10
CA ALA A 210 -5.22 32.44 1.82
C ALA A 210 -3.82 32.94 1.47
N ASP A 211 -3.55 34.23 1.75
CA ASP A 211 -2.23 34.83 1.56
C ASP A 211 -1.38 34.36 2.77
N ILE A 212 -0.58 33.29 2.55
CA ILE A 212 0.23 32.64 3.58
C ILE A 212 1.73 32.83 3.34
N VAL A 213 2.44 33.08 4.44
CA VAL A 213 3.90 33.16 4.50
C VAL A 213 4.33 32.11 5.55
N VAL A 214 5.10 31.07 5.14
CA VAL A 214 5.59 30.01 6.04
C VAL A 214 7.06 30.22 6.29
N VAL A 215 7.46 30.18 7.58
CA VAL A 215 8.85 30.32 8.02
C VAL A 215 9.20 28.99 8.71
N GLY A 216 9.97 28.16 8.02
CA GLY A 216 10.39 26.85 8.52
C GLY A 216 11.59 26.96 9.45
N ILE A 217 11.90 25.87 10.18
CA ILE A 217 13.04 25.84 11.10
C ILE A 217 14.39 25.79 10.32
N ASN A 218 14.34 25.56 8.98
CA ASN A 218 15.52 25.64 8.09
C ASN A 218 16.02 27.11 8.06
N ILE A 219 15.10 28.05 8.33
CA ILE A 219 15.37 29.50 8.40
C ILE A 219 15.76 29.91 9.84
N THR A 220 14.89 29.61 10.82
CA THR A 220 15.01 30.05 12.22
C THR A 220 16.20 29.49 13.00
N THR A 221 16.72 28.30 12.64
CA THR A 221 17.92 27.74 13.28
C THR A 221 19.19 28.54 12.91
N GLN A 222 19.11 29.42 11.89
CA GLN A 222 20.21 30.33 11.47
C GLN A 222 20.20 31.59 12.36
N VAL A 223 19.08 31.88 13.05
CA VAL A 223 18.90 33.07 13.90
C VAL A 223 18.88 32.70 15.39
N CYS A 224 20.02 32.95 16.05
CA CYS A 224 20.29 32.57 17.43
C CYS A 224 20.66 33.72 18.33
N LEU A 225 20.55 33.45 19.64
CA LEU A 225 21.07 34.25 20.73
C LEU A 225 22.03 33.28 21.42
N THR A 226 23.34 33.62 21.44
CA THR A 226 24.36 32.79 22.11
C THR A 226 24.25 33.04 23.63
N ASP A 227 25.03 32.30 24.44
CA ASP A 227 25.10 32.49 25.89
C ASP A 227 25.50 33.93 26.23
N GLU A 228 26.44 34.49 25.43
CA GLU A 228 26.94 35.87 25.55
C GLU A 228 25.82 36.89 25.27
N ASP A 229 25.01 36.66 24.21
CA ASP A 229 23.84 37.47 23.83
C ASP A 229 22.77 37.46 24.92
N LEU A 230 22.59 36.30 25.57
CA LEU A 230 21.61 36.13 26.66
C LEU A 230 22.08 36.89 27.89
N LEU A 231 23.41 36.91 28.14
CA LEU A 231 24.03 37.63 29.24
C LEU A 231 23.92 39.14 28.99
N GLU A 232 24.06 39.55 27.71
CA GLU A 232 23.90 40.94 27.25
C GLU A 232 22.45 41.40 27.51
N LEU A 233 21.46 40.49 27.31
CA LEU A 233 20.04 40.74 27.59
C LEU A 233 19.81 40.94 29.09
N ARG A 234 20.38 40.06 29.94
CA ARG A 234 20.30 40.12 31.40
C ARG A 234 20.84 41.46 31.93
N ASN A 235 21.98 41.91 31.38
CA ASN A 235 22.66 43.15 31.79
C ASN A 235 22.09 44.42 31.15
N SER A 236 21.13 44.27 30.20
CA SER A 236 20.50 45.41 29.52
C SER A 236 19.44 46.10 30.40
N LYS A 237 18.91 47.24 29.92
CA LYS A 237 17.87 48.00 30.62
C LYS A 237 16.44 47.67 30.09
N GLY A 238 16.33 46.58 29.33
CA GLY A 238 15.07 46.10 28.77
C GLY A 238 13.99 45.91 29.81
N LYS A 239 12.75 46.34 29.46
CA LYS A 239 11.55 46.30 30.33
C LYS A 239 11.29 44.89 30.93
N HIS A 240 11.44 43.84 30.12
CA HIS A 240 11.22 42.46 30.54
C HIS A 240 12.49 41.61 30.55
N ALA A 241 13.69 42.26 30.50
CA ALA A 241 15.02 41.62 30.49
C ALA A 241 15.23 40.52 31.57
N ALA A 242 14.93 40.83 32.85
CA ALA A 242 15.09 39.91 33.97
C ALA A 242 14.19 38.67 33.84
N PHE A 243 12.91 38.89 33.52
CA PHE A 243 11.89 37.86 33.33
C PHE A 243 12.22 36.96 32.13
N LEU A 244 12.60 37.58 30.98
CA LEU A 244 12.95 36.88 29.74
C LEU A 244 14.15 35.97 29.93
N TYR A 245 15.17 36.44 30.68
CA TYR A 245 16.40 35.71 30.98
C TYR A 245 16.14 34.49 31.85
N GLU A 246 15.31 34.63 32.91
CA GLU A 246 14.96 33.52 33.81
C GLU A 246 14.23 32.41 33.05
N MET A 247 13.23 32.80 32.28
CA MET A 247 12.45 31.89 31.44
C MET A 247 13.33 31.18 30.36
N CYS A 248 14.31 31.91 29.80
CA CYS A 248 15.21 31.38 28.74
C CYS A 248 16.22 30.32 29.21
N LYS A 249 16.46 30.22 30.51
CA LYS A 249 17.39 29.29 31.12
C LYS A 249 17.04 27.84 30.77
N PHE A 250 15.76 27.41 30.98
CA PHE A 250 15.28 26.06 30.65
C PHE A 250 15.33 25.81 29.15
N TYR A 251 14.94 26.82 28.35
CA TYR A 251 14.91 26.79 26.89
C TYR A 251 16.32 26.57 26.29
N ARG A 252 17.31 27.39 26.71
CA ARG A 252 18.74 27.30 26.34
C ARG A 252 19.34 25.91 26.68
N ASP A 253 18.99 25.37 27.86
CA ASP A 253 19.47 24.09 28.37
C ASP A 253 19.12 22.95 27.45
N TRP A 254 17.87 22.93 26.94
CA TRP A 254 17.39 21.94 25.97
C TRP A 254 18.25 21.97 24.68
N HIS A 255 18.63 23.17 24.22
CA HIS A 255 19.48 23.36 23.04
C HIS A 255 20.85 22.74 23.19
N ALA A 256 21.43 22.87 24.41
CA ALA A 256 22.72 22.32 24.76
C ALA A 256 22.69 20.79 24.85
N LYS A 257 21.60 20.22 25.44
CA LYS A 257 21.44 18.77 25.62
C LYS A 257 21.11 18.05 24.31
N SER A 258 20.28 18.65 23.45
CA SER A 258 19.78 18.05 22.23
C SER A 258 20.53 18.45 20.96
N ASP A 259 20.65 19.75 20.70
CA ASP A 259 21.29 20.27 19.47
C ASP A 259 22.80 20.48 19.62
N GLY A 260 23.27 20.53 20.86
CA GLY A 260 24.67 20.79 21.17
C GLY A 260 25.02 22.24 20.96
N PHE A 261 24.01 23.12 21.00
CA PHE A 261 24.15 24.56 20.82
C PHE A 261 24.04 25.32 22.15
N HIS A 262 25.04 26.17 22.46
CA HIS A 262 25.03 26.95 23.70
C HIS A 262 24.33 28.28 23.49
N GLY A 263 23.02 28.23 23.58
CA GLY A 263 22.14 29.37 23.38
C GLY A 263 20.77 28.93 22.97
N ILE A 264 20.04 29.79 22.24
CA ILE A 264 18.67 29.51 21.81
C ILE A 264 18.46 29.81 20.33
N PHE A 265 17.49 29.11 19.73
CA PHE A 265 17.00 29.33 18.37
C PHE A 265 15.78 30.24 18.53
N LEU A 266 15.79 31.41 17.88
CA LEU A 266 14.69 32.41 17.97
C LEU A 266 13.53 32.15 16.99
N HIS A 267 12.99 30.91 16.95
CA HIS A 267 11.88 30.49 16.07
C HIS A 267 10.66 31.48 15.97
N ASP A 268 9.94 31.69 17.08
CA ASP A 268 8.76 32.57 17.08
C ASP A 268 9.15 34.07 16.89
N PRO A 269 10.18 34.65 17.56
CA PRO A 269 10.55 36.05 17.24
C PRO A 269 10.90 36.32 15.77
N VAL A 270 11.50 35.33 15.06
CA VAL A 270 11.85 35.46 13.62
C VAL A 270 10.59 35.56 12.74
N SER A 271 9.55 34.73 13.05
CA SER A 271 8.28 34.75 12.33
C SER A 271 7.56 36.10 12.52
N PHE A 272 7.74 36.75 13.70
CA PHE A 272 7.18 38.07 14.00
C PHE A 272 7.93 39.12 13.17
N THR A 273 9.25 38.92 12.96
CA THR A 273 10.12 39.77 12.15
C THR A 273 9.67 39.71 10.69
N ALA A 274 9.20 38.54 10.21
CA ALA A 274 8.67 38.34 8.85
C ALA A 274 7.33 39.10 8.64
N VAL A 275 6.56 39.35 9.72
CA VAL A 275 5.30 40.13 9.66
C VAL A 275 5.60 41.60 9.38
N LEU A 276 6.53 42.19 10.15
CA LEU A 276 6.90 43.61 10.10
C LEU A 276 7.95 43.96 9.07
N HIS A 277 8.96 43.07 8.89
CA HIS A 277 10.06 43.29 7.95
C HIS A 277 10.26 42.09 7.01
N PRO A 278 9.29 41.79 6.09
CA PRO A 278 9.50 40.67 5.14
C PRO A 278 10.70 40.89 4.22
N GLU A 279 11.16 42.15 4.10
CA GLU A 279 12.32 42.55 3.28
C GLU A 279 13.68 42.03 3.84
N TYR A 280 13.69 41.51 5.08
CA TYR A 280 14.87 40.91 5.74
C TYR A 280 14.99 39.41 5.34
N PHE A 281 14.10 38.95 4.45
CA PHE A 281 14.04 37.56 3.95
C PHE A 281 13.79 37.59 2.43
N THR A 282 14.04 36.44 1.78
CA THR A 282 13.66 36.20 0.38
C THR A 282 12.67 35.05 0.49
N PHE A 283 11.73 34.97 -0.45
CA PHE A 283 10.70 33.93 -0.42
C PHE A 283 10.61 33.25 -1.77
N LYS A 284 10.16 31.99 -1.77
CA LYS A 284 9.91 31.25 -3.00
C LYS A 284 8.43 30.89 -2.99
N LYS A 285 7.76 31.05 -4.14
CA LYS A 285 6.36 30.68 -4.29
C LYS A 285 6.27 29.19 -4.65
N GLY A 286 5.27 28.51 -4.10
CA GLY A 286 5.04 27.09 -4.33
C GLY A 286 3.97 26.49 -3.46
N VAL A 287 3.35 25.44 -3.97
CA VAL A 287 2.30 24.67 -3.30
C VAL A 287 2.96 23.83 -2.22
N VAL A 288 2.40 23.90 -1.00
CA VAL A 288 2.89 23.14 0.15
C VAL A 288 1.83 22.10 0.56
N ARG A 289 2.25 20.85 0.72
CA ARG A 289 1.40 19.77 1.21
C ARG A 289 2.02 19.24 2.49
N VAL A 290 1.19 18.63 3.38
CA VAL A 290 1.63 18.04 4.63
C VAL A 290 1.28 16.55 4.64
N GLU A 291 2.29 15.69 4.98
CA GLU A 291 2.07 14.26 5.15
C GLU A 291 1.33 14.04 6.50
N THR A 292 0.23 13.30 6.49
CA THR A 292 -0.62 13.10 7.66
C THR A 292 -0.54 11.68 8.26
N GLN A 293 0.14 10.75 7.57
CA GLN A 293 0.28 9.35 8.00
C GLN A 293 1.68 8.80 7.72
N GLY A 294 1.99 7.65 8.31
CA GLY A 294 3.29 6.98 8.12
C GLY A 294 4.41 7.55 8.96
N ILE A 295 5.63 7.12 8.66
CA ILE A 295 6.87 7.55 9.34
C ILE A 295 7.19 9.05 9.07
N CYS A 296 6.65 9.60 7.97
CA CYS A 296 6.84 11.01 7.61
C CYS A 296 5.67 11.93 8.02
N THR A 297 4.79 11.47 8.94
CA THR A 297 3.67 12.28 9.50
C THR A 297 4.26 13.63 9.95
N GLY A 298 3.66 14.72 9.49
CA GLY A 298 4.10 16.07 9.82
C GLY A 298 5.14 16.68 8.89
N HIS A 299 5.62 15.91 7.88
CA HIS A 299 6.60 16.42 6.91
C HIS A 299 5.96 17.45 5.98
N THR A 300 6.62 18.63 5.82
CA THR A 300 6.19 19.71 4.95
C THR A 300 7.03 19.67 3.66
N LEU A 301 6.35 19.68 2.53
CA LEU A 301 7.02 19.63 1.25
C LEU A 301 6.39 20.58 0.26
N MET A 302 7.24 21.39 -0.34
CA MET A 302 6.90 22.43 -1.28
C MET A 302 7.27 22.05 -2.72
N ASP A 303 6.37 22.33 -3.70
CA ASP A 303 6.69 22.14 -5.12
C ASP A 303 7.09 23.55 -5.59
N GLN A 304 8.36 23.74 -5.95
CA GLN A 304 8.88 25.04 -6.42
C GLN A 304 8.36 25.42 -7.82
N GLY A 305 7.85 24.46 -8.56
CA GLY A 305 7.31 24.68 -9.91
C GLY A 305 8.35 24.91 -11.00
N LEU A 306 9.60 24.47 -10.75
CA LEU A 306 10.71 24.63 -11.70
C LEU A 306 10.85 23.45 -12.67
N LYS A 307 9.98 22.43 -12.50
CA LYS A 307 9.99 21.24 -13.35
C LYS A 307 8.58 20.93 -13.81
N LYS A 308 8.41 20.72 -15.13
CA LYS A 308 7.12 20.38 -15.72
C LYS A 308 6.96 18.86 -15.55
N TRP A 309 6.01 18.46 -14.69
CA TRP A 309 5.73 17.05 -14.41
C TRP A 309 5.00 16.39 -15.57
N ASN A 310 5.29 15.09 -15.81
CA ASN A 310 4.64 14.31 -16.86
C ASN A 310 3.15 14.04 -16.53
N SER A 311 2.84 13.84 -15.25
CA SER A 311 1.48 13.58 -14.81
C SER A 311 1.14 14.40 -13.56
N GLU A 312 -0.15 14.42 -13.19
CA GLU A 312 -0.63 15.11 -12.00
C GLU A 312 -0.19 14.42 -10.71
N ASN A 313 -0.02 15.21 -9.65
CA ASN A 313 0.43 14.71 -8.35
C ASN A 313 -0.33 15.45 -7.23
N PRO A 314 -0.13 15.10 -5.92
CA PRO A 314 -0.85 15.82 -4.84
C PRO A 314 -0.58 17.33 -4.73
N TRP A 315 0.45 17.86 -5.43
CA TRP A 315 0.82 19.27 -5.42
C TRP A 315 0.15 20.08 -6.56
N SER A 316 -0.47 19.37 -7.53
CA SER A 316 -1.18 19.95 -8.68
C SER A 316 -2.53 20.60 -8.29
N GLY A 317 -2.84 21.72 -8.93
CA GLY A 317 -4.11 22.42 -8.76
C GLY A 317 -4.30 23.38 -7.60
N TYR A 318 -3.41 23.36 -6.60
CA TYR A 318 -3.55 24.28 -5.47
C TYR A 318 -2.92 25.65 -5.76
N LYS A 319 -3.32 26.65 -4.98
CA LYS A 319 -2.77 27.99 -5.06
C LYS A 319 -1.42 27.98 -4.29
N PRO A 320 -0.32 28.47 -4.91
CA PRO A 320 0.96 28.49 -4.19
C PRO A 320 0.95 29.46 -2.99
N ILE A 321 1.91 29.29 -2.10
CA ILE A 321 2.10 30.15 -0.93
C ILE A 321 3.57 30.62 -0.89
N SER A 322 3.91 31.58 -0.03
CA SER A 322 5.28 32.10 0.11
C SER A 322 6.03 31.34 1.21
N VAL A 323 7.18 30.77 0.84
CA VAL A 323 8.04 30.01 1.76
C VAL A 323 9.35 30.78 1.91
N ALA A 324 9.68 31.18 3.16
CA ALA A 324 10.94 31.88 3.47
C ALA A 324 12.14 31.01 3.02
N TRP A 325 13.00 31.57 2.15
CA TRP A 325 14.12 30.85 1.56
C TRP A 325 15.49 31.21 2.14
N THR A 326 15.74 32.50 2.33
CA THR A 326 16.98 33.00 2.95
C THR A 326 16.59 34.05 3.99
N VAL A 327 17.51 34.34 4.90
CA VAL A 327 17.33 35.30 5.97
C VAL A 327 18.58 36.18 6.13
N ASP A 328 18.39 37.50 6.30
CA ASP A 328 19.48 38.43 6.56
C ASP A 328 19.58 38.41 8.10
N VAL A 329 20.41 37.49 8.62
CA VAL A 329 20.63 37.23 10.04
C VAL A 329 21.01 38.51 10.83
N PRO A 330 22.01 39.35 10.43
CA PRO A 330 22.32 40.55 11.23
C PRO A 330 21.16 41.55 11.40
N LYS A 331 20.37 41.75 10.33
CA LYS A 331 19.23 42.67 10.34
C LYS A 331 18.10 42.16 11.24
N VAL A 332 17.82 40.84 11.21
CA VAL A 332 16.80 40.18 12.03
C VAL A 332 17.20 40.22 13.52
N ILE A 333 18.47 39.88 13.83
CA ILE A 333 19.05 39.91 15.17
C ILE A 333 18.98 41.34 15.74
N SER A 334 19.34 42.35 14.93
CA SER A 334 19.29 43.77 15.34
C SER A 334 17.86 44.20 15.75
N PHE A 335 16.84 43.83 14.94
CA PHE A 335 15.42 44.14 15.18
C PHE A 335 14.88 43.46 16.47
N ILE A 336 15.21 42.16 16.69
CA ILE A 336 14.79 41.36 17.85
C ILE A 336 15.42 41.95 19.12
N LYS A 337 16.77 42.13 19.10
CA LYS A 337 17.54 42.70 20.22
C LYS A 337 17.04 44.08 20.63
N LYS A 338 16.71 44.97 19.67
CA LYS A 338 16.24 46.32 19.99
C LYS A 338 14.87 46.30 20.70
N LEU A 339 14.00 45.33 20.37
CA LEU A 339 12.69 45.19 21.02
C LEU A 339 12.81 44.60 22.43
N LEU A 340 13.66 43.57 22.59
CA LEU A 340 13.91 42.88 23.87
C LEU A 340 14.64 43.75 24.88
N MET A 341 15.54 44.65 24.40
CA MET A 341 16.35 45.52 25.23
C MET A 341 15.81 46.96 25.37
N ALA A 342 14.60 47.23 24.86
CA ALA A 342 13.97 48.56 24.97
C ALA A 342 13.42 48.75 26.41
N PRO A 343 13.74 49.88 27.09
CA PRO A 343 13.28 50.08 28.48
C PRO A 343 11.79 50.34 28.66
N ARG B 28 41.32 -7.46 -10.36
CA ARG B 28 39.98 -7.09 -10.84
C ARG B 28 38.89 -7.28 -9.78
N ASP B 29 38.10 -6.22 -9.52
CA ASP B 29 37.00 -6.24 -8.56
C ASP B 29 35.72 -6.79 -9.21
N LYS B 30 35.15 -7.86 -8.63
CA LYS B 30 33.94 -8.51 -9.12
C LYS B 30 32.72 -7.61 -8.92
N LEU B 31 31.91 -7.44 -9.98
CA LEU B 31 30.73 -6.58 -9.95
C LEU B 31 29.53 -7.17 -10.65
N ILE B 32 28.36 -7.05 -10.01
CA ILE B 32 27.06 -7.39 -10.57
C ILE B 32 26.33 -6.06 -10.74
N ILE B 33 25.78 -5.80 -11.94
CA ILE B 33 25.01 -4.58 -12.21
C ILE B 33 23.52 -4.96 -12.27
N ASP B 34 22.71 -4.44 -11.31
CA ASP B 34 21.24 -4.61 -11.27
C ASP B 34 20.68 -3.37 -11.96
N THR B 35 20.02 -3.57 -13.11
CA THR B 35 19.70 -2.46 -13.98
C THR B 35 18.39 -2.58 -14.79
N ASP B 36 17.84 -1.42 -15.18
CA ASP B 36 16.65 -1.30 -16.02
C ASP B 36 17.01 -0.55 -17.33
N PRO B 37 17.94 -1.09 -18.19
CA PRO B 37 18.37 -0.30 -19.36
C PRO B 37 17.28 0.03 -20.38
N GLY B 38 16.96 1.33 -20.58
CA GLY B 38 17.56 2.48 -19.89
C GLY B 38 18.69 3.11 -20.68
N ILE B 39 18.59 4.42 -20.95
CA ILE B 39 19.60 5.15 -21.75
C ILE B 39 20.88 5.39 -20.93
N ASP B 40 20.77 5.99 -19.73
CA ASP B 40 21.96 6.23 -18.89
C ASP B 40 22.51 4.90 -18.31
N ASP B 41 21.65 3.90 -18.09
CA ASP B 41 22.02 2.53 -17.68
C ASP B 41 22.95 1.91 -18.75
N SER B 42 22.54 2.02 -20.05
CA SER B 42 23.28 1.50 -21.19
C SER B 42 24.66 2.13 -21.31
N MET B 43 24.77 3.45 -21.09
CA MET B 43 26.03 4.22 -21.07
C MET B 43 26.95 3.62 -20.01
N THR B 44 26.41 3.40 -18.79
CA THR B 44 27.09 2.81 -17.62
C THR B 44 27.62 1.40 -17.91
N ILE B 45 26.74 0.50 -18.40
CA ILE B 45 27.08 -0.90 -18.73
C ILE B 45 28.24 -0.94 -19.75
N LEU B 46 28.16 -0.10 -20.82
CA LEU B 46 29.21 -0.02 -21.86
C LEU B 46 30.52 0.53 -21.30
N MET B 47 30.44 1.50 -20.36
CA MET B 47 31.61 2.07 -19.64
C MET B 47 32.27 0.98 -18.80
N ALA B 48 31.45 0.26 -18.00
CA ALA B 48 31.85 -0.83 -17.12
C ALA B 48 32.63 -1.93 -17.83
N PHE B 49 32.23 -2.30 -19.07
CA PHE B 49 32.92 -3.30 -19.89
C PHE B 49 34.29 -2.82 -20.37
N ARG B 50 34.50 -1.51 -20.43
CA ARG B 50 35.76 -0.88 -20.85
C ARG B 50 36.70 -0.59 -19.67
N ALA B 51 36.20 -0.67 -18.40
CA ALA B 51 36.99 -0.42 -17.19
C ALA B 51 37.88 -1.65 -16.91
N PRO B 52 39.24 -1.51 -16.94
CA PRO B 52 40.10 -2.69 -16.73
C PRO B 52 40.17 -3.21 -15.30
N SER B 53 39.89 -2.35 -14.30
CA SER B 53 39.91 -2.71 -12.89
C SER B 53 38.68 -3.51 -12.47
N VAL B 54 37.67 -3.61 -13.34
CA VAL B 54 36.38 -4.26 -13.10
C VAL B 54 36.21 -5.58 -13.86
N GLU B 55 35.61 -6.57 -13.18
CA GLU B 55 35.20 -7.84 -13.76
C GLU B 55 33.66 -7.91 -13.57
N ILE B 56 32.89 -7.77 -14.68
CA ILE B 56 31.44 -7.86 -14.67
C ILE B 56 31.10 -9.34 -14.72
N ILE B 57 30.58 -9.86 -13.60
CA ILE B 57 30.25 -11.29 -13.50
C ILE B 57 28.79 -11.55 -13.91
N GLY B 58 28.00 -10.47 -14.06
CA GLY B 58 26.62 -10.57 -14.50
C GLY B 58 25.81 -9.28 -14.48
N LEU B 59 24.71 -9.29 -15.26
CA LEU B 59 23.74 -8.21 -15.32
C LEU B 59 22.44 -8.79 -14.84
N THR B 60 21.81 -8.15 -13.85
CA THR B 60 20.51 -8.58 -13.34
C THR B 60 19.50 -7.50 -13.73
N THR B 61 18.33 -7.88 -14.27
CA THR B 61 17.41 -6.87 -14.78
C THR B 61 16.15 -6.65 -13.94
N ILE B 62 15.63 -5.42 -14.02
CA ILE B 62 14.45 -4.94 -13.30
C ILE B 62 13.66 -3.95 -14.19
N PHE B 63 12.41 -3.66 -13.82
CA PHE B 63 11.53 -2.69 -14.48
C PHE B 63 11.92 -1.27 -14.04
N GLY B 64 11.28 -0.25 -14.62
CA GLY B 64 11.52 1.13 -14.23
C GLY B 64 11.43 2.03 -15.43
N ASN B 65 12.53 2.14 -16.22
CA ASN B 65 12.65 2.95 -17.45
C ASN B 65 11.86 2.29 -18.57
N VAL B 66 11.69 0.97 -18.44
CA VAL B 66 11.03 0.08 -19.39
C VAL B 66 10.59 -1.15 -18.55
N ASP B 67 9.70 -2.01 -19.08
CA ASP B 67 9.30 -3.24 -18.41
C ASP B 67 10.50 -4.20 -18.31
N THR B 68 10.50 -5.13 -17.34
CA THR B 68 11.60 -6.09 -17.12
C THR B 68 12.03 -6.82 -18.40
N LYS B 69 11.06 -7.24 -19.21
CA LYS B 69 11.33 -7.96 -20.48
C LYS B 69 12.13 -7.09 -21.46
N GLY B 70 11.82 -5.80 -21.52
CA GLY B 70 12.51 -4.80 -22.32
C GLY B 70 13.91 -4.54 -21.81
N ALA B 71 14.07 -4.54 -20.45
CA ALA B 71 15.38 -4.37 -19.79
C ALA B 71 16.32 -5.54 -20.10
N THR B 72 15.79 -6.79 -20.06
CA THR B 72 16.52 -8.03 -20.38
C THR B 72 17.01 -7.99 -21.83
N ARG B 73 16.13 -7.61 -22.77
CA ARG B 73 16.41 -7.50 -24.20
C ARG B 73 17.57 -6.54 -24.44
N ASN B 74 17.54 -5.37 -23.79
CA ASN B 74 18.58 -4.35 -23.87
C ASN B 74 19.90 -4.81 -23.27
N ALA B 75 19.86 -5.44 -22.07
CA ALA B 75 21.05 -5.97 -21.38
C ALA B 75 21.76 -7.04 -22.21
N LEU B 76 20.99 -7.91 -22.88
CA LEU B 76 21.54 -8.95 -23.76
C LEU B 76 22.18 -8.31 -24.98
N LEU B 77 21.55 -7.24 -25.52
CA LEU B 77 22.05 -6.51 -26.68
C LEU B 77 23.34 -5.77 -26.35
N LEU B 78 23.45 -5.23 -25.11
CA LEU B 78 24.64 -4.53 -24.62
C LEU B 78 25.84 -5.47 -24.47
N CYS B 79 25.62 -6.70 -23.98
CA CYS B 79 26.63 -7.74 -23.84
C CYS B 79 27.22 -8.11 -25.21
N GLU B 80 26.34 -8.24 -26.22
CA GLU B 80 26.69 -8.54 -27.61
C GLU B 80 27.50 -7.39 -28.22
N ARG B 81 27.02 -6.15 -28.06
CA ARG B 81 27.63 -4.91 -28.54
C ARG B 81 29.04 -4.71 -27.97
N ALA B 82 29.25 -5.11 -26.69
CA ALA B 82 30.54 -5.02 -25.99
C ALA B 82 31.52 -6.17 -26.34
N GLY B 83 31.05 -7.16 -27.10
CA GLY B 83 31.83 -8.33 -27.49
C GLY B 83 31.98 -9.36 -26.40
N CYS B 84 31.03 -9.37 -25.44
CA CYS B 84 30.98 -10.28 -24.28
C CYS B 84 29.61 -10.99 -24.19
N PRO B 85 29.14 -11.74 -25.21
CA PRO B 85 27.82 -12.41 -25.09
C PRO B 85 27.75 -13.52 -24.03
N GLU B 86 28.92 -13.94 -23.50
CA GLU B 86 29.06 -14.98 -22.48
C GLU B 86 28.69 -14.48 -21.06
N VAL B 87 28.74 -13.14 -20.84
CA VAL B 87 28.37 -12.53 -19.56
C VAL B 87 26.89 -12.85 -19.26
N PRO B 88 26.62 -13.51 -18.10
CA PRO B 88 25.22 -13.89 -17.80
C PRO B 88 24.26 -12.73 -17.58
N VAL B 89 23.03 -12.86 -18.13
CA VAL B 89 21.94 -11.91 -17.93
C VAL B 89 20.85 -12.69 -17.19
N ALA B 90 20.52 -12.25 -15.96
CA ALA B 90 19.50 -12.89 -15.14
C ALA B 90 18.30 -11.95 -14.97
N GLU B 91 17.14 -12.35 -15.53
CA GLU B 91 15.90 -11.57 -15.46
C GLU B 91 15.34 -11.59 -14.05
N GLY B 92 14.95 -10.41 -13.58
CA GLY B 92 14.38 -10.24 -12.25
C GLY B 92 12.88 -10.09 -12.23
N SER B 93 12.40 -9.44 -11.18
CA SER B 93 10.99 -9.21 -10.91
C SER B 93 10.31 -8.31 -11.94
N HIS B 94 9.08 -8.69 -12.35
CA HIS B 94 8.25 -7.97 -13.30
C HIS B 94 7.40 -6.87 -12.64
N GLU B 95 7.29 -6.93 -11.30
CA GLU B 95 6.51 -5.99 -10.51
C GLU B 95 7.18 -5.68 -9.13
N PRO B 96 6.82 -4.57 -8.44
CA PRO B 96 7.38 -4.34 -7.09
C PRO B 96 6.89 -5.39 -6.06
N LEU B 97 7.47 -5.39 -4.84
CA LEU B 97 7.11 -6.31 -3.77
C LEU B 97 5.62 -6.25 -3.39
N LYS B 98 5.02 -5.05 -3.45
CA LYS B 98 3.60 -4.79 -3.16
C LYS B 98 2.65 -5.23 -4.31
N GLY B 99 3.20 -5.49 -5.49
CA GLY B 99 2.44 -5.96 -6.63
C GLY B 99 1.84 -4.89 -7.51
N GLY B 100 1.30 -5.34 -8.66
CA GLY B 100 0.68 -4.45 -9.64
C GLY B 100 1.66 -4.14 -10.75
N LYS B 101 1.14 -4.03 -11.99
CA LYS B 101 1.93 -3.74 -13.18
C LYS B 101 2.52 -2.33 -13.08
N PRO B 102 3.87 -2.19 -13.13
CA PRO B 102 4.48 -0.86 -12.97
C PRO B 102 4.36 0.07 -14.17
N ARG B 103 4.33 1.39 -13.88
CA ARG B 103 4.31 2.45 -14.88
C ARG B 103 5.76 2.69 -15.26
N VAL B 104 6.07 2.76 -16.55
CA VAL B 104 7.45 2.93 -16.98
C VAL B 104 7.73 4.33 -17.55
N ALA B 105 8.98 4.81 -17.43
CA ALA B 105 9.40 6.13 -17.93
C ALA B 105 9.71 6.12 -19.45
N ASP B 106 8.74 5.72 -20.27
CA ASP B 106 8.87 5.70 -21.75
C ASP B 106 8.96 7.13 -22.34
N PHE B 107 8.42 8.14 -21.60
CA PHE B 107 8.50 9.56 -21.94
C PHE B 107 9.94 10.10 -21.70
N VAL B 108 10.81 9.29 -21.05
CA VAL B 108 12.21 9.61 -20.76
C VAL B 108 13.17 8.76 -21.61
N HIS B 109 12.87 7.47 -21.72
CA HIS B 109 13.74 6.50 -22.37
C HIS B 109 13.20 5.90 -23.66
N GLY B 110 12.02 6.31 -24.09
CA GLY B 110 11.43 5.76 -25.32
C GLY B 110 10.69 4.45 -25.07
N SER B 111 9.90 4.01 -26.05
CA SER B 111 9.08 2.78 -26.02
C SER B 111 9.91 1.51 -25.79
N ASP B 112 11.11 1.44 -26.39
CA ASP B 112 12.01 0.30 -26.27
C ASP B 112 13.01 0.42 -25.09
N GLY B 113 13.02 1.58 -24.41
CA GLY B 113 13.90 1.84 -23.28
C GLY B 113 15.28 2.39 -23.68
N ILE B 114 15.57 2.46 -24.99
CA ILE B 114 16.87 2.96 -25.46
C ILE B 114 16.72 4.11 -26.51
N GLY B 115 15.72 4.97 -26.32
CA GLY B 115 15.47 6.13 -27.17
C GLY B 115 14.88 5.87 -28.55
N ASN B 116 14.09 4.77 -28.69
CA ASN B 116 13.39 4.38 -29.92
C ASN B 116 14.32 4.05 -31.08
N LEU B 117 15.33 3.22 -30.82
CA LEU B 117 16.24 2.80 -31.88
C LEU B 117 15.66 1.59 -32.62
N PHE B 118 14.72 0.85 -31.96
CA PHE B 118 14.01 -0.34 -32.48
C PHE B 118 14.97 -1.30 -33.17
N LEU B 119 15.96 -1.75 -32.40
CA LEU B 119 17.03 -2.62 -32.88
C LEU B 119 16.57 -4.09 -33.06
N PRO B 120 17.20 -4.88 -33.96
CA PRO B 120 16.85 -6.31 -34.05
C PRO B 120 17.16 -7.04 -32.73
N ALA B 121 16.44 -8.13 -32.48
CA ALA B 121 16.53 -8.92 -31.25
C ALA B 121 17.90 -9.58 -31.02
N PRO B 122 18.36 -9.71 -29.74
CA PRO B 122 19.66 -10.38 -29.50
C PRO B 122 19.60 -11.89 -29.78
N SER B 123 20.76 -12.49 -30.10
CA SER B 123 20.90 -13.93 -30.34
C SER B 123 21.14 -14.62 -28.99
N ALA B 124 21.89 -13.94 -28.08
CA ALA B 124 22.21 -14.39 -26.74
C ALA B 124 20.91 -14.49 -25.92
N LYS B 125 20.86 -15.47 -25.03
CA LYS B 125 19.72 -15.73 -24.19
C LYS B 125 20.07 -15.55 -22.73
N LYS B 126 19.07 -15.18 -21.93
CA LYS B 126 19.19 -15.02 -20.50
C LYS B 126 19.42 -16.41 -19.83
N VAL B 127 19.97 -16.42 -18.61
CA VAL B 127 20.16 -17.64 -17.83
C VAL B 127 18.78 -18.09 -17.27
N GLU B 128 18.69 -19.35 -16.79
CA GLU B 128 17.45 -19.92 -16.24
C GLU B 128 17.04 -19.31 -14.90
N GLU B 129 18.02 -19.07 -14.01
CA GLU B 129 17.75 -18.53 -12.68
C GLU B 129 17.32 -17.07 -12.68
N SER B 130 16.53 -16.69 -11.66
CA SER B 130 16.07 -15.32 -11.48
C SER B 130 17.25 -14.42 -11.03
N ALA B 131 17.10 -13.09 -11.14
CA ALA B 131 18.10 -12.13 -10.70
C ALA B 131 18.39 -12.32 -9.21
N ALA B 132 17.32 -12.47 -8.37
CA ALA B 132 17.43 -12.70 -6.92
C ALA B 132 18.29 -13.92 -6.59
N ASP B 133 18.06 -15.06 -7.31
CA ASP B 133 18.81 -16.29 -7.13
C ASP B 133 20.26 -16.19 -7.61
N PHE B 134 20.49 -15.45 -8.71
CA PHE B 134 21.84 -15.21 -9.26
C PHE B 134 22.66 -14.37 -8.24
N LEU B 135 22.04 -13.33 -7.64
CA LEU B 135 22.67 -12.46 -6.62
C LEU B 135 23.10 -13.28 -5.41
N ILE B 136 22.21 -14.15 -4.87
CA ILE B 136 22.46 -15.05 -3.73
C ILE B 136 23.58 -16.06 -4.06
N ASN B 137 23.55 -16.67 -5.25
CA ASN B 137 24.54 -17.67 -5.65
C ASN B 137 25.95 -17.13 -5.83
N LYS B 138 26.11 -15.97 -6.51
CA LYS B 138 27.43 -15.39 -6.79
C LYS B 138 28.06 -14.74 -5.55
N VAL B 139 27.23 -14.26 -4.63
CA VAL B 139 27.68 -13.63 -3.37
C VAL B 139 28.12 -14.73 -2.39
N SER B 140 27.45 -15.91 -2.45
CA SER B 140 27.81 -17.06 -1.64
C SER B 140 29.05 -17.77 -2.19
N GLU B 141 29.21 -17.74 -3.53
CA GLU B 141 30.36 -18.36 -4.21
C GLU B 141 31.65 -17.60 -3.89
N PHE B 142 31.58 -16.25 -3.82
CA PHE B 142 32.71 -15.38 -3.52
C PHE B 142 32.38 -14.46 -2.33
N PRO B 143 32.40 -14.99 -1.07
CA PRO B 143 32.05 -14.11 0.08
C PRO B 143 33.02 -12.95 0.29
N GLY B 144 32.46 -11.76 0.51
CA GLY B 144 33.19 -10.51 0.72
C GLY B 144 33.95 -9.99 -0.48
N GLU B 145 33.65 -10.51 -1.69
CA GLU B 145 34.36 -10.15 -2.93
C GLU B 145 33.49 -9.46 -3.98
N VAL B 146 32.20 -9.79 -4.02
CA VAL B 146 31.25 -9.28 -5.02
C VAL B 146 30.56 -7.96 -4.59
N SER B 147 30.71 -6.94 -5.45
CA SER B 147 30.05 -5.65 -5.28
C SER B 147 28.82 -5.60 -6.18
N VAL B 148 27.75 -4.95 -5.70
CA VAL B 148 26.50 -4.81 -6.44
C VAL B 148 26.23 -3.33 -6.75
N LEU B 149 26.08 -3.00 -8.04
CA LEU B 149 25.73 -1.64 -8.46
C LEU B 149 24.24 -1.65 -8.88
N ALA B 150 23.39 -1.04 -8.04
CA ALA B 150 21.94 -0.96 -8.21
C ALA B 150 21.51 0.31 -8.96
N LEU B 151 21.04 0.14 -10.20
CA LEU B 151 20.67 1.22 -11.15
C LEU B 151 19.19 1.44 -11.38
N GLY B 152 18.35 0.56 -10.83
CA GLY B 152 16.90 0.69 -10.94
C GLY B 152 16.25 0.48 -9.59
N PRO B 153 14.91 0.24 -9.58
CA PRO B 153 14.24 -0.12 -8.32
C PRO B 153 14.94 -1.32 -7.66
N LEU B 154 14.90 -1.40 -6.33
CA LEU B 154 15.67 -2.34 -5.53
C LEU B 154 15.02 -3.72 -5.24
N THR B 155 13.99 -4.10 -5.98
CA THR B 155 13.19 -5.34 -5.83
C THR B 155 14.04 -6.64 -5.74
N ASN B 156 14.95 -6.88 -6.72
CA ASN B 156 15.80 -8.08 -6.75
C ASN B 156 16.75 -8.14 -5.57
N VAL B 157 17.32 -6.98 -5.18
CA VAL B 157 18.26 -6.84 -4.06
C VAL B 157 17.52 -7.17 -2.75
N ALA B 158 16.28 -6.64 -2.57
CA ALA B 158 15.43 -6.89 -1.39
C ALA B 158 15.02 -8.34 -1.32
N LEU B 159 14.66 -8.94 -2.46
CA LEU B 159 14.29 -10.37 -2.56
C LEU B 159 15.46 -11.26 -2.11
N ALA B 160 16.71 -10.92 -2.49
CA ALA B 160 17.92 -11.69 -2.12
C ALA B 160 18.23 -11.56 -0.63
N ILE B 161 18.00 -10.35 -0.05
CA ILE B 161 18.16 -10.05 1.38
C ILE B 161 17.12 -10.88 2.19
N LYS B 162 15.86 -10.94 1.71
CA LYS B 162 14.78 -11.67 2.36
C LYS B 162 14.94 -13.19 2.25
N ARG B 163 15.32 -13.70 1.08
CA ARG B 163 15.50 -15.13 0.81
C ARG B 163 16.73 -15.71 1.52
N ASP B 164 17.82 -14.92 1.62
CA ASP B 164 19.05 -15.33 2.29
C ASP B 164 19.45 -14.28 3.35
N PRO B 165 19.38 -14.62 4.66
CA PRO B 165 19.73 -13.63 5.72
C PRO B 165 21.23 -13.34 5.91
N SER B 166 22.09 -14.17 5.30
CA SER B 166 23.54 -14.00 5.35
C SER B 166 24.03 -13.16 4.17
N PHE B 167 23.15 -12.88 3.19
CA PHE B 167 23.46 -12.07 2.00
C PHE B 167 24.15 -10.74 2.37
N ALA B 168 23.58 -9.96 3.32
CA ALA B 168 24.13 -8.67 3.79
C ALA B 168 25.55 -8.76 4.35
N SER B 169 25.89 -9.88 5.01
CA SER B 169 27.23 -10.11 5.54
C SER B 169 28.21 -10.61 4.46
N LYS B 170 27.70 -11.27 3.40
CA LYS B 170 28.58 -11.81 2.35
C LYS B 170 28.83 -10.86 1.17
N VAL B 171 27.91 -9.89 0.90
CA VAL B 171 28.07 -8.91 -0.20
C VAL B 171 29.17 -7.89 0.20
N LYS B 172 30.15 -7.62 -0.71
CA LYS B 172 31.25 -6.68 -0.40
C LYS B 172 30.72 -5.25 -0.18
N LYS B 173 29.95 -4.75 -1.15
CA LYS B 173 29.38 -3.40 -1.11
C LYS B 173 28.20 -3.34 -2.04
N ILE B 174 27.20 -2.49 -1.70
CA ILE B 174 26.03 -2.20 -2.53
C ILE B 174 26.04 -0.70 -2.79
N VAL B 175 26.26 -0.31 -4.05
CA VAL B 175 26.25 1.10 -4.48
C VAL B 175 24.91 1.30 -5.20
N VAL B 176 24.06 2.17 -4.63
CA VAL B 176 22.70 2.45 -5.08
C VAL B 176 22.57 3.83 -5.74
N LEU B 177 22.00 3.88 -6.97
CA LEU B 177 21.62 5.15 -7.59
C LEU B 177 20.13 5.27 -7.19
N GLY B 178 19.81 6.23 -6.35
CA GLY B 178 18.44 6.41 -5.91
C GLY B 178 18.28 7.38 -4.78
N GLY B 179 17.07 7.92 -4.67
CA GLY B 179 16.68 8.86 -3.63
C GLY B 179 16.89 10.31 -3.99
N ALA B 180 16.40 11.18 -3.14
CA ALA B 180 16.53 12.64 -3.21
C ALA B 180 16.61 13.04 -1.74
N PHE B 181 17.82 13.41 -1.32
CA PHE B 181 18.14 13.75 0.06
C PHE B 181 18.18 15.24 0.24
N PHE B 182 17.16 15.79 0.94
CA PHE B 182 16.95 17.24 1.18
C PHE B 182 16.89 18.00 -0.16
N ALA B 183 16.17 17.41 -1.12
CA ALA B 183 15.99 17.94 -2.47
C ALA B 183 14.71 17.35 -3.04
N ALA B 184 14.19 17.97 -4.09
CA ALA B 184 13.00 17.54 -4.83
C ALA B 184 13.25 16.24 -5.56
N GLY B 185 12.20 15.44 -5.70
CA GLY B 185 12.24 14.20 -6.45
C GLY B 185 12.10 14.48 -7.93
N ASN B 186 12.10 13.42 -8.77
CA ASN B 186 11.96 13.60 -10.23
C ASN B 186 10.67 12.94 -10.80
N VAL B 187 9.93 12.20 -9.94
CA VAL B 187 8.62 11.59 -10.26
C VAL B 187 7.57 12.65 -9.87
N ASN B 188 7.75 13.20 -8.68
CA ASN B 188 6.91 14.24 -8.10
C ASN B 188 7.82 14.96 -7.09
N PRO B 189 7.36 16.04 -6.40
CA PRO B 189 8.26 16.74 -5.45
C PRO B 189 8.87 15.89 -4.34
N ALA B 190 8.22 14.76 -3.96
CA ALA B 190 8.64 13.87 -2.87
C ALA B 190 9.62 12.77 -3.22
N ALA B 191 9.50 12.17 -4.40
CA ALA B 191 10.25 10.96 -4.68
C ALA B 191 11.07 10.91 -5.97
N GLU B 192 12.20 10.20 -5.89
CA GLU B 192 13.06 9.88 -7.02
C GLU B 192 12.48 8.55 -7.60
N ALA B 193 12.54 8.37 -8.95
CA ALA B 193 12.00 7.26 -9.72
C ALA B 193 12.32 5.84 -9.21
N ASN B 194 13.62 5.47 -9.05
CA ASN B 194 14.02 4.14 -8.58
C ASN B 194 13.38 3.74 -7.25
N ILE B 195 13.34 4.68 -6.29
CA ILE B 195 12.77 4.43 -4.96
C ILE B 195 11.26 4.33 -5.05
N HIS B 196 10.62 5.26 -5.80
CA HIS B 196 9.18 5.27 -6.02
C HIS B 196 8.69 3.97 -6.70
N GLY B 197 9.53 3.38 -7.56
CA GLY B 197 9.27 2.14 -8.28
C GLY B 197 9.03 0.96 -7.37
N ASP B 198 9.71 0.92 -6.20
CA ASP B 198 9.53 -0.10 -5.15
C ASP B 198 9.98 0.47 -3.78
N PRO B 199 9.08 1.23 -3.08
CA PRO B 199 9.47 1.83 -1.78
C PRO B 199 9.80 0.81 -0.69
N GLU B 200 9.03 -0.28 -0.63
CA GLU B 200 9.22 -1.36 0.33
C GLU B 200 10.59 -2.03 0.16
N ALA B 201 11.02 -2.27 -1.09
CA ALA B 201 12.33 -2.89 -1.41
C ALA B 201 13.49 -2.02 -0.99
N ALA B 202 13.38 -0.67 -1.22
CA ALA B 202 14.39 0.30 -0.86
C ALA B 202 14.57 0.36 0.66
N ASP B 203 13.44 0.34 1.43
CA ASP B 203 13.44 0.33 2.88
C ASP B 203 14.12 -0.95 3.44
N ILE B 204 13.85 -2.11 2.82
CA ILE B 204 14.48 -3.40 3.16
C ILE B 204 16.00 -3.31 2.96
N VAL B 205 16.44 -2.80 1.80
CA VAL B 205 17.85 -2.65 1.47
C VAL B 205 18.56 -1.68 2.44
N PHE B 206 18.00 -0.47 2.66
CA PHE B 206 18.61 0.55 3.52
C PHE B 206 18.69 0.16 5.01
N THR B 207 17.87 -0.80 5.46
CA THR B 207 17.87 -1.26 6.86
C THR B 207 18.49 -2.69 7.02
N SER B 208 19.02 -3.29 5.93
CA SER B 208 19.58 -4.65 5.89
C SER B 208 20.89 -4.90 6.69
N GLY B 209 21.62 -3.82 6.99
CA GLY B 209 22.89 -3.91 7.70
C GLY B 209 24.09 -4.15 6.81
N ALA B 210 23.89 -4.16 5.48
CA ALA B 210 24.95 -4.37 4.50
C ALA B 210 25.76 -3.08 4.33
N ASP B 211 26.96 -3.18 3.75
CA ASP B 211 27.81 -2.01 3.46
C ASP B 211 27.20 -1.33 2.21
N ILE B 212 26.39 -0.28 2.44
CA ILE B 212 25.66 0.46 1.40
C ILE B 212 26.16 1.89 1.22
N VAL B 213 26.24 2.30 -0.05
CA VAL B 213 26.58 3.66 -0.49
C VAL B 213 25.39 4.11 -1.38
N VAL B 214 24.67 5.17 -0.98
CA VAL B 214 23.54 5.72 -1.76
C VAL B 214 23.97 7.03 -2.43
N VAL B 215 23.66 7.17 -3.73
CA VAL B 215 23.93 8.36 -4.52
C VAL B 215 22.57 8.88 -4.99
N GLY B 216 22.09 9.96 -4.36
CA GLY B 216 20.80 10.57 -4.67
C GLY B 216 20.89 11.48 -5.88
N ILE B 217 19.72 11.89 -6.41
CA ILE B 217 19.66 12.81 -7.57
C ILE B 217 20.08 14.25 -7.17
N ASN B 218 20.19 14.52 -5.84
CA ASN B 218 20.71 15.79 -5.30
C ASN B 218 22.21 15.92 -5.69
N ILE B 219 22.86 14.77 -5.93
CA ILE B 219 24.26 14.67 -6.37
C ILE B 219 24.34 14.65 -7.92
N THR B 220 23.66 13.70 -8.56
CA THR B 220 23.74 13.41 -10.00
C THR B 220 23.23 14.54 -10.93
N THR B 221 22.26 15.38 -10.48
CA THR B 221 21.79 16.51 -11.29
C THR B 221 22.88 17.61 -11.44
N GLN B 222 23.96 17.54 -10.62
CA GLN B 222 25.12 18.45 -10.70
C GLN B 222 26.09 17.98 -11.81
N VAL B 223 25.99 16.70 -12.23
CA VAL B 223 26.86 16.08 -13.25
C VAL B 223 26.13 15.87 -14.58
N CYS B 224 26.40 16.76 -15.55
CA CYS B 224 25.74 16.83 -16.86
C CYS B 224 26.67 16.76 -18.05
N LEU B 225 26.07 16.47 -19.22
CA LEU B 225 26.65 16.55 -20.54
C LEU B 225 25.76 17.56 -21.27
N THR B 226 26.33 18.70 -21.70
CA THR B 226 25.59 19.74 -22.45
C THR B 226 25.39 19.24 -23.90
N ASP B 227 24.65 20.01 -24.73
CA ASP B 227 24.45 19.70 -26.14
C ASP B 227 25.80 19.65 -26.89
N GLU B 228 26.73 20.54 -26.49
CA GLU B 228 28.09 20.63 -27.02
C GLU B 228 28.90 19.38 -26.67
N ASP B 229 28.79 18.89 -25.40
CA ASP B 229 29.44 17.67 -24.88
C ASP B 229 28.93 16.44 -25.64
N LEU B 230 27.63 16.41 -25.97
CA LEU B 230 27.00 15.32 -26.71
C LEU B 230 27.49 15.30 -28.15
N LEU B 231 27.70 16.51 -28.74
CA LEU B 231 28.22 16.68 -30.10
C LEU B 231 29.69 16.26 -30.13
N GLU B 232 30.45 16.56 -29.05
CA GLU B 232 31.85 16.17 -28.86
C GLU B 232 31.94 14.63 -28.82
N LEU B 233 30.94 13.95 -28.20
CA LEU B 233 30.85 12.49 -28.13
C LEU B 233 30.63 11.90 -29.53
N ARG B 234 29.69 12.49 -30.31
CA ARG B 234 29.37 12.08 -31.67
C ARG B 234 30.60 12.16 -32.59
N ASN B 235 31.37 13.25 -32.46
CA ASN B 235 32.56 13.50 -33.26
C ASN B 235 33.83 12.81 -32.76
N SER B 236 33.78 12.16 -31.58
CA SER B 236 34.91 11.44 -30.99
C SER B 236 35.17 10.09 -31.70
N LYS B 237 36.28 9.43 -31.33
CA LYS B 237 36.66 8.13 -31.85
C LYS B 237 36.24 6.97 -30.92
N GLY B 238 35.35 7.27 -29.96
CA GLY B 238 34.77 6.30 -29.03
C GLY B 238 34.18 5.08 -29.72
N LYS B 239 34.45 3.87 -29.18
CA LYS B 239 33.99 2.57 -29.68
C LYS B 239 32.47 2.52 -29.90
N HIS B 240 31.70 3.09 -28.96
CA HIS B 240 30.22 3.10 -28.99
C HIS B 240 29.65 4.53 -29.18
N ALA B 241 30.48 5.50 -29.61
CA ALA B 241 30.11 6.91 -29.79
C ALA B 241 28.83 7.16 -30.61
N ALA B 242 28.71 6.52 -31.80
CA ALA B 242 27.55 6.65 -32.69
C ALA B 242 26.25 6.14 -32.04
N PHE B 243 26.31 4.95 -31.41
CA PHE B 243 25.21 4.32 -30.71
C PHE B 243 24.77 5.14 -29.47
N LEU B 244 25.74 5.57 -28.64
CA LEU B 244 25.49 6.37 -27.45
C LEU B 244 24.82 7.71 -27.77
N TYR B 245 25.24 8.34 -28.89
CA TYR B 245 24.68 9.62 -29.35
C TYR B 245 23.24 9.49 -29.82
N GLU B 246 22.93 8.42 -30.61
CA GLU B 246 21.59 8.16 -31.11
C GLU B 246 20.62 7.96 -29.95
N MET B 247 21.01 7.16 -28.92
CA MET B 247 20.27 6.91 -27.67
C MET B 247 19.96 8.20 -26.90
N CYS B 248 20.98 9.03 -26.71
CA CYS B 248 20.91 10.26 -25.92
C CYS B 248 20.02 11.34 -26.51
N LYS B 249 19.68 11.28 -27.83
CA LYS B 249 18.80 12.26 -28.51
C LYS B 249 17.43 12.38 -27.83
N PHE B 250 16.75 11.25 -27.62
CA PHE B 250 15.45 11.17 -26.96
C PHE B 250 15.58 11.60 -25.47
N TYR B 251 16.66 11.13 -24.79
CA TYR B 251 16.96 11.42 -23.38
C TYR B 251 17.14 12.93 -23.17
N ARG B 252 17.92 13.57 -24.04
CA ARG B 252 18.18 15.02 -24.06
C ARG B 252 16.87 15.83 -24.20
N ASP B 253 15.99 15.41 -25.14
CA ASP B 253 14.74 16.11 -25.42
C ASP B 253 13.78 16.14 -24.22
N TRP B 254 13.76 15.07 -23.41
CA TRP B 254 12.96 15.02 -22.17
C TRP B 254 13.47 16.10 -21.17
N HIS B 255 14.81 16.21 -20.98
CA HIS B 255 15.45 17.19 -20.07
C HIS B 255 15.04 18.59 -20.47
N ALA B 256 14.97 18.88 -21.81
CA ALA B 256 14.58 20.18 -22.35
C ALA B 256 13.09 20.48 -22.07
N LYS B 257 12.18 19.52 -22.35
CA LYS B 257 10.73 19.66 -22.13
C LYS B 257 10.33 19.77 -20.64
N SER B 258 11.00 19.02 -19.78
CA SER B 258 10.68 18.93 -18.36
C SER B 258 11.52 19.80 -17.43
N ASP B 259 12.85 19.69 -17.52
CA ASP B 259 13.77 20.42 -16.65
C ASP B 259 14.20 21.76 -17.23
N GLY B 260 13.98 21.95 -18.53
CA GLY B 260 14.39 23.17 -19.24
C GLY B 260 15.89 23.20 -19.48
N PHE B 261 16.53 22.02 -19.42
CA PHE B 261 17.99 21.87 -19.61
C PHE B 261 18.34 21.28 -20.97
N HIS B 262 19.26 21.97 -21.68
CA HIS B 262 19.74 21.51 -22.99
C HIS B 262 20.96 20.60 -22.82
N GLY B 263 20.65 19.35 -22.52
CA GLY B 263 21.60 18.27 -22.31
C GLY B 263 21.00 17.11 -21.54
N ILE B 264 21.82 16.38 -20.77
CA ILE B 264 21.41 15.18 -20.00
C ILE B 264 22.04 15.12 -18.61
N PHE B 265 21.32 14.55 -17.62
CA PHE B 265 21.89 14.33 -16.28
C PHE B 265 22.46 12.90 -16.32
N LEU B 266 23.70 12.70 -15.83
CA LEU B 266 24.43 11.42 -15.87
C LEU B 266 24.24 10.57 -14.60
N HIS B 267 22.96 10.30 -14.20
CA HIS B 267 22.58 9.54 -13.00
C HIS B 267 23.34 8.21 -12.79
N ASP B 268 23.15 7.25 -13.69
CA ASP B 268 23.78 5.94 -13.55
C ASP B 268 25.31 6.00 -13.77
N PRO B 269 25.88 6.70 -14.77
CA PRO B 269 27.35 6.78 -14.86
C PRO B 269 28.04 7.34 -13.59
N VAL B 270 27.39 8.30 -12.85
CA VAL B 270 27.94 8.89 -11.61
C VAL B 270 28.02 7.85 -10.48
N SER B 271 26.99 6.99 -10.34
CA SER B 271 26.96 5.92 -9.35
C SER B 271 28.04 4.87 -9.63
N PHE B 272 28.39 4.64 -10.92
CA PHE B 272 29.48 3.75 -11.34
C PHE B 272 30.83 4.38 -10.96
N THR B 273 30.91 5.73 -11.05
CA THR B 273 32.09 6.52 -10.68
C THR B 273 32.34 6.40 -9.16
N ALA B 274 31.25 6.32 -8.36
CA ALA B 274 31.33 6.15 -6.89
C ALA B 274 31.87 4.75 -6.52
N VAL B 275 31.69 3.72 -7.40
CA VAL B 275 32.19 2.35 -7.19
C VAL B 275 33.72 2.35 -7.29
N LEU B 276 34.25 2.94 -8.38
CA LEU B 276 35.68 2.97 -8.72
C LEU B 276 36.48 4.08 -8.08
N HIS B 277 35.86 5.28 -7.95
CA HIS B 277 36.51 6.46 -7.39
C HIS B 277 35.64 7.14 -6.31
N PRO B 278 35.44 6.48 -5.13
CA PRO B 278 34.66 7.11 -4.06
C PRO B 278 35.31 8.40 -3.53
N GLU B 279 36.62 8.57 -3.80
CA GLU B 279 37.42 9.75 -3.42
C GLU B 279 37.02 11.04 -4.17
N TYR B 280 36.20 10.91 -5.24
CA TYR B 280 35.67 12.05 -6.03
C TYR B 280 34.38 12.62 -5.37
N PHE B 281 34.01 12.04 -4.20
CA PHE B 281 32.82 12.41 -3.43
C PHE B 281 33.17 12.48 -1.93
N THR B 282 32.27 13.10 -1.13
CA THR B 282 32.31 13.08 0.33
C THR B 282 31.01 12.37 0.71
N PHE B 283 31.00 11.68 1.85
CA PHE B 283 29.81 10.94 2.29
C PHE B 283 29.49 11.29 3.72
N LYS B 284 28.21 11.15 4.08
CA LYS B 284 27.76 11.34 5.47
C LYS B 284 27.13 10.01 5.90
N LYS B 285 27.45 9.58 7.11
CA LYS B 285 26.89 8.36 7.69
C LYS B 285 25.55 8.69 8.36
N GLY B 286 24.59 7.79 8.22
CA GLY B 286 23.26 7.96 8.79
C GLY B 286 22.27 6.92 8.35
N VAL B 287 21.29 6.67 9.22
CA VAL B 287 20.19 5.74 9.00
C VAL B 287 19.25 6.35 7.96
N VAL B 288 18.89 5.57 6.95
CA VAL B 288 17.97 5.97 5.89
C VAL B 288 16.69 5.14 5.97
N ARG B 289 15.55 5.85 5.98
CA ARG B 289 14.22 5.25 5.94
C ARG B 289 13.48 5.71 4.68
N VAL B 290 12.56 4.86 4.16
CA VAL B 290 11.75 5.14 2.97
C VAL B 290 10.26 5.14 3.34
N GLU B 291 9.54 6.23 2.93
CA GLU B 291 8.10 6.35 3.12
C GLU B 291 7.42 5.45 2.07
N THR B 292 6.50 4.58 2.51
CA THR B 292 5.86 3.59 1.66
C THR B 292 4.39 3.87 1.37
N GLN B 293 3.81 4.88 2.05
CA GLN B 293 2.40 5.24 1.92
C GLN B 293 2.19 6.76 1.88
N GLY B 294 1.00 7.18 1.43
CA GLY B 294 0.56 8.57 1.37
C GLY B 294 1.16 9.38 0.24
N ILE B 295 1.06 10.72 0.36
CA ILE B 295 1.55 11.67 -0.66
C ILE B 295 3.08 11.65 -0.81
N CYS B 296 3.81 11.22 0.24
CA CYS B 296 5.27 11.16 0.23
C CYS B 296 5.83 9.74 -0.04
N THR B 297 5.00 8.82 -0.62
CA THR B 297 5.43 7.47 -1.02
C THR B 297 6.71 7.60 -1.87
N GLY B 298 7.75 6.88 -1.50
CA GLY B 298 9.04 6.89 -2.18
C GLY B 298 10.05 7.91 -1.68
N HIS B 299 9.66 8.76 -0.70
CA HIS B 299 10.56 9.77 -0.13
C HIS B 299 11.67 9.11 0.73
N THR B 300 12.94 9.51 0.47
CA THR B 300 14.12 9.01 1.20
C THR B 300 14.53 10.07 2.21
N LEU B 301 14.69 9.63 3.46
CA LEU B 301 15.08 10.52 4.55
C LEU B 301 16.15 9.87 5.41
N MET B 302 17.22 10.63 5.61
CA MET B 302 18.41 10.25 6.38
C MET B 302 18.47 10.99 7.71
N ASP B 303 18.84 10.26 8.79
CA ASP B 303 19.08 10.88 10.10
C ASP B 303 20.59 11.01 10.18
N GLN B 304 21.09 12.25 10.18
CA GLN B 304 22.53 12.54 10.24
C GLN B 304 23.17 12.21 11.59
N GLY B 305 22.34 12.09 12.63
CA GLY B 305 22.80 11.77 13.98
C GLY B 305 23.48 12.91 14.72
N LEU B 306 23.29 14.16 14.26
CA LEU B 306 23.89 15.35 14.89
C LEU B 306 22.99 15.97 15.98
N LYS B 307 21.82 15.35 16.21
CA LYS B 307 20.86 15.83 17.20
C LYS B 307 20.40 14.66 18.07
N LYS B 308 20.47 14.85 19.39
CA LYS B 308 20.00 13.86 20.36
C LYS B 308 18.49 14.03 20.51
N TRP B 309 17.73 13.04 20.03
CA TRP B 309 16.27 13.05 20.13
C TRP B 309 15.81 12.72 21.55
N ASN B 310 14.68 13.32 21.97
CA ASN B 310 14.10 13.09 23.29
C ASN B 310 13.52 11.68 23.40
N SER B 311 12.93 11.18 22.32
CA SER B 311 12.34 9.84 22.29
C SER B 311 12.77 9.08 21.03
N GLU B 312 12.53 7.77 20.99
CA GLU B 312 12.83 6.94 19.83
C GLU B 312 11.88 7.24 18.65
N ASN B 313 12.39 7.04 17.45
CA ASN B 313 11.65 7.29 16.22
C ASN B 313 11.92 6.19 15.17
N PRO B 314 11.29 6.21 13.97
CA PRO B 314 11.58 5.15 12.96
C PRO B 314 13.04 5.03 12.48
N TRP B 315 13.90 6.04 12.78
CA TRP B 315 15.32 6.06 12.39
C TRP B 315 16.25 5.48 13.49
N SER B 316 15.69 5.24 14.71
CA SER B 316 16.42 4.68 15.85
C SER B 316 16.73 3.17 15.69
N GLY B 317 17.89 2.75 16.18
CA GLY B 317 18.35 1.37 16.22
C GLY B 317 18.92 0.72 14.98
N TYR B 318 18.77 1.32 13.80
CA TYR B 318 19.31 0.71 12.58
C TYR B 318 20.79 1.05 12.40
N LYS B 319 21.48 0.25 11.59
CA LYS B 319 22.87 0.48 11.24
C LYS B 319 22.91 1.60 10.19
N PRO B 320 23.72 2.66 10.40
CA PRO B 320 23.80 3.74 9.40
C PRO B 320 24.42 3.24 8.08
N ILE B 321 24.21 4.01 7.01
CA ILE B 321 24.78 3.74 5.69
C ILE B 321 25.47 5.03 5.19
N SER B 322 26.21 4.95 4.07
CA SER B 322 26.91 6.11 3.50
C SER B 322 26.06 6.79 2.44
N VAL B 323 25.83 8.10 2.61
CA VAL B 323 25.04 8.92 1.69
C VAL B 323 25.98 9.95 1.06
N ALA B 324 26.11 9.92 -0.30
CA ALA B 324 26.95 10.88 -1.04
C ALA B 324 26.45 12.31 -0.73
N TRP B 325 27.36 13.18 -0.26
CA TRP B 325 27.02 14.53 0.16
C TRP B 325 27.45 15.62 -0.80
N THR B 326 28.68 15.52 -1.33
CA THR B 326 29.25 16.44 -2.30
C THR B 326 29.92 15.64 -3.41
N VAL B 327 30.14 16.29 -4.56
CA VAL B 327 30.76 15.67 -5.73
C VAL B 327 31.77 16.63 -6.37
N ASP B 328 32.94 16.10 -6.76
CA ASP B 328 33.96 16.85 -7.51
C ASP B 328 33.55 16.64 -8.98
N VAL B 329 32.71 17.54 -9.49
CA VAL B 329 32.12 17.52 -10.83
C VAL B 329 33.19 17.41 -11.95
N PRO B 330 34.27 18.25 -12.01
CA PRO B 330 35.27 18.09 -13.10
C PRO B 330 35.94 16.72 -13.17
N LYS B 331 36.30 16.13 -12.00
CA LYS B 331 36.94 14.81 -11.91
C LYS B 331 36.02 13.69 -12.36
N VAL B 332 34.72 13.76 -11.99
CA VAL B 332 33.69 12.78 -12.36
C VAL B 332 33.41 12.85 -13.87
N ILE B 333 33.23 14.08 -14.42
CA ILE B 333 33.01 14.32 -15.85
C ILE B 333 34.23 13.81 -16.68
N SER B 334 35.46 14.06 -16.21
CA SER B 334 36.69 13.61 -16.87
C SER B 334 36.74 12.07 -16.98
N PHE B 335 36.39 11.36 -15.89
CA PHE B 335 36.36 9.89 -15.82
C PHE B 335 35.29 9.27 -16.74
N ILE B 336 34.08 9.86 -16.77
CA ILE B 336 32.95 9.41 -17.60
C ILE B 336 33.29 9.61 -19.08
N LYS B 337 33.69 10.85 -19.46
CA LYS B 337 34.09 11.20 -20.82
C LYS B 337 35.19 10.30 -21.37
N LYS B 338 36.22 9.97 -20.54
CA LYS B 338 37.33 9.12 -21.00
C LYS B 338 36.88 7.69 -21.32
N LEU B 339 35.88 7.18 -20.59
CA LEU B 339 35.36 5.84 -20.84
C LEU B 339 34.44 5.80 -22.07
N LEU B 340 33.57 6.82 -22.23
CA LEU B 340 32.63 6.95 -23.37
C LEU B 340 33.35 7.22 -24.70
N MET B 341 34.49 7.94 -24.65
CA MET B 341 35.25 8.34 -25.84
C MET B 341 36.48 7.46 -26.11
N ALA B 342 36.63 6.34 -25.38
CA ALA B 342 37.74 5.41 -25.56
C ALA B 342 37.52 4.57 -26.83
N PRO B 343 38.52 4.50 -27.75
CA PRO B 343 38.32 3.75 -29.00
C PRO B 343 38.28 2.23 -28.87
N ARG C 28 -33.83 -8.06 29.03
CA ARG C 28 -32.81 -7.30 28.29
C ARG C 28 -31.53 -8.10 28.12
N ASP C 29 -31.06 -8.22 26.86
CA ASP C 29 -29.83 -8.95 26.53
C ASP C 29 -28.62 -8.04 26.71
N LYS C 30 -27.64 -8.47 27.56
CA LYS C 30 -26.42 -7.71 27.83
C LYS C 30 -25.51 -7.71 26.61
N LEU C 31 -25.03 -6.52 26.21
CA LEU C 31 -24.19 -6.37 25.03
C LEU C 31 -23.02 -5.42 25.23
N ILE C 32 -21.84 -5.83 24.74
CA ILE C 32 -20.63 -5.00 24.68
C ILE C 32 -20.40 -4.77 23.18
N ILE C 33 -20.20 -3.51 22.79
CA ILE C 33 -19.91 -3.16 21.41
C ILE C 33 -18.42 -2.80 21.29
N ASP C 34 -17.64 -3.63 20.52
CA ASP C 34 -16.22 -3.40 20.23
C ASP C 34 -16.22 -2.65 18.91
N THR C 35 -15.77 -1.40 18.91
CA THR C 35 -15.98 -0.51 17.77
C THR C 35 -14.86 0.51 17.49
N ASP C 36 -14.79 0.97 16.24
CA ASP C 36 -13.84 1.99 15.77
C ASP C 36 -14.67 3.17 15.19
N PRO C 37 -15.53 3.87 16.00
CA PRO C 37 -16.39 4.91 15.40
C PRO C 37 -15.64 6.09 14.75
N GLY C 38 -15.81 6.30 13.43
CA GLY C 38 -16.63 5.50 12.51
C GLY C 38 -18.04 6.01 12.29
N ILE C 39 -18.41 6.34 11.02
CA ILE C 39 -19.73 6.89 10.67
C ILE C 39 -20.86 5.84 10.83
N ASP C 40 -20.70 4.62 10.25
CA ASP C 40 -21.73 3.59 10.38
C ASP C 40 -21.73 2.97 11.77
N ASP C 41 -20.55 2.92 12.43
CA ASP C 41 -20.41 2.49 13.84
C ASP C 41 -21.29 3.40 14.73
N SER C 42 -21.22 4.74 14.50
CA SER C 42 -21.97 5.75 15.25
C SER C 42 -23.47 5.58 15.06
N MET C 43 -23.91 5.26 13.82
CA MET C 43 -25.33 4.99 13.51
C MET C 43 -25.81 3.82 14.36
N THR C 44 -25.00 2.72 14.39
CA THR C 44 -25.24 1.48 15.15
C THR C 44 -25.34 1.74 16.65
N ILE C 45 -24.32 2.42 17.23
CA ILE C 45 -24.27 2.75 18.66
C ILE C 45 -25.53 3.54 19.07
N LEU C 46 -25.91 4.57 18.27
CA LEU C 46 -27.10 5.38 18.54
C LEU C 46 -28.39 4.57 18.42
N MET C 47 -28.46 3.61 17.45
CA MET C 47 -29.60 2.69 17.26
C MET C 47 -29.71 1.78 18.50
N ALA C 48 -28.57 1.18 18.92
CA ALA C 48 -28.42 0.28 20.06
C ALA C 48 -28.95 0.87 21.37
N PHE C 49 -28.69 2.18 21.60
CA PHE C 49 -29.17 2.90 22.79
C PHE C 49 -30.69 3.08 22.78
N ARG C 50 -31.32 3.05 21.59
CA ARG C 50 -32.75 3.21 21.41
C ARG C 50 -33.50 1.86 21.38
N ALA C 51 -32.77 0.72 21.30
CA ALA C 51 -33.34 -0.63 21.29
C ALA C 51 -33.74 -1.05 22.72
N PRO C 52 -35.05 -1.29 23.00
CA PRO C 52 -35.45 -1.63 24.38
C PRO C 52 -35.05 -3.03 24.85
N SER C 53 -34.89 -3.99 23.92
CA SER C 53 -34.51 -5.37 24.22
C SER C 53 -33.03 -5.54 24.58
N VAL C 54 -32.23 -4.47 24.40
CA VAL C 54 -30.78 -4.47 24.61
C VAL C 54 -30.37 -3.64 25.82
N GLU C 55 -29.36 -4.14 26.56
CA GLU C 55 -28.70 -3.44 27.66
C GLU C 55 -27.22 -3.31 27.26
N ILE C 56 -26.76 -2.09 26.90
CA ILE C 56 -25.37 -1.82 26.53
C ILE C 56 -24.60 -1.65 27.83
N ILE C 57 -23.74 -2.61 28.15
CA ILE C 57 -22.97 -2.56 29.40
C ILE C 57 -21.59 -1.90 29.18
N GLY C 58 -21.24 -1.60 27.93
CA GLY C 58 -19.99 -0.94 27.60
C GLY C 58 -19.62 -0.87 26.14
N LEU C 59 -18.74 0.08 25.81
CA LEU C 59 -18.18 0.27 24.48
C LEU C 59 -16.68 0.08 24.60
N THR C 60 -16.11 -0.83 23.80
CA THR C 60 -14.67 -1.07 23.79
C THR C 60 -14.14 -0.55 22.45
N THR C 61 -13.04 0.22 22.46
CA THR C 61 -12.58 0.83 21.22
C THR C 61 -11.33 0.22 20.61
N ILE C 62 -11.24 0.33 19.28
CA ILE C 62 -10.16 -0.17 18.44
C ILE C 62 -9.89 0.81 17.28
N PHE C 63 -8.73 0.67 16.61
CA PHE C 63 -8.31 1.46 15.46
C PHE C 63 -9.05 0.89 14.21
N GLY C 64 -8.88 1.54 13.05
CA GLY C 64 -9.46 1.08 11.79
C GLY C 64 -9.89 2.23 10.92
N ASN C 65 -11.08 2.77 11.23
CA ASN C 65 -11.65 3.94 10.55
C ASN C 65 -10.86 5.17 10.91
N VAL C 66 -10.32 5.18 12.14
CA VAL C 66 -9.59 6.25 12.80
C VAL C 66 -8.66 5.57 13.81
N ASP C 67 -7.66 6.30 14.37
CA ASP C 67 -6.80 5.76 15.43
C ASP C 67 -7.63 5.48 16.69
N THR C 68 -7.17 4.54 17.54
CA THR C 68 -7.86 4.16 18.78
C THR C 68 -8.27 5.37 19.64
N LYS C 69 -7.38 6.37 19.78
CA LYS C 69 -7.64 7.59 20.57
C LYS C 69 -8.84 8.38 20.02
N GLY C 70 -8.95 8.46 18.69
CA GLY C 70 -10.06 9.09 17.99
C GLY C 70 -11.35 8.30 18.13
N ALA C 71 -11.26 6.95 18.16
CA ALA C 71 -12.40 6.05 18.36
C ALA C 71 -12.99 6.23 19.77
N THR C 72 -12.12 6.34 20.79
CA THR C 72 -12.47 6.55 22.20
C THR C 72 -13.22 7.90 22.35
N ARG C 73 -12.67 8.97 21.72
CA ARG C 73 -13.25 10.32 21.73
C ARG C 73 -14.68 10.30 21.16
N ASN C 74 -14.87 9.61 20.03
CA ASN C 74 -16.15 9.47 19.37
C ASN C 74 -17.16 8.66 20.19
N ALA C 75 -16.71 7.53 20.77
CA ALA C 75 -17.53 6.64 21.61
C ALA C 75 -18.03 7.38 22.85
N LEU C 76 -17.18 8.21 23.46
CA LEU C 76 -17.55 9.01 24.62
C LEU C 76 -18.58 10.07 24.23
N LEU C 77 -18.40 10.67 23.03
CA LEU C 77 -19.31 11.68 22.49
C LEU C 77 -20.67 11.10 22.15
N LEU C 78 -20.69 9.84 21.67
CA LEU C 78 -21.93 9.14 21.33
C LEU C 78 -22.78 8.82 22.55
N CYS C 79 -22.14 8.41 23.67
CA CYS C 79 -22.82 8.12 24.93
C CYS C 79 -23.51 9.38 25.45
N GLU C 80 -22.81 10.53 25.37
CA GLU C 80 -23.31 11.85 25.77
C GLU C 80 -24.49 12.29 24.90
N ARG C 81 -24.37 12.15 23.57
CA ARG C 81 -25.42 12.53 22.61
C ARG C 81 -26.70 11.75 22.84
N ALA C 82 -26.59 10.43 23.05
CA ALA C 82 -27.71 9.53 23.29
C ALA C 82 -28.44 9.86 24.62
N GLY C 83 -27.78 10.61 25.50
CA GLY C 83 -28.31 10.97 26.81
C GLY C 83 -28.04 9.87 27.81
N CYS C 84 -26.96 9.10 27.58
CA CYS C 84 -26.51 7.99 28.40
C CYS C 84 -24.99 8.18 28.73
N PRO C 85 -24.55 9.26 29.43
CA PRO C 85 -23.10 9.44 29.69
C PRO C 85 -22.48 8.46 30.68
N GLU C 86 -23.34 7.68 31.39
CA GLU C 86 -22.96 6.70 32.39
C GLU C 86 -22.33 5.41 31.82
N VAL C 87 -22.61 5.09 30.53
CA VAL C 87 -22.11 3.87 29.86
C VAL C 87 -20.56 3.89 29.77
N PRO C 88 -19.86 2.82 30.25
CA PRO C 88 -18.39 2.83 30.23
C PRO C 88 -17.75 2.70 28.85
N VAL C 89 -16.60 3.38 28.67
CA VAL C 89 -15.82 3.33 27.44
C VAL C 89 -14.40 2.85 27.79
N ALA C 90 -14.02 1.66 27.29
CA ALA C 90 -12.71 1.08 27.56
C ALA C 90 -11.86 1.09 26.30
N GLU C 91 -10.75 1.85 26.34
CA GLU C 91 -9.81 1.98 25.22
C GLU C 91 -9.03 0.69 25.02
N GLY C 92 -8.93 0.26 23.76
CA GLY C 92 -8.22 -0.95 23.42
C GLY C 92 -6.86 -0.73 22.83
N SER C 93 -6.41 -1.70 22.03
CA SER C 93 -5.11 -1.70 21.36
C SER C 93 -4.96 -0.60 20.32
N HIS C 94 -3.78 -0.01 20.26
CA HIS C 94 -3.47 1.08 19.36
C HIS C 94 -2.86 0.56 18.05
N GLU C 95 -2.43 -0.71 18.06
CA GLU C 95 -1.83 -1.35 16.91
C GLU C 95 -2.24 -2.83 16.77
N PRO C 96 -2.11 -3.48 15.58
CA PRO C 96 -2.46 -4.89 15.47
C PRO C 96 -1.49 -5.78 16.27
N LEU C 97 -1.83 -7.08 16.44
CA LEU C 97 -1.00 -8.04 17.19
C LEU C 97 0.44 -8.14 16.67
N LYS C 98 0.64 -8.02 15.33
CA LYS C 98 1.95 -8.07 14.68
C LYS C 98 2.78 -6.78 14.92
N GLY C 99 2.14 -5.74 15.46
CA GLY C 99 2.79 -4.48 15.76
C GLY C 99 2.82 -3.54 14.57
N GLY C 100 3.24 -2.30 14.81
CA GLY C 100 3.31 -1.26 13.78
C GLY C 100 2.08 -0.37 13.74
N LYS C 101 2.32 0.91 13.42
CA LYS C 101 1.29 1.95 13.32
C LYS C 101 0.27 1.60 12.23
N PRO C 102 -1.03 1.50 12.57
CA PRO C 102 -2.01 1.12 11.54
C PRO C 102 -2.41 2.24 10.57
N ARG C 103 -2.82 1.83 9.35
CA ARG C 103 -3.32 2.75 8.32
C ARG C 103 -4.79 2.94 8.61
N VAL C 104 -5.26 4.19 8.67
CA VAL C 104 -6.69 4.40 8.97
C VAL C 104 -7.49 4.86 7.72
N ALA C 105 -8.79 4.54 7.71
CA ALA C 105 -9.70 4.82 6.61
C ALA C 105 -10.29 6.24 6.72
N ASP C 106 -9.40 7.24 6.71
CA ASP C 106 -9.80 8.64 6.77
C ASP C 106 -10.48 9.13 5.45
N PHE C 107 -10.23 8.43 4.35
CA PHE C 107 -10.80 8.68 3.03
C PHE C 107 -12.27 8.19 2.97
N VAL C 108 -12.70 7.40 4.00
CA VAL C 108 -14.03 6.84 4.16
C VAL C 108 -14.81 7.54 5.26
N HIS C 109 -14.15 7.79 6.40
CA HIS C 109 -14.79 8.35 7.59
C HIS C 109 -14.28 9.74 8.01
N GLY C 110 -13.38 10.36 7.25
CA GLY C 110 -12.86 11.69 7.59
C GLY C 110 -11.72 11.64 8.61
N SER C 111 -11.01 12.76 8.78
CA SER C 111 -9.87 12.93 9.71
C SER C 111 -10.19 12.63 11.16
N ASP C 112 -11.40 13.01 11.62
CA ASP C 112 -11.88 12.77 12.98
C ASP C 112 -12.64 11.44 13.14
N GLY C 113 -12.91 10.75 12.02
CA GLY C 113 -13.63 9.48 12.02
C GLY C 113 -15.14 9.60 11.96
N ILE C 114 -15.67 10.83 11.98
CA ILE C 114 -17.11 11.06 11.92
C ILE C 114 -17.50 12.08 10.80
N GLY C 115 -16.78 12.02 9.68
CA GLY C 115 -17.04 12.84 8.51
C GLY C 115 -16.66 14.30 8.59
N ASN C 116 -15.62 14.63 9.37
CA ASN C 116 -15.05 15.96 9.54
C ASN C 116 -16.04 16.98 10.17
N LEU C 117 -16.70 16.56 11.26
CA LEU C 117 -17.62 17.46 11.96
C LEU C 117 -16.86 18.33 12.94
N PHE C 118 -15.64 17.89 13.34
CA PHE C 118 -14.71 18.56 14.27
C PHE C 118 -15.44 19.10 15.50
N LEU C 119 -16.12 18.19 16.21
CA LEU C 119 -16.95 18.51 17.37
C LEU C 119 -16.14 18.82 18.64
N PRO C 120 -16.68 19.63 19.59
CA PRO C 120 -15.96 19.85 20.86
C PRO C 120 -15.78 18.54 21.63
N ALA C 121 -14.73 18.47 22.46
CA ALA C 121 -14.34 17.29 23.26
C ALA C 121 -15.39 16.83 24.27
N PRO C 122 -15.50 15.51 24.53
CA PRO C 122 -16.48 15.04 25.54
C PRO C 122 -16.05 15.38 26.97
N SER C 123 -17.03 15.48 27.89
CA SER C 123 -16.82 15.75 29.31
C SER C 123 -16.58 14.40 30.02
N ALA C 124 -17.31 13.35 29.58
CA ALA C 124 -17.20 11.97 30.07
C ALA C 124 -15.80 11.43 29.76
N LYS C 125 -15.25 10.61 30.68
CA LYS C 125 -13.91 10.05 30.54
C LYS C 125 -13.95 8.55 30.42
N LYS C 126 -12.94 7.97 29.77
CA LYS C 126 -12.81 6.52 29.60
C LYS C 126 -12.48 5.86 30.96
N VAL C 127 -12.74 4.54 31.09
CA VAL C 127 -12.39 3.78 32.30
C VAL C 127 -10.87 3.52 32.30
N GLU C 128 -10.30 3.13 33.45
CA GLU C 128 -8.88 2.86 33.61
C GLU C 128 -8.42 1.59 32.88
N GLU C 129 -9.22 0.51 32.95
CA GLU C 129 -8.87 -0.78 32.35
C GLU C 129 -8.93 -0.76 30.81
N SER C 130 -8.11 -1.63 30.19
CA SER C 130 -8.07 -1.77 28.74
C SER C 130 -9.35 -2.50 28.25
N ALA C 131 -9.64 -2.41 26.93
CA ALA C 131 -10.80 -3.07 26.33
C ALA C 131 -10.73 -4.59 26.57
N ALA C 132 -9.53 -5.20 26.37
CA ALA C 132 -9.27 -6.63 26.60
C ALA C 132 -9.63 -7.06 28.02
N ASP C 133 -9.21 -6.27 29.03
CA ASP C 133 -9.49 -6.53 30.43
C ASP C 133 -10.96 -6.32 30.79
N PHE C 134 -11.63 -5.29 30.19
CA PHE C 134 -13.06 -5.01 30.37
C PHE C 134 -13.90 -6.19 29.83
N LEU C 135 -13.53 -6.73 28.63
CA LEU C 135 -14.20 -7.87 27.99
C LEU C 135 -14.13 -9.10 28.88
N ILE C 136 -12.92 -9.39 29.40
CA ILE C 136 -12.69 -10.53 30.31
C ILE C 136 -13.50 -10.39 31.59
N ASN C 137 -13.45 -9.21 32.23
CA ASN C 137 -14.13 -8.93 33.50
C ASN C 137 -15.66 -9.02 33.44
N LYS C 138 -16.29 -8.43 32.40
CA LYS C 138 -17.76 -8.43 32.27
C LYS C 138 -18.33 -9.79 31.85
N VAL C 139 -17.54 -10.55 31.06
CA VAL C 139 -17.89 -11.89 30.60
C VAL C 139 -17.79 -12.88 31.80
N SER C 140 -16.80 -12.66 32.71
CA SER C 140 -16.60 -13.46 33.92
C SER C 140 -17.63 -13.12 34.99
N GLU C 141 -18.07 -11.85 35.05
CA GLU C 141 -19.08 -11.35 35.99
C GLU C 141 -20.45 -11.97 35.68
N PHE C 142 -20.79 -12.08 34.38
CA PHE C 142 -22.05 -12.64 33.91
C PHE C 142 -21.79 -13.80 32.93
N PRO C 143 -21.38 -15.01 33.38
CA PRO C 143 -21.11 -16.10 32.43
C PRO C 143 -22.33 -16.56 31.65
N GLY C 144 -22.13 -16.71 30.34
CA GLY C 144 -23.15 -17.12 29.37
C GLY C 144 -24.27 -16.12 29.15
N GLU C 145 -24.07 -14.86 29.57
CA GLU C 145 -25.08 -13.79 29.47
C GLU C 145 -24.69 -12.63 28.56
N VAL C 146 -23.38 -12.32 28.47
CA VAL C 146 -22.86 -11.19 27.70
C VAL C 146 -22.54 -11.53 26.25
N SER C 147 -23.16 -10.77 25.33
CA SER C 147 -22.93 -10.87 23.90
C SER C 147 -21.96 -9.75 23.48
N VAL C 148 -21.09 -10.04 22.52
CA VAL C 148 -20.11 -9.08 22.01
C VAL C 148 -20.39 -8.79 20.54
N LEU C 149 -20.62 -7.51 20.19
CA LEU C 149 -20.80 -7.08 18.80
C LEU C 149 -19.50 -6.41 18.34
N ALA C 150 -18.75 -7.10 17.49
CA ALA C 150 -17.45 -6.66 16.96
C ALA C 150 -17.59 -5.90 15.64
N LEU C 151 -17.35 -4.58 15.67
CA LEU C 151 -17.52 -3.63 14.57
C LEU C 151 -16.22 -3.14 13.90
N GLY C 152 -15.07 -3.50 14.44
CA GLY C 152 -13.77 -3.14 13.88
C GLY C 152 -12.82 -4.33 13.84
N PRO C 153 -11.50 -4.09 13.63
CA PRO C 153 -10.50 -5.19 13.72
C PRO C 153 -10.65 -5.93 15.05
N LEU C 154 -10.32 -7.24 15.07
CA LEU C 154 -10.60 -8.12 16.21
C LEU C 154 -9.48 -8.23 17.31
N THR C 155 -8.54 -7.27 17.35
CA THR C 155 -7.39 -7.23 18.26
C THR C 155 -7.76 -7.41 19.74
N ASN C 156 -8.72 -6.62 20.29
CA ASN C 156 -9.15 -6.71 21.69
C ASN C 156 -9.78 -8.04 22.04
N VAL C 157 -10.58 -8.58 21.11
CA VAL C 157 -11.26 -9.87 21.26
C VAL C 157 -10.21 -11.00 21.32
N ALA C 158 -9.19 -10.95 20.41
CA ALA C 158 -8.09 -11.93 20.36
C ALA C 158 -7.22 -11.85 21.62
N LEU C 159 -6.93 -10.62 22.09
CA LEU C 159 -6.15 -10.38 23.31
C LEU C 159 -6.84 -10.99 24.53
N ALA C 160 -8.19 -10.87 24.60
CA ALA C 160 -9.05 -11.42 25.66
C ALA C 160 -8.98 -12.95 25.65
N ILE C 161 -9.07 -13.56 24.45
CA ILE C 161 -9.00 -15.02 24.23
C ILE C 161 -7.62 -15.55 24.67
N LYS C 162 -6.54 -14.84 24.29
CA LYS C 162 -5.16 -15.23 24.63
C LYS C 162 -4.84 -15.09 26.11
N ARG C 163 -5.36 -14.01 26.76
CA ARG C 163 -5.16 -13.71 28.18
C ARG C 163 -5.95 -14.66 29.09
N ASP C 164 -7.26 -14.82 28.81
CA ASP C 164 -8.15 -15.72 29.54
C ASP C 164 -8.64 -16.84 28.61
N PRO C 165 -8.00 -18.03 28.64
CA PRO C 165 -8.43 -19.13 27.74
C PRO C 165 -9.82 -19.74 28.03
N SER C 166 -10.53 -19.24 29.06
CA SER C 166 -11.88 -19.70 29.40
C SER C 166 -12.96 -18.69 28.95
N PHE C 167 -12.52 -17.64 28.21
CA PHE C 167 -13.34 -16.58 27.64
C PHE C 167 -14.33 -17.14 26.60
N ALA C 168 -13.84 -18.00 25.67
CA ALA C 168 -14.63 -18.65 24.61
C ALA C 168 -15.83 -19.49 25.12
N SER C 169 -15.74 -19.98 26.38
CA SER C 169 -16.80 -20.75 27.03
C SER C 169 -17.74 -19.86 27.83
N LYS C 170 -17.23 -18.74 28.36
CA LYS C 170 -18.01 -17.81 29.20
C LYS C 170 -18.80 -16.75 28.40
N VAL C 171 -18.37 -16.40 27.17
CA VAL C 171 -19.06 -15.41 26.34
C VAL C 171 -20.34 -16.04 25.75
N LYS C 172 -21.50 -15.31 25.75
CA LYS C 172 -22.76 -15.85 25.22
C LYS C 172 -22.66 -16.04 23.71
N LYS C 173 -22.31 -14.97 22.98
CA LYS C 173 -22.18 -14.95 21.54
C LYS C 173 -21.27 -13.80 21.12
N ILE C 174 -20.55 -14.00 20.01
CA ILE C 174 -19.73 -12.96 19.38
C ILE C 174 -20.28 -12.78 17.97
N VAL C 175 -20.87 -11.60 17.68
CA VAL C 175 -21.40 -11.25 16.35
C VAL C 175 -20.36 -10.30 15.75
N VAL C 176 -19.72 -10.74 14.66
CA VAL C 176 -18.63 -10.04 13.99
C VAL C 176 -19.08 -9.43 12.64
N LEU C 177 -18.82 -8.11 12.44
CA LEU C 177 -18.98 -7.48 11.13
C LEU C 177 -17.57 -7.61 10.54
N GLY C 178 -17.42 -8.43 9.53
CA GLY C 178 -16.11 -8.63 8.92
C GLY C 178 -16.05 -9.76 7.94
N GLY C 179 -15.09 -9.69 7.04
CA GLY C 179 -14.86 -10.67 6.01
C GLY C 179 -15.60 -10.42 4.73
N ALA C 180 -15.29 -11.23 3.72
CA ALA C 180 -15.90 -11.24 2.40
C ALA C 180 -15.83 -12.72 2.03
N PHE C 181 -16.97 -13.39 2.08
CA PHE C 181 -17.11 -14.82 1.85
C PHE C 181 -17.61 -15.06 0.46
N PHE C 182 -16.71 -15.60 -0.40
CA PHE C 182 -16.96 -15.87 -1.83
C PHE C 182 -17.45 -14.61 -2.57
N ALA C 183 -16.81 -13.49 -2.23
CA ALA C 183 -17.06 -12.16 -2.79
C ALA C 183 -15.79 -11.30 -2.65
N ALA C 184 -15.75 -10.19 -3.39
CA ALA C 184 -14.65 -9.23 -3.37
C ALA C 184 -14.58 -8.52 -2.02
N GLY C 185 -13.37 -8.16 -1.61
CA GLY C 185 -13.12 -7.39 -0.41
C GLY C 185 -13.33 -5.90 -0.69
N ASN C 186 -13.13 -5.02 0.31
CA ASN C 186 -13.30 -3.56 0.12
C ASN C 186 -12.00 -2.76 0.30
N VAL C 187 -10.91 -3.45 0.71
CA VAL C 187 -9.56 -2.87 0.83
C VAL C 187 -8.89 -3.11 -0.54
N ASN C 188 -9.03 -4.35 -1.01
CA ASN C 188 -8.52 -4.81 -2.29
C ASN C 188 -9.42 -6.01 -2.68
N PRO C 189 -9.25 -6.66 -3.85
CA PRO C 189 -10.13 -7.80 -4.19
C PRO C 189 -10.21 -8.96 -3.18
N ALA C 190 -9.16 -9.15 -2.36
CA ALA C 190 -9.04 -10.25 -1.40
C ALA C 190 -9.62 -10.03 -0.02
N ALA C 191 -9.49 -8.81 0.52
CA ALA C 191 -9.81 -8.59 1.92
C ALA C 191 -10.79 -7.47 2.26
N GLU C 192 -11.57 -7.71 3.32
CA GLU C 192 -12.46 -6.74 3.93
C GLU C 192 -11.59 -6.00 4.99
N ALA C 193 -11.84 -4.70 5.19
CA ALA C 193 -11.10 -3.77 6.07
C ALA C 193 -10.83 -4.25 7.50
N ASN C 194 -11.87 -4.64 8.28
CA ASN C 194 -11.72 -5.08 9.66
C ASN C 194 -10.74 -6.25 9.80
N ILE C 195 -10.86 -7.27 8.92
CA ILE C 195 -9.99 -8.44 8.93
C ILE C 195 -8.57 -8.06 8.49
N HIS C 196 -8.44 -7.25 7.45
CA HIS C 196 -7.14 -6.78 6.93
C HIS C 196 -6.37 -5.93 7.99
N GLY C 197 -7.13 -5.23 8.85
CA GLY C 197 -6.61 -4.42 9.95
C GLY C 197 -5.80 -5.22 10.97
N ASP C 198 -6.21 -6.49 11.20
CA ASP C 198 -5.50 -7.43 12.08
C ASP C 198 -5.84 -8.89 11.67
N PRO C 199 -5.15 -9.45 10.64
CA PRO C 199 -5.46 -10.83 10.19
C PRO C 199 -5.23 -11.91 11.24
N GLU C 200 -4.14 -11.77 12.02
CA GLU C 200 -3.77 -12.70 13.11
C GLU C 200 -4.84 -12.76 14.20
N ALA C 201 -5.42 -11.58 14.57
CA ALA C 201 -6.48 -11.48 15.58
C ALA C 201 -7.76 -12.16 15.14
N ALA C 202 -8.14 -11.97 13.86
CA ALA C 202 -9.33 -12.56 13.26
C ALA C 202 -9.22 -14.10 13.25
N ASP C 203 -8.02 -14.63 12.88
CA ASP C 203 -7.75 -16.07 12.85
C ASP C 203 -7.85 -16.67 14.26
N ILE C 204 -7.34 -15.96 15.30
CA ILE C 204 -7.45 -16.38 16.70
C ILE C 204 -8.93 -16.46 17.12
N VAL C 205 -9.72 -15.42 16.79
CA VAL C 205 -11.15 -15.36 17.11
C VAL C 205 -11.94 -16.48 16.41
N PHE C 206 -11.76 -16.66 15.08
CA PHE C 206 -12.50 -17.67 14.32
C PHE C 206 -12.16 -19.13 14.67
N THR C 207 -11.00 -19.37 15.32
CA THR C 207 -10.59 -20.72 15.74
C THR C 207 -10.64 -20.90 17.29
N SER C 208 -11.20 -19.93 18.02
CA SER C 208 -11.28 -19.93 19.50
C SER C 208 -12.27 -20.95 20.11
N GLY C 209 -13.24 -21.40 19.34
CA GLY C 209 -14.24 -22.33 19.82
C GLY C 209 -15.46 -21.67 20.43
N ALA C 210 -15.51 -20.33 20.42
CA ALA C 210 -16.64 -19.55 20.95
C ALA C 210 -17.84 -19.63 20.00
N ASP C 211 -19.04 -19.27 20.48
CA ASP C 211 -20.24 -19.20 19.65
C ASP C 211 -20.15 -17.89 18.86
N ILE C 212 -19.68 -18.00 17.60
CA ILE C 212 -19.44 -16.86 16.70
C ILE C 212 -20.40 -16.83 15.50
N VAL C 213 -20.88 -15.63 15.17
CA VAL C 213 -21.72 -15.33 14.02
C VAL C 213 -20.96 -14.26 13.22
N VAL C 214 -20.54 -14.57 11.98
CA VAL C 214 -19.82 -13.62 11.12
C VAL C 214 -20.77 -13.11 10.03
N VAL C 215 -20.80 -11.76 9.86
CA VAL C 215 -21.59 -11.10 8.83
C VAL C 215 -20.58 -10.39 7.91
N GLY C 216 -20.35 -10.98 6.74
CA GLY C 216 -19.41 -10.45 5.75
C GLY C 216 -20.02 -9.33 4.93
N ILE C 217 -19.18 -8.61 4.19
CA ILE C 217 -19.63 -7.51 3.31
C ILE C 217 -20.40 -8.05 2.08
N ASN C 218 -20.35 -9.37 1.84
CA ASN C 218 -21.13 -10.07 0.79
C ASN C 218 -22.64 -9.94 1.16
N ILE C 219 -22.94 -9.81 2.46
CA ILE C 219 -24.28 -9.61 2.99
C ILE C 219 -24.64 -8.10 3.05
N THR C 220 -23.83 -7.30 3.75
CA THR C 220 -24.08 -5.88 4.06
C THR C 220 -24.11 -4.92 2.84
N THR C 221 -23.41 -5.24 1.74
CA THR C 221 -23.46 -4.40 0.53
C THR C 221 -24.84 -4.49 -0.17
N GLN C 222 -25.68 -5.48 0.22
CA GLN C 222 -27.04 -5.66 -0.29
C GLN C 222 -28.01 -4.72 0.45
N VAL C 223 -27.60 -4.21 1.63
CA VAL C 223 -28.42 -3.33 2.49
C VAL C 223 -27.91 -1.87 2.47
N CYS C 224 -28.62 -1.00 1.72
CA CYS C 224 -28.27 0.40 1.46
C CYS C 224 -29.33 1.44 1.83
N LEU C 225 -28.86 2.71 1.92
CA LEU C 225 -29.67 3.93 2.04
C LEU C 225 -29.27 4.77 0.84
N THR C 226 -30.21 5.06 -0.07
CA THR C 226 -29.96 5.90 -1.27
C THR C 226 -29.93 7.37 -0.83
N ASP C 227 -29.62 8.31 -1.78
CA ASP C 227 -29.64 9.76 -1.51
C ASP C 227 -31.03 10.20 -1.05
N GLU C 228 -32.10 9.58 -1.64
CA GLU C 228 -33.50 9.84 -1.31
C GLU C 228 -33.81 9.39 0.12
N ASP C 229 -33.31 8.19 0.54
CA ASP C 229 -33.46 7.61 1.88
C ASP C 229 -32.76 8.50 2.92
N LEU C 230 -31.59 9.07 2.55
CA LEU C 230 -30.81 9.96 3.41
C LEU C 230 -31.55 11.30 3.58
N LEU C 231 -32.22 11.78 2.52
CA LEU C 231 -33.03 13.00 2.53
C LEU C 231 -34.28 12.77 3.40
N GLU C 232 -34.86 11.55 3.33
CA GLU C 232 -36.01 11.11 4.12
C GLU C 232 -35.61 11.12 5.62
N LEU C 233 -34.36 10.71 5.93
CA LEU C 233 -33.81 10.73 7.29
C LEU C 233 -33.67 12.16 7.79
N ARG C 234 -33.12 13.09 6.96
CA ARG C 234 -32.95 14.51 7.29
C ARG C 234 -34.30 15.17 7.61
N ASN C 235 -35.35 14.86 6.82
CA ASN C 235 -36.69 15.42 6.96
C ASN C 235 -37.56 14.71 8.01
N SER C 236 -37.08 13.59 8.59
CA SER C 236 -37.79 12.81 9.60
C SER C 236 -37.74 13.49 10.97
N LYS C 237 -38.48 12.93 11.94
CA LYS C 237 -38.55 13.45 13.30
C LYS C 237 -37.59 12.69 14.25
N GLY C 238 -36.68 11.90 13.67
CA GLY C 238 -35.68 11.11 14.39
C GLY C 238 -34.85 11.95 15.35
N LYS C 239 -34.60 11.41 16.56
CA LYS C 239 -33.85 12.05 17.66
C LYS C 239 -32.46 12.54 17.21
N HIS C 240 -31.73 11.72 16.42
CA HIS C 240 -30.38 12.04 15.94
C HIS C 240 -30.32 12.29 14.42
N ALA C 241 -31.49 12.47 13.76
CA ALA C 241 -31.64 12.69 12.32
C ALA C 241 -30.67 13.74 11.71
N ALA C 242 -30.59 14.96 12.32
CA ALA C 242 -29.74 16.06 11.85
C ALA C 242 -28.25 15.70 11.91
N PHE C 243 -27.80 15.12 13.05
CA PHE C 243 -26.43 14.68 13.29
C PHE C 243 -26.04 13.54 12.35
N LEU C 244 -26.92 12.52 12.21
CA LEU C 244 -26.69 11.34 11.35
C LEU C 244 -26.54 11.74 9.90
N TYR C 245 -27.33 12.71 9.44
CA TYR C 245 -27.30 13.23 8.06
C TYR C 245 -26.00 13.98 7.75
N GLU C 246 -25.54 14.85 8.69
CA GLU C 246 -24.30 15.62 8.55
C GLU C 246 -23.09 14.69 8.43
N MET C 247 -23.00 13.64 9.29
CA MET C 247 -21.93 12.63 9.27
C MET C 247 -21.93 11.87 7.94
N CYS C 248 -23.13 11.43 7.49
CA CYS C 248 -23.33 10.63 6.29
C CYS C 248 -22.95 11.32 4.98
N LYS C 249 -22.73 12.66 5.00
CA LYS C 249 -22.35 13.44 3.82
C LYS C 249 -20.98 13.01 3.26
N PHE C 250 -19.96 12.91 4.14
CA PHE C 250 -18.62 12.49 3.77
C PHE C 250 -18.62 11.01 3.38
N TYR C 251 -19.39 10.18 4.12
CA TYR C 251 -19.55 8.74 3.92
C TYR C 251 -20.11 8.43 2.52
N ARG C 252 -21.21 9.12 2.14
CA ARG C 252 -21.92 9.03 0.86
C ARG C 252 -21.00 9.41 -0.29
N ASP C 253 -20.18 10.45 -0.10
CA ASP C 253 -19.26 10.94 -1.11
C ASP C 253 -18.20 9.90 -1.45
N TRP C 254 -17.75 9.09 -0.44
CA TRP C 254 -16.81 7.98 -0.67
C TRP C 254 -17.45 6.90 -1.55
N HIS C 255 -18.72 6.53 -1.27
CA HIS C 255 -19.47 5.52 -2.05
C HIS C 255 -19.65 5.98 -3.52
N ALA C 256 -19.93 7.27 -3.73
CA ALA C 256 -20.10 7.84 -5.07
C ALA C 256 -18.77 7.84 -5.85
N LYS C 257 -17.64 8.15 -5.18
CA LYS C 257 -16.29 8.20 -5.79
C LYS C 257 -15.73 6.82 -6.08
N SER C 258 -15.92 5.86 -5.15
CA SER C 258 -15.35 4.52 -5.21
C SER C 258 -16.27 3.45 -5.81
N ASP C 259 -17.48 3.30 -5.25
CA ASP C 259 -18.43 2.27 -5.64
C ASP C 259 -19.37 2.71 -6.78
N GLY C 260 -19.41 4.00 -7.06
CA GLY C 260 -20.28 4.58 -8.08
C GLY C 260 -21.75 4.56 -7.69
N PHE C 261 -22.01 4.47 -6.38
CA PHE C 261 -23.33 4.40 -5.78
C PHE C 261 -23.66 5.69 -5.04
N HIS C 262 -24.79 6.32 -5.38
CA HIS C 262 -25.24 7.56 -4.75
C HIS C 262 -26.05 7.21 -3.49
N GLY C 263 -25.34 7.08 -2.38
CA GLY C 263 -25.90 6.71 -1.08
C GLY C 263 -24.83 6.06 -0.21
N ILE C 264 -25.24 5.22 0.78
CA ILE C 264 -24.32 4.54 1.72
C ILE C 264 -24.63 3.04 1.93
N PHE C 265 -23.61 2.23 2.35
CA PHE C 265 -23.79 0.81 2.72
C PHE C 265 -23.93 0.73 4.25
N LEU C 266 -24.93 -0.02 4.73
CA LEU C 266 -25.21 -0.10 6.18
C LEU C 266 -24.52 -1.27 6.88
N HIS C 267 -23.20 -1.38 6.73
CA HIS C 267 -22.38 -2.46 7.28
C HIS C 267 -22.65 -2.77 8.76
N ASP C 268 -22.24 -1.88 9.66
CA ASP C 268 -22.38 -2.06 11.11
C ASP C 268 -23.87 -2.13 11.55
N PRO C 269 -24.81 -1.27 11.08
CA PRO C 269 -26.23 -1.46 11.47
C PRO C 269 -26.82 -2.85 11.14
N VAL C 270 -26.37 -3.49 10.02
CA VAL C 270 -26.84 -4.83 9.61
C VAL C 270 -26.38 -5.91 10.60
N SER C 271 -25.12 -5.82 11.10
CA SER C 271 -24.56 -6.76 12.08
C SER C 271 -25.30 -6.65 13.43
N PHE C 272 -25.80 -5.42 13.75
CA PHE C 272 -26.60 -5.18 14.95
C PHE C 272 -28.00 -5.83 14.76
N THR C 273 -28.51 -5.80 13.52
CA THR C 273 -29.79 -6.41 13.14
C THR C 273 -29.69 -7.94 13.31
N ALA C 274 -28.51 -8.54 13.02
CA ALA C 274 -28.23 -9.98 13.21
C ALA C 274 -28.22 -10.40 14.70
N VAL C 275 -27.90 -9.46 15.61
CA VAL C 275 -27.90 -9.69 17.06
C VAL C 275 -29.34 -9.87 17.56
N LEU C 276 -30.24 -8.93 17.18
CA LEU C 276 -31.63 -8.85 17.62
C LEU C 276 -32.62 -9.67 16.82
N HIS C 277 -32.41 -9.71 15.50
CA HIS C 277 -33.25 -10.42 14.57
C HIS C 277 -32.43 -11.35 13.66
N PRO C 278 -31.86 -12.46 14.21
CA PRO C 278 -31.12 -13.41 13.33
C PRO C 278 -32.03 -14.10 12.32
N GLU C 279 -33.36 -14.11 12.58
CA GLU C 279 -34.40 -14.69 11.71
C GLU C 279 -34.58 -13.94 10.37
N TYR C 280 -33.98 -12.73 10.23
CA TYR C 280 -33.99 -11.91 9.01
C TYR C 280 -32.84 -12.37 8.07
N PHE C 281 -32.08 -13.41 8.48
CA PHE C 281 -30.93 -13.98 7.77
C PHE C 281 -30.98 -15.51 7.83
N THR C 282 -30.19 -16.18 6.97
CA THR C 282 -29.94 -17.62 7.02
C THR C 282 -28.43 -17.72 7.25
N PHE C 283 -27.98 -18.79 7.91
CA PHE C 283 -26.56 -18.98 8.23
C PHE C 283 -26.08 -20.36 7.78
N LYS C 284 -24.79 -20.48 7.46
CA LYS C 284 -24.18 -21.77 7.14
C LYS C 284 -23.08 -22.03 8.17
N LYS C 285 -22.97 -23.28 8.63
CA LYS C 285 -21.93 -23.67 9.58
C LYS C 285 -20.68 -24.11 8.83
N GLY C 286 -19.53 -23.77 9.38
CA GLY C 286 -18.24 -24.10 8.80
C GLY C 286 -17.06 -23.42 9.46
N VAL C 287 -15.89 -24.09 9.36
CA VAL C 287 -14.60 -23.62 9.89
C VAL C 287 -14.13 -22.46 9.03
N VAL C 288 -13.75 -21.35 9.66
CA VAL C 288 -13.25 -20.15 8.98
C VAL C 288 -11.78 -19.97 9.35
N ARG C 289 -10.94 -19.77 8.32
CA ARG C 289 -9.52 -19.47 8.48
C ARG C 289 -9.23 -18.13 7.82
N VAL C 290 -8.21 -17.42 8.32
CA VAL C 290 -7.81 -16.11 7.77
C VAL C 290 -6.38 -16.20 7.24
N GLU C 291 -6.15 -15.72 6.00
CA GLU C 291 -4.83 -15.65 5.40
C GLU C 291 -4.10 -14.44 6.03
N THR C 292 -2.87 -14.67 6.52
CA THR C 292 -2.10 -13.68 7.25
C THR C 292 -0.89 -13.15 6.49
N GLN C 293 -0.58 -13.74 5.33
CA GLN C 293 0.57 -13.36 4.49
C GLN C 293 0.24 -13.39 2.99
N GLY C 294 1.09 -12.79 2.17
CA GLY C 294 0.93 -12.77 0.73
C GLY C 294 -0.07 -11.76 0.20
N ILE C 295 -0.41 -11.89 -1.10
CA ILE C 295 -1.35 -11.04 -1.81
C ILE C 295 -2.79 -11.14 -1.23
N CYS C 296 -3.13 -12.28 -0.59
CA CYS C 296 -4.44 -12.54 -0.02
C CYS C 296 -4.50 -12.30 1.49
N THR C 297 -3.54 -11.54 2.08
CA THR C 297 -3.54 -11.16 3.50
C THR C 297 -4.92 -10.55 3.83
N GLY C 298 -5.57 -11.08 4.86
CA GLY C 298 -6.88 -10.64 5.29
C GLY C 298 -8.06 -11.37 4.67
N HIS C 299 -7.81 -12.31 3.73
CA HIS C 299 -8.87 -13.08 3.08
C HIS C 299 -9.51 -14.08 4.06
N THR C 300 -10.85 -14.08 4.13
CA THR C 300 -11.65 -14.98 4.97
C THR C 300 -12.20 -16.12 4.11
N LEU C 301 -11.92 -17.35 4.53
CA LEU C 301 -12.36 -18.51 3.80
C LEU C 301 -12.95 -19.56 4.71
N MET C 302 -14.14 -19.99 4.36
CA MET C 302 -14.94 -20.94 5.10
C MET C 302 -14.97 -22.31 4.41
N ASP C 303 -14.86 -23.40 5.20
CA ASP C 303 -15.00 -24.75 4.68
C ASP C 303 -16.43 -25.14 5.05
N GLN C 304 -17.31 -25.29 4.06
CA GLN C 304 -18.72 -25.65 4.27
C GLN C 304 -18.90 -27.08 4.78
N GLY C 305 -17.89 -27.93 4.62
CA GLY C 305 -17.90 -29.33 5.06
C GLY C 305 -18.73 -30.25 4.18
N LEU C 306 -19.00 -29.84 2.93
CA LEU C 306 -19.79 -30.62 1.96
C LEU C 306 -18.93 -31.56 1.11
N LYS C 307 -17.60 -31.54 1.32
CA LYS C 307 -16.68 -32.39 0.60
C LYS C 307 -15.71 -33.07 1.58
N LYS C 308 -15.57 -34.39 1.44
CA LYS C 308 -14.66 -35.20 2.25
C LYS C 308 -13.28 -35.08 1.62
N TRP C 309 -12.35 -34.39 2.30
CA TRP C 309 -10.99 -34.20 1.79
C TRP C 309 -10.16 -35.46 1.94
N ASN C 310 -9.26 -35.72 0.96
CA ASN C 310 -8.38 -36.88 0.97
C ASN C 310 -7.32 -36.77 2.06
N SER C 311 -6.81 -35.56 2.31
CA SER C 311 -5.80 -35.32 3.34
C SER C 311 -6.17 -34.11 4.21
N GLU C 312 -5.46 -33.93 5.33
CA GLU C 312 -5.70 -32.82 6.25
C GLU C 312 -5.23 -31.48 5.65
N ASN C 313 -5.90 -30.41 6.05
CA ASN C 313 -5.62 -29.06 5.57
C ASN C 313 -5.77 -28.04 6.72
N PRO C 314 -5.46 -26.73 6.52
CA PRO C 314 -5.61 -25.77 7.62
C PRO C 314 -7.03 -25.60 8.20
N TRP C 315 -8.08 -26.12 7.53
CA TRP C 315 -9.48 -26.05 7.96
C TRP C 315 -9.91 -27.27 8.80
N SER C 316 -9.07 -28.34 8.84
CA SER C 316 -9.29 -29.58 9.59
C SER C 316 -9.15 -29.39 11.10
N GLY C 317 -9.99 -30.09 11.87
CA GLY C 317 -9.94 -30.11 13.33
C GLY C 317 -10.54 -28.98 14.14
N TYR C 318 -10.87 -27.84 13.52
CA TYR C 318 -11.46 -26.73 14.26
C TYR C 318 -12.97 -26.84 14.42
N LYS C 319 -13.51 -26.09 15.39
CA LYS C 319 -14.94 -26.05 15.66
C LYS C 319 -15.55 -25.08 14.63
N PRO C 320 -16.61 -25.50 13.90
CA PRO C 320 -17.24 -24.57 12.93
C PRO C 320 -17.91 -23.37 13.61
N ILE C 321 -18.18 -22.31 12.83
CA ILE C 321 -18.87 -21.10 13.28
C ILE C 321 -20.02 -20.79 12.30
N SER C 322 -20.91 -19.83 12.65
CA SER C 322 -22.04 -19.45 11.79
C SER C 322 -21.69 -18.28 10.89
N VAL C 323 -21.90 -18.46 9.58
CA VAL C 323 -21.60 -17.44 8.57
C VAL C 323 -22.91 -17.03 7.90
N ALA C 324 -23.29 -15.73 7.98
CA ALA C 324 -24.51 -15.20 7.34
C ALA C 324 -24.45 -15.47 5.83
N TRP C 325 -25.47 -16.16 5.31
CA TRP C 325 -25.52 -16.59 3.92
C TRP C 325 -26.47 -15.79 3.03
N THR C 326 -27.67 -15.49 3.54
CA THR C 326 -28.69 -14.69 2.83
C THR C 326 -29.26 -13.66 3.81
N VAL C 327 -29.90 -12.61 3.26
CA VAL C 327 -30.50 -11.53 4.04
C VAL C 327 -31.86 -11.12 3.46
N ASP C 328 -32.85 -10.89 4.34
CA ASP C 328 -34.18 -10.39 3.95
C ASP C 328 -34.02 -8.87 4.03
N VAL C 329 -33.59 -8.25 2.90
CA VAL C 329 -33.30 -6.82 2.76
C VAL C 329 -34.51 -5.92 3.20
N PRO C 330 -35.79 -6.12 2.74
CA PRO C 330 -36.88 -5.23 3.21
C PRO C 330 -37.11 -5.21 4.73
N LYS C 331 -37.02 -6.39 5.39
CA LYS C 331 -37.18 -6.52 6.84
C LYS C 331 -36.04 -5.83 7.61
N VAL C 332 -34.79 -5.97 7.13
CA VAL C 332 -33.60 -5.35 7.73
C VAL C 332 -33.64 -3.82 7.58
N ILE C 333 -34.00 -3.32 6.38
CA ILE C 333 -34.15 -1.89 6.08
C ILE C 333 -35.26 -1.27 6.96
N SER C 334 -36.41 -1.98 7.10
CA SER C 334 -37.53 -1.54 7.93
C SER C 334 -37.09 -1.35 9.40
N PHE C 335 -36.35 -2.33 9.96
CA PHE C 335 -35.84 -2.31 11.34
C PHE C 335 -34.83 -1.16 11.59
N ILE C 336 -33.88 -0.95 10.64
CA ILE C 336 -32.84 0.09 10.72
C ILE C 336 -33.51 1.47 10.66
N LYS C 337 -34.35 1.71 9.62
CA LYS C 337 -35.08 2.97 9.41
C LYS C 337 -35.94 3.35 10.62
N LYS C 338 -36.63 2.37 11.24
CA LYS C 338 -37.50 2.66 12.40
C LYS C 338 -36.68 3.12 13.62
N LEU C 339 -35.43 2.61 13.79
CA LEU C 339 -34.57 3.02 14.89
C LEU C 339 -33.95 4.40 14.66
N LEU C 340 -33.51 4.67 13.42
CA LEU C 340 -32.89 5.94 13.01
C LEU C 340 -33.89 7.11 13.00
N MET C 341 -35.16 6.82 12.66
CA MET C 341 -36.22 7.82 12.55
C MET C 341 -37.16 7.90 13.78
N ALA C 342 -36.81 7.19 14.88
CA ALA C 342 -37.58 7.23 16.13
C ALA C 342 -37.31 8.55 16.87
N PRO C 343 -38.36 9.29 17.28
CA PRO C 343 -38.16 10.59 17.95
C PRO C 343 -37.59 10.55 19.36
N ARG D 28 -10.06 -25.46 -40.41
CA ARG D 28 -9.72 -26.14 -39.17
C ARG D 28 -8.85 -25.27 -38.26
N ASP D 29 -9.25 -25.11 -36.98
CA ASP D 29 -8.52 -24.33 -35.98
C ASP D 29 -7.43 -25.20 -35.34
N LYS D 30 -6.16 -24.73 -35.41
CA LYS D 30 -5.00 -25.43 -34.86
C LYS D 30 -5.03 -25.41 -33.34
N LEU D 31 -4.84 -26.58 -32.71
CA LEU D 31 -4.90 -26.69 -31.26
C LEU D 31 -3.81 -27.58 -30.68
N ILE D 32 -3.20 -27.12 -29.57
CA ILE D 32 -2.24 -27.88 -28.79
C ILE D 32 -2.95 -28.11 -27.46
N ILE D 33 -2.98 -29.37 -26.99
CA ILE D 33 -3.57 -29.72 -25.71
C ILE D 33 -2.44 -30.01 -24.71
N ASP D 34 -2.33 -29.16 -23.66
CA ASP D 34 -1.37 -29.34 -22.56
C ASP D 34 -2.15 -30.09 -21.49
N THR D 35 -1.70 -31.31 -21.17
CA THR D 35 -2.52 -32.21 -20.39
C THR D 35 -1.75 -33.19 -19.46
N ASP D 36 -2.44 -33.65 -18.40
CA ASP D 36 -1.93 -34.62 -17.45
C ASP D 36 -2.88 -35.84 -17.45
N PRO D 37 -3.03 -36.59 -18.58
CA PRO D 37 -4.04 -37.67 -18.62
C PRO D 37 -3.79 -38.81 -17.62
N GLY D 38 -4.73 -39.01 -16.66
CA GLY D 38 -5.98 -38.25 -16.48
C GLY D 38 -7.19 -38.85 -17.17
N ILE D 39 -8.28 -39.08 -16.42
CA ILE D 39 -9.51 -39.70 -16.93
C ILE D 39 -10.35 -38.71 -17.76
N ASP D 40 -10.67 -37.53 -17.21
CA ASP D 40 -11.44 -36.53 -17.97
C ASP D 40 -10.58 -35.93 -19.07
N ASP D 41 -9.24 -35.87 -18.86
CA ASP D 41 -8.29 -35.45 -19.89
C ASP D 41 -8.42 -36.36 -21.10
N SER D 42 -8.46 -37.70 -20.86
CA SER D 42 -8.56 -38.72 -21.90
C SER D 42 -9.86 -38.60 -22.66
N MET D 43 -10.99 -38.33 -21.96
CA MET D 43 -12.32 -38.12 -22.56
C MET D 43 -12.23 -36.94 -23.54
N THR D 44 -11.63 -35.82 -23.09
CA THR D 44 -11.40 -34.58 -23.85
C THR D 44 -10.54 -34.81 -25.11
N ILE D 45 -9.36 -35.45 -24.94
CA ILE D 45 -8.43 -35.75 -26.04
C ILE D 45 -9.15 -36.59 -27.11
N LEU D 46 -9.90 -37.64 -26.70
CA LEU D 46 -10.63 -38.51 -27.61
C LEU D 46 -11.78 -37.76 -28.31
N MET D 47 -12.47 -36.82 -27.60
CA MET D 47 -13.52 -35.96 -28.16
C MET D 47 -12.90 -35.04 -29.23
N ALA D 48 -11.76 -34.37 -28.87
CA ALA D 48 -11.00 -33.45 -29.72
C ALA D 48 -10.59 -34.07 -31.05
N PHE D 49 -10.19 -35.37 -31.06
CA PHE D 49 -9.81 -36.09 -32.28
C PHE D 49 -11.01 -36.34 -33.19
N ARG D 50 -12.23 -36.36 -32.62
CA ARG D 50 -13.48 -36.57 -33.35
C ARG D 50 -14.14 -35.26 -33.83
N ALA D 51 -13.67 -34.09 -33.33
CA ALA D 51 -14.20 -32.77 -33.70
C ALA D 51 -13.66 -32.36 -35.08
N PRO D 52 -14.54 -32.19 -36.12
CA PRO D 52 -14.02 -31.88 -37.46
C PRO D 52 -13.47 -30.47 -37.65
N SER D 53 -13.94 -29.50 -36.85
CA SER D 53 -13.50 -28.10 -36.91
C SER D 53 -12.10 -27.88 -36.30
N VAL D 54 -11.56 -28.91 -35.61
CA VAL D 54 -10.28 -28.86 -34.90
C VAL D 54 -9.19 -29.67 -35.58
N GLU D 55 -7.96 -29.13 -35.58
CA GLU D 55 -6.74 -29.80 -36.02
C GLU D 55 -5.80 -29.86 -34.79
N ILE D 56 -5.62 -31.07 -34.22
CA ILE D 56 -4.71 -31.27 -33.07
C ILE D 56 -3.30 -31.41 -33.62
N ILE D 57 -2.47 -30.40 -33.39
CA ILE D 57 -1.11 -30.40 -33.90
C ILE D 57 -0.10 -31.02 -32.89
N GLY D 58 -0.56 -31.28 -31.66
CA GLY D 58 0.25 -31.90 -30.63
C GLY D 58 -0.35 -31.97 -29.25
N LEU D 59 0.18 -32.90 -28.43
CA LEU D 59 -0.17 -33.09 -27.03
C LEU D 59 1.09 -32.81 -26.23
N THR D 60 1.02 -31.90 -25.26
CA THR D 60 2.14 -31.58 -24.39
C THR D 60 1.78 -32.06 -23.00
N THR D 61 2.70 -32.78 -22.33
CA THR D 61 2.34 -33.40 -21.04
C THR D 61 2.95 -32.74 -19.82
N ILE D 62 2.21 -32.87 -18.71
CA ILE D 62 2.55 -32.32 -17.40
C ILE D 62 2.09 -33.28 -16.29
N PHE D 63 2.61 -33.09 -15.07
CA PHE D 63 2.25 -33.86 -13.87
C PHE D 63 0.88 -33.33 -13.35
N GLY D 64 0.34 -33.97 -12.30
CA GLY D 64 -0.91 -33.55 -11.68
C GLY D 64 -1.77 -34.72 -11.25
N ASN D 65 -2.47 -35.32 -12.23
CA ASN D 65 -3.31 -36.50 -12.01
C ASN D 65 -2.43 -37.74 -11.81
N VAL D 66 -1.22 -37.68 -12.38
CA VAL D 66 -0.19 -38.72 -12.42
C VAL D 66 1.15 -37.98 -12.66
N ASP D 67 2.31 -38.65 -12.47
CA ASP D 67 3.62 -38.04 -12.77
C ASP D 67 3.74 -37.81 -14.28
N THR D 68 4.59 -36.85 -14.72
CA THR D 68 4.78 -36.50 -16.13
C THR D 68 5.03 -37.72 -17.02
N LYS D 69 5.87 -38.66 -16.57
CA LYS D 69 6.19 -39.88 -17.32
C LYS D 69 4.93 -40.75 -17.58
N GLY D 70 4.05 -40.84 -16.58
CA GLY D 70 2.77 -41.53 -16.67
C GLY D 70 1.79 -40.81 -17.60
N ALA D 71 1.84 -39.44 -17.61
CA ALA D 71 0.99 -38.61 -18.48
C ALA D 71 1.39 -38.81 -19.94
N THR D 72 2.72 -38.87 -20.23
CA THR D 72 3.30 -39.09 -21.56
C THR D 72 2.84 -40.45 -22.09
N ARG D 73 2.95 -41.51 -21.24
CA ARG D 73 2.55 -42.89 -21.55
C ARG D 73 1.08 -42.93 -21.99
N ASN D 74 0.21 -42.26 -21.23
CA ASN D 74 -1.23 -42.18 -21.51
C ASN D 74 -1.54 -41.41 -22.78
N ALA D 75 -0.88 -40.25 -22.99
CA ALA D 75 -1.06 -39.41 -24.17
C ALA D 75 -0.65 -40.16 -25.44
N LEU D 76 0.43 -40.94 -25.38
CA LEU D 76 0.89 -41.76 -26.50
C LEU D 76 -0.12 -42.87 -26.79
N LEU D 77 -0.69 -43.46 -25.73
CA LEU D 77 -1.71 -44.51 -25.83
C LEU D 77 -3.02 -43.98 -26.42
N LEU D 78 -3.39 -42.73 -26.08
CA LEU D 78 -4.59 -42.07 -26.60
C LEU D 78 -4.48 -41.77 -28.10
N CYS D 79 -3.29 -41.34 -28.57
CA CYS D 79 -2.97 -41.07 -29.97
C CYS D 79 -3.13 -42.35 -30.80
N GLU D 80 -2.64 -43.49 -30.26
CA GLU D 80 -2.73 -44.81 -30.87
C GLU D 80 -4.20 -45.28 -30.96
N ARG D 81 -4.93 -45.15 -29.84
CA ARG D 81 -6.36 -45.50 -29.71
C ARG D 81 -7.24 -44.71 -30.69
N ALA D 82 -6.90 -43.42 -30.93
CA ALA D 82 -7.62 -42.53 -31.84
C ALA D 82 -7.24 -42.75 -33.32
N GLY D 83 -6.25 -43.60 -33.58
CA GLY D 83 -5.77 -43.90 -34.93
C GLY D 83 -4.89 -42.82 -35.51
N CYS D 84 -4.27 -42.00 -34.63
CA CYS D 84 -3.36 -40.90 -34.98
C CYS D 84 -2.00 -41.04 -34.26
N PRO D 85 -1.23 -42.15 -34.43
CA PRO D 85 0.06 -42.24 -33.71
C PRO D 85 1.13 -41.23 -34.18
N GLU D 86 0.88 -40.54 -35.31
CA GLU D 86 1.76 -39.53 -35.90
C GLU D 86 1.70 -38.18 -35.16
N VAL D 87 0.59 -37.91 -34.43
CA VAL D 87 0.41 -36.67 -33.66
C VAL D 87 1.52 -36.60 -32.62
N PRO D 88 2.34 -35.51 -32.63
CA PRO D 88 3.46 -35.42 -31.68
C PRO D 88 3.06 -35.33 -30.21
N VAL D 89 3.80 -36.06 -29.35
CA VAL D 89 3.65 -36.00 -27.89
C VAL D 89 4.97 -35.44 -27.36
N ALA D 90 4.91 -34.25 -26.75
CA ALA D 90 6.10 -33.60 -26.18
C ALA D 90 6.01 -33.58 -24.66
N GLU D 91 6.96 -34.29 -24.00
CA GLU D 91 7.02 -34.40 -22.54
C GLU D 91 7.47 -33.06 -21.94
N GLY D 92 6.76 -32.64 -20.90
CA GLY D 92 7.07 -31.39 -20.22
C GLY D 92 7.81 -31.55 -18.92
N SER D 93 7.63 -30.56 -18.06
CA SER D 93 8.28 -30.49 -16.75
C SER D 93 7.83 -31.59 -15.79
N HIS D 94 8.80 -32.16 -15.06
CA HIS D 94 8.60 -33.21 -14.06
C HIS D 94 8.26 -32.66 -12.68
N GLU D 95 8.56 -31.37 -12.46
CA GLU D 95 8.27 -30.70 -11.20
C GLU D 95 7.77 -29.26 -11.42
N PRO D 96 7.09 -28.61 -10.43
CA PRO D 96 6.66 -27.21 -10.62
C PRO D 96 7.86 -26.25 -10.73
N LEU D 97 7.62 -24.98 -11.09
CA LEU D 97 8.67 -23.96 -11.20
C LEU D 97 9.51 -23.82 -9.92
N LYS D 98 8.88 -23.98 -8.75
CA LYS D 98 9.56 -23.92 -7.45
C LYS D 98 10.40 -25.18 -7.15
N GLY D 99 10.13 -26.26 -7.88
CA GLY D 99 10.83 -27.53 -7.73
C GLY D 99 10.16 -28.44 -6.73
N GLY D 100 10.72 -29.64 -6.57
CA GLY D 100 10.22 -30.64 -5.64
C GLY D 100 9.27 -31.62 -6.28
N LYS D 101 9.33 -32.90 -5.87
CA LYS D 101 8.48 -33.98 -6.38
C LYS D 101 7.00 -33.67 -6.12
N PRO D 102 6.16 -33.59 -7.18
CA PRO D 102 4.75 -33.25 -6.97
C PRO D 102 3.87 -34.36 -6.42
N ARG D 103 2.80 -33.98 -5.71
CA ARG D 103 1.80 -34.89 -5.16
C ARG D 103 0.79 -35.13 -6.27
N VAL D 104 0.49 -36.40 -6.59
CA VAL D 104 -0.42 -36.70 -7.69
C VAL D 104 -1.77 -37.20 -7.19
N ALA D 105 -2.81 -36.92 -8.01
CA ALA D 105 -4.21 -37.33 -7.76
C ALA D 105 -4.47 -38.78 -8.18
N ASP D 106 -3.77 -39.74 -7.54
CA ASP D 106 -3.95 -41.19 -7.79
C ASP D 106 -5.24 -41.74 -7.11
N PHE D 107 -5.74 -41.04 -6.09
CA PHE D 107 -6.99 -41.35 -5.39
C PHE D 107 -8.21 -40.92 -6.24
N VAL D 108 -7.98 -40.15 -7.35
CA VAL D 108 -9.01 -39.67 -8.28
C VAL D 108 -8.91 -40.41 -9.64
N HIS D 109 -7.67 -40.57 -10.14
CA HIS D 109 -7.42 -41.16 -11.44
C HIS D 109 -6.68 -42.51 -11.44
N GLY D 110 -6.44 -43.09 -10.26
CA GLY D 110 -5.77 -44.38 -10.18
C GLY D 110 -4.27 -44.30 -10.28
N SER D 111 -3.57 -45.41 -9.96
CA SER D 111 -2.10 -45.54 -9.97
C SER D 111 -1.47 -45.23 -11.33
N ASP D 112 -2.14 -45.63 -12.43
CA ASP D 112 -1.68 -45.40 -13.79
C ASP D 112 -2.19 -44.07 -14.41
N GLY D 113 -3.11 -43.40 -13.72
CA GLY D 113 -3.68 -42.15 -14.17
C GLY D 113 -4.93 -42.31 -15.02
N ILE D 114 -5.29 -43.55 -15.39
CA ILE D 114 -6.46 -43.82 -16.23
C ILE D 114 -7.44 -44.83 -15.57
N GLY D 115 -7.58 -44.76 -14.26
CA GLY D 115 -8.50 -45.60 -13.49
C GLY D 115 -8.12 -47.05 -13.31
N ASN D 116 -6.80 -47.35 -13.27
CA ASN D 116 -6.22 -48.68 -13.05
C ASN D 116 -6.58 -49.69 -14.15
N LEU D 117 -6.41 -49.30 -15.41
CA LEU D 117 -6.69 -50.21 -16.51
C LEU D 117 -5.46 -51.07 -16.79
N PHE D 118 -4.27 -50.59 -16.36
CA PHE D 118 -2.95 -51.24 -16.49
C PHE D 118 -2.74 -51.81 -17.88
N LEU D 119 -2.85 -50.91 -18.87
CA LEU D 119 -2.75 -51.25 -20.29
C LEU D 119 -1.32 -51.51 -20.74
N PRO D 120 -1.08 -52.35 -21.78
CA PRO D 120 0.28 -52.54 -22.29
C PRO D 120 0.87 -51.21 -22.79
N ALA D 121 2.20 -51.08 -22.77
CA ALA D 121 2.95 -49.88 -23.16
C ALA D 121 2.74 -49.48 -24.63
N PRO D 122 2.75 -48.16 -24.96
CA PRO D 122 2.58 -47.76 -26.37
C PRO D 122 3.81 -48.08 -27.22
N SER D 123 3.60 -48.23 -28.55
CA SER D 123 4.66 -48.48 -29.53
C SER D 123 5.24 -47.13 -29.98
N ALA D 124 4.35 -46.12 -30.08
CA ALA D 124 4.69 -44.74 -30.45
C ALA D 124 5.58 -44.12 -29.38
N LYS D 125 6.54 -43.29 -29.80
CA LYS D 125 7.45 -42.62 -28.89
C LYS D 125 7.26 -41.12 -28.92
N LYS D 126 7.59 -40.46 -27.80
CA LYS D 126 7.52 -39.01 -27.67
C LYS D 126 8.59 -38.34 -28.56
N VAL D 127 8.40 -37.04 -28.87
CA VAL D 127 9.38 -36.28 -29.65
C VAL D 127 10.59 -35.92 -28.74
N GLU D 128 11.72 -35.50 -29.34
CA GLU D 128 12.93 -35.13 -28.60
C GLU D 128 12.77 -33.85 -27.77
N GLU D 129 12.14 -32.81 -28.37
CA GLU D 129 11.97 -31.51 -27.71
C GLU D 129 11.01 -31.56 -26.52
N SER D 130 11.21 -30.65 -25.56
CA SER D 130 10.36 -30.52 -24.38
C SER D 130 9.03 -29.88 -24.79
N ALA D 131 7.99 -29.99 -23.93
CA ALA D 131 6.67 -29.38 -24.15
C ALA D 131 6.82 -27.87 -24.33
N ALA D 132 7.63 -27.19 -23.47
CA ALA D 132 7.89 -25.75 -23.53
C ALA D 132 8.46 -25.34 -24.89
N ASP D 133 9.44 -26.09 -25.42
CA ASP D 133 10.05 -25.84 -26.72
C ASP D 133 9.11 -26.13 -27.89
N PHE D 134 8.25 -27.17 -27.76
CA PHE D 134 7.24 -27.51 -28.78
C PHE D 134 6.19 -26.38 -28.87
N LEU D 135 5.75 -25.84 -27.71
CA LEU D 135 4.79 -24.73 -27.63
C LEU D 135 5.35 -23.48 -28.31
N ILE D 136 6.60 -23.12 -27.99
CA ILE D 136 7.29 -21.96 -28.58
C ILE D 136 7.43 -22.14 -30.12
N ASN D 137 7.89 -23.32 -30.58
CA ASN D 137 8.13 -23.63 -31.99
C ASN D 137 6.88 -23.62 -32.86
N LYS D 138 5.77 -24.22 -32.40
CA LYS D 138 4.53 -24.30 -33.18
C LYS D 138 3.78 -22.96 -33.20
N VAL D 139 3.91 -22.16 -32.12
CA VAL D 139 3.31 -20.82 -32.02
C VAL D 139 4.11 -19.84 -32.92
N SER D 140 5.43 -20.05 -33.07
CA SER D 140 6.29 -19.23 -33.95
C SER D 140 6.08 -19.61 -35.41
N GLU D 141 5.84 -20.91 -35.68
CA GLU D 141 5.61 -21.44 -37.03
C GLU D 141 4.29 -20.91 -37.60
N PHE D 142 3.24 -20.80 -36.76
CA PHE D 142 1.92 -20.31 -37.15
C PHE D 142 1.49 -19.15 -36.24
N PRO D 143 2.03 -17.92 -36.42
CA PRO D 143 1.65 -16.81 -35.51
C PRO D 143 0.17 -16.42 -35.63
N GLY D 144 -0.48 -16.25 -34.47
CA GLY D 144 -1.89 -15.90 -34.32
C GLY D 144 -2.90 -16.96 -34.74
N GLU D 145 -2.41 -18.19 -34.97
CA GLU D 145 -3.23 -19.30 -35.46
C GLU D 145 -3.44 -20.44 -34.48
N VAL D 146 -2.45 -20.67 -33.60
CA VAL D 146 -2.45 -21.80 -32.65
C VAL D 146 -3.10 -21.45 -31.31
N SER D 147 -4.10 -22.25 -30.95
CA SER D 147 -4.82 -22.15 -29.68
C SER D 147 -4.27 -23.23 -28.74
N VAL D 148 -4.16 -22.90 -27.45
CA VAL D 148 -3.66 -23.82 -26.44
C VAL D 148 -4.77 -24.12 -25.43
N LEU D 149 -5.11 -25.42 -25.28
CA LEU D 149 -6.09 -25.86 -24.27
C LEU D 149 -5.30 -26.48 -23.11
N ALA D 150 -5.25 -25.76 -21.98
CA ALA D 150 -4.51 -26.15 -20.78
C ALA D 150 -5.38 -26.91 -19.80
N LEU D 151 -5.11 -28.22 -19.67
CA LEU D 151 -5.86 -29.19 -18.86
C LEU D 151 -5.23 -29.62 -17.54
N GLY D 152 -3.98 -29.22 -17.29
CA GLY D 152 -3.28 -29.53 -16.04
C GLY D 152 -2.59 -28.31 -15.49
N PRO D 153 -1.64 -28.49 -14.52
CA PRO D 153 -0.84 -27.34 -14.03
C PRO D 153 -0.20 -26.60 -15.22
N LEU D 154 0.01 -25.28 -15.08
CA LEU D 154 0.42 -24.40 -16.16
C LEU D 154 1.94 -24.23 -16.37
N THR D 155 2.77 -25.13 -15.81
CA THR D 155 4.25 -25.12 -15.85
C THR D 155 4.84 -24.93 -17.26
N ASN D 156 4.44 -25.77 -18.23
CA ASN D 156 4.96 -25.69 -19.61
C ASN D 156 4.60 -24.40 -20.29
N VAL D 157 3.36 -23.92 -20.07
CA VAL D 157 2.83 -22.66 -20.62
C VAL D 157 3.64 -21.48 -20.08
N ALA D 158 3.91 -21.47 -18.75
CA ALA D 158 4.71 -20.44 -18.08
C ALA D 158 6.15 -20.45 -18.55
N LEU D 159 6.75 -21.64 -18.72
CA LEU D 159 8.10 -21.82 -19.23
C LEU D 159 8.25 -21.24 -20.64
N ALA D 160 7.23 -21.45 -21.49
CA ALA D 160 7.14 -20.95 -22.87
C ALA D 160 7.05 -19.41 -22.90
N ILE D 161 6.25 -18.82 -21.99
CA ILE D 161 6.09 -17.36 -21.81
C ILE D 161 7.42 -16.74 -21.34
N LYS D 162 8.12 -17.41 -20.39
CA LYS D 162 9.38 -16.91 -19.83
C LYS D 162 10.54 -17.01 -20.84
N ARG D 163 10.68 -18.16 -21.51
CA ARG D 163 11.76 -18.45 -22.46
C ARG D 163 11.62 -17.63 -23.74
N ASP D 164 10.37 -17.37 -24.15
CA ASP D 164 10.03 -16.62 -25.36
C ASP D 164 9.18 -15.39 -25.07
N PRO D 165 9.81 -14.20 -25.05
CA PRO D 165 9.05 -12.94 -24.83
C PRO D 165 7.95 -12.63 -25.86
N SER D 166 8.02 -13.20 -27.07
CA SER D 166 7.01 -12.99 -28.13
C SER D 166 5.85 -14.01 -28.12
N PHE D 167 5.95 -15.07 -27.28
CA PHE D 167 4.98 -16.17 -27.20
C PHE D 167 3.56 -15.70 -26.91
N ALA D 168 3.37 -14.88 -25.86
CA ALA D 168 2.07 -14.38 -25.40
C ALA D 168 1.32 -13.58 -26.44
N SER D 169 2.03 -12.89 -27.35
CA SER D 169 1.41 -12.11 -28.42
C SER D 169 1.02 -12.96 -29.64
N LYS D 170 1.75 -14.05 -29.93
CA LYS D 170 1.52 -14.90 -31.10
C LYS D 170 0.54 -16.05 -30.85
N VAL D 171 0.39 -16.50 -29.61
CA VAL D 171 -0.59 -17.55 -29.32
C VAL D 171 -1.98 -16.95 -29.60
N LYS D 172 -2.81 -17.66 -30.36
CA LYS D 172 -4.14 -17.16 -30.71
C LYS D 172 -5.00 -16.98 -29.46
N LYS D 173 -5.09 -18.04 -28.65
CA LYS D 173 -5.89 -18.06 -27.43
C LYS D 173 -5.39 -19.16 -26.53
N ILE D 174 -5.49 -18.93 -25.21
CA ILE D 174 -5.18 -19.93 -24.19
C ILE D 174 -6.48 -20.15 -23.39
N VAL D 175 -7.05 -21.37 -23.49
CA VAL D 175 -8.26 -21.76 -22.75
C VAL D 175 -7.76 -22.66 -21.62
N VAL D 176 -7.96 -22.21 -20.39
CA VAL D 176 -7.47 -22.86 -19.17
C VAL D 176 -8.59 -23.50 -18.35
N LEU D 177 -8.44 -24.81 -18.02
CA LEU D 177 -9.31 -25.45 -17.04
C LEU D 177 -8.53 -25.28 -15.73
N GLY D 178 -9.06 -24.45 -14.84
CA GLY D 178 -8.39 -24.19 -13.59
C GLY D 178 -9.01 -23.08 -12.77
N GLY D 179 -8.76 -23.13 -11.48
CA GLY D 179 -9.25 -22.17 -10.52
C GLY D 179 -10.60 -22.49 -9.91
N ALA D 180 -10.98 -21.68 -8.94
CA ALA D 180 -12.26 -21.69 -8.24
C ALA D 180 -12.49 -20.23 -7.93
N PHE D 181 -13.41 -19.61 -8.67
CA PHE D 181 -13.72 -18.18 -8.59
C PHE D 181 -14.97 -17.97 -7.76
N PHE D 182 -14.80 -17.38 -6.57
CA PHE D 182 -15.85 -17.13 -5.57
C PHE D 182 -16.59 -18.43 -5.21
N ALA D 183 -15.82 -19.52 -5.06
CA ALA D 183 -16.27 -20.87 -4.72
C ALA D 183 -15.13 -21.66 -4.08
N ALA D 184 -15.46 -22.78 -3.45
CA ALA D 184 -14.52 -23.70 -2.81
C ALA D 184 -13.64 -24.40 -3.84
N GLY D 185 -12.41 -24.72 -3.44
CA GLY D 185 -11.48 -25.47 -4.26
C GLY D 185 -11.75 -26.97 -4.12
N ASN D 186 -10.97 -27.82 -4.82
CA ASN D 186 -11.16 -29.28 -4.74
C ASN D 186 -9.96 -30.04 -4.11
N VAL D 187 -8.86 -29.31 -3.81
CA VAL D 187 -7.66 -29.84 -3.13
C VAL D 187 -7.94 -29.60 -1.64
N ASN D 188 -8.38 -28.38 -1.33
CA ASN D 188 -8.74 -27.90 -0.02
C ASN D 188 -9.75 -26.75 -0.24
N PRO D 189 -10.34 -26.12 0.81
CA PRO D 189 -11.30 -25.02 0.56
C PRO D 189 -10.82 -23.84 -0.32
N ALA D 190 -9.50 -23.61 -0.37
CA ALA D 190 -8.86 -22.49 -1.09
C ALA D 190 -8.53 -22.71 -2.53
N ALA D 191 -8.04 -23.91 -2.88
CA ALA D 191 -7.47 -24.11 -4.21
C ALA D 191 -8.01 -25.26 -5.05
N GLU D 192 -8.04 -25.02 -6.37
CA GLU D 192 -8.37 -26.02 -7.39
C GLU D 192 -7.00 -26.70 -7.71
N ALA D 193 -7.03 -28.02 -8.00
CA ALA D 193 -5.87 -28.89 -8.25
C ALA D 193 -4.82 -28.38 -9.25
N ASN D 194 -5.21 -28.04 -10.50
CA ASN D 194 -4.28 -27.54 -11.54
C ASN D 194 -3.48 -26.31 -11.09
N ILE D 195 -4.14 -25.34 -10.45
CA ILE D 195 -3.49 -24.13 -9.97
C ILE D 195 -2.58 -24.44 -8.79
N HIS D 196 -3.06 -25.27 -7.84
CA HIS D 196 -2.31 -25.69 -6.66
C HIS D 196 -1.03 -26.45 -7.04
N GLY D 197 -1.10 -27.19 -8.16
CA GLY D 197 0.03 -27.96 -8.71
C GLY D 197 1.24 -27.10 -9.06
N ASP D 198 1.00 -25.86 -9.51
CA ASP D 198 2.04 -24.86 -9.82
C ASP D 198 1.44 -23.44 -9.74
N PRO D 199 1.37 -22.85 -8.51
CA PRO D 199 0.78 -21.51 -8.36
C PRO D 199 1.54 -20.41 -9.08
N GLU D 200 2.89 -20.48 -9.07
CA GLU D 200 3.77 -19.51 -9.73
C GLU D 200 3.56 -19.49 -11.23
N ALA D 201 3.40 -20.67 -11.86
CA ALA D 201 3.16 -20.82 -13.29
C ALA D 201 1.82 -20.22 -13.72
N ALA D 202 0.76 -20.45 -12.91
CA ALA D 202 -0.59 -19.93 -13.16
C ALA D 202 -0.58 -18.39 -13.10
N ASP D 203 0.13 -17.81 -12.10
CA ASP D 203 0.26 -16.36 -11.94
C ASP D 203 1.00 -15.72 -13.15
N ILE D 204 2.06 -16.40 -13.64
CA ILE D 204 2.80 -15.97 -14.84
C ILE D 204 1.84 -15.95 -16.06
N VAL D 205 1.07 -17.03 -16.26
CA VAL D 205 0.11 -17.15 -17.37
C VAL D 205 -1.00 -16.08 -17.30
N PHE D 206 -1.65 -15.91 -16.14
CA PHE D 206 -2.76 -14.94 -15.97
C PHE D 206 -2.34 -13.47 -16.10
N THR D 207 -1.05 -13.16 -15.91
CA THR D 207 -0.52 -11.79 -16.02
C THR D 207 0.36 -11.57 -17.30
N SER D 208 0.39 -12.57 -18.21
CA SER D 208 1.22 -12.55 -19.44
C SER D 208 0.74 -11.57 -20.53
N GLY D 209 -0.54 -11.17 -20.50
CA GLY D 209 -1.09 -10.28 -21.51
C GLY D 209 -1.63 -11.01 -22.75
N ALA D 210 -1.60 -12.36 -22.72
CA ALA D 210 -2.14 -13.21 -23.79
C ALA D 210 -3.68 -13.22 -23.73
N ASP D 211 -4.33 -13.60 -24.82
CA ASP D 211 -5.79 -13.72 -24.88
C ASP D 211 -6.13 -15.05 -24.14
N ILE D 212 -6.55 -14.93 -22.88
CA ILE D 212 -6.86 -16.04 -21.98
C ILE D 212 -8.35 -16.14 -21.61
N VAL D 213 -8.85 -17.37 -21.60
CA VAL D 213 -10.20 -17.74 -21.17
C VAL D 213 -10.01 -18.78 -20.04
N VAL D 214 -10.46 -18.47 -18.81
CA VAL D 214 -10.34 -19.38 -17.66
C VAL D 214 -11.71 -19.96 -17.33
N VAL D 215 -11.77 -21.29 -17.15
CA VAL D 215 -12.98 -22.02 -16.78
C VAL D 215 -12.69 -22.69 -15.44
N GLY D 216 -13.23 -22.10 -14.37
CA GLY D 216 -13.06 -22.59 -13.01
C GLY D 216 -13.99 -23.74 -12.69
N ILE D 217 -13.73 -24.43 -11.55
CA ILE D 217 -14.57 -25.56 -11.11
C ILE D 217 -15.94 -25.07 -10.59
N ASN D 218 -16.11 -23.74 -10.38
CA ASN D 218 -17.39 -23.09 -10.03
C ASN D 218 -18.38 -23.28 -11.22
N ILE D 219 -17.82 -23.44 -12.44
CA ILE D 219 -18.57 -23.69 -13.67
C ILE D 219 -18.75 -25.21 -13.90
N THR D 220 -17.64 -25.96 -13.95
CA THR D 220 -17.59 -27.38 -14.32
C THR D 220 -18.31 -28.36 -13.36
N THR D 221 -18.43 -28.01 -12.05
CA THR D 221 -19.17 -28.85 -11.10
C THR D 221 -20.69 -28.85 -11.38
N GLN D 222 -21.16 -27.89 -12.20
CA GLN D 222 -22.56 -27.77 -12.65
C GLN D 222 -22.82 -28.75 -13.81
N VAL D 223 -21.76 -29.22 -14.50
CA VAL D 223 -21.85 -30.10 -15.68
C VAL D 223 -21.38 -31.54 -15.34
N CYS D 224 -22.36 -32.44 -15.16
CA CYS D 224 -22.18 -33.83 -14.73
C CYS D 224 -22.75 -34.89 -15.66
N LEU D 225 -22.28 -36.12 -15.44
CA LEU D 225 -22.79 -37.36 -16.03
C LEU D 225 -23.20 -38.20 -14.83
N THR D 226 -24.49 -38.52 -14.69
CA THR D 226 -25.02 -39.35 -13.59
C THR D 226 -24.66 -40.82 -13.87
N ASP D 227 -24.96 -41.75 -12.92
CA ASP D 227 -24.75 -43.18 -13.10
C ASP D 227 -25.53 -43.70 -14.32
N GLU D 228 -26.75 -43.15 -14.54
CA GLU D 228 -27.63 -43.46 -15.66
C GLU D 228 -27.01 -43.02 -16.99
N ASP D 229 -26.41 -41.79 -17.01
CA ASP D 229 -25.71 -41.21 -18.17
C ASP D 229 -24.49 -42.04 -18.55
N LEU D 230 -23.77 -42.56 -17.53
CA LEU D 230 -22.58 -43.39 -17.71
C LEU D 230 -22.98 -44.75 -18.29
N LEU D 231 -24.14 -45.29 -17.84
CA LEU D 231 -24.71 -46.55 -18.33
C LEU D 231 -25.17 -46.37 -19.78
N GLU D 232 -25.72 -45.18 -20.10
CA GLU D 232 -26.17 -44.80 -21.44
C GLU D 232 -24.95 -44.78 -22.39
N LEU D 233 -23.78 -44.30 -21.88
CA LEU D 233 -22.51 -44.26 -22.62
C LEU D 233 -22.02 -45.68 -22.91
N ARG D 234 -22.06 -46.58 -21.91
CA ARG D 234 -21.66 -47.99 -22.02
C ARG D 234 -22.47 -48.71 -23.08
N ASN D 235 -23.80 -48.48 -23.10
CA ASN D 235 -24.74 -49.10 -24.02
C ASN D 235 -24.81 -48.44 -25.40
N SER D 236 -24.14 -47.28 -25.58
CA SER D 236 -24.12 -46.55 -26.85
C SER D 236 -23.21 -47.23 -27.89
N LYS D 237 -23.23 -46.72 -29.14
CA LYS D 237 -22.42 -47.22 -30.24
C LYS D 237 -21.14 -46.38 -30.43
N GLY D 238 -20.82 -45.53 -29.44
CA GLY D 238 -19.65 -44.68 -29.42
C GLY D 238 -18.35 -45.44 -29.68
N LYS D 239 -17.46 -44.86 -30.50
CA LYS D 239 -16.17 -45.42 -30.90
C LYS D 239 -15.30 -45.85 -29.69
N HIS D 240 -15.26 -45.01 -28.64
CA HIS D 240 -14.48 -45.27 -27.43
C HIS D 240 -15.33 -45.53 -26.18
N ALA D 241 -16.65 -45.79 -26.36
CA ALA D 241 -17.63 -46.04 -25.29
C ALA D 241 -17.20 -47.03 -24.22
N ALA D 242 -16.73 -48.24 -24.62
CA ALA D 242 -16.28 -49.30 -23.71
C ALA D 242 -15.08 -48.87 -22.86
N PHE D 243 -14.07 -48.26 -23.51
CA PHE D 243 -12.86 -47.76 -22.88
C PHE D 243 -13.14 -46.60 -21.91
N LEU D 244 -13.98 -45.63 -22.35
CA LEU D 244 -14.36 -44.46 -21.55
C LEU D 244 -15.12 -44.87 -20.29
N TYR D 245 -16.00 -45.87 -20.40
CA TYR D 245 -16.79 -46.41 -19.29
C TYR D 245 -15.92 -47.10 -18.24
N GLU D 246 -14.94 -47.93 -18.69
CA GLU D 246 -14.02 -48.65 -17.79
C GLU D 246 -13.20 -47.65 -16.97
N MET D 247 -12.70 -46.60 -17.62
CA MET D 247 -11.92 -45.53 -17.00
C MET D 247 -12.74 -44.80 -15.94
N CYS D 248 -13.98 -44.41 -16.31
CA CYS D 248 -14.91 -43.64 -15.50
C CYS D 248 -15.39 -44.32 -14.23
N LYS D 249 -15.23 -45.67 -14.09
CA LYS D 249 -15.61 -46.45 -12.91
C LYS D 249 -14.87 -45.95 -11.67
N PHE D 250 -13.53 -45.79 -11.79
CA PHE D 250 -12.66 -45.31 -10.71
C PHE D 250 -12.97 -43.84 -10.41
N TYR D 251 -13.13 -43.02 -11.49
CA TYR D 251 -13.47 -41.60 -11.41
C TYR D 251 -14.79 -41.43 -10.64
N ARG D 252 -15.83 -42.23 -10.97
CA ARG D 252 -17.15 -42.22 -10.32
C ARG D 252 -17.07 -42.57 -8.85
N ASP D 253 -16.24 -43.59 -8.51
CA ASP D 253 -16.04 -44.03 -7.13
C ASP D 253 -15.52 -42.87 -6.27
N TRP D 254 -14.57 -42.07 -6.80
CA TRP D 254 -14.04 -40.90 -6.09
C TRP D 254 -15.13 -39.84 -5.79
N HIS D 255 -16.00 -39.52 -6.77
CA HIS D 255 -17.10 -38.55 -6.58
C HIS D 255 -18.11 -39.02 -5.53
N ALA D 256 -18.40 -40.33 -5.48
CA ALA D 256 -19.33 -40.93 -4.53
C ALA D 256 -18.75 -40.94 -3.10
N LYS D 257 -17.40 -41.09 -2.97
CA LYS D 257 -16.69 -41.11 -1.67
C LYS D 257 -16.43 -39.72 -1.12
N SER D 258 -16.07 -38.77 -1.99
CA SER D 258 -15.68 -37.42 -1.60
C SER D 258 -16.78 -36.37 -1.70
N ASP D 259 -17.42 -36.24 -2.87
CA ASP D 259 -18.46 -35.24 -3.12
C ASP D 259 -19.87 -35.71 -2.75
N GLY D 260 -20.05 -37.02 -2.58
CA GLY D 260 -21.33 -37.64 -2.28
C GLY D 260 -22.24 -37.68 -3.49
N PHE D 261 -21.66 -37.59 -4.70
CA PHE D 261 -22.42 -37.56 -5.94
C PHE D 261 -22.30 -38.86 -6.74
N HIS D 262 -23.43 -39.39 -7.21
CA HIS D 262 -23.51 -40.61 -8.01
C HIS D 262 -23.34 -40.29 -9.50
N GLY D 263 -22.08 -40.23 -9.89
CA GLY D 263 -21.64 -39.88 -11.23
C GLY D 263 -20.29 -39.18 -11.21
N ILE D 264 -20.01 -38.36 -12.23
CA ILE D 264 -18.72 -37.64 -12.41
C ILE D 264 -18.90 -36.19 -12.84
N PHE D 265 -17.89 -35.32 -12.59
CA PHE D 265 -17.89 -33.93 -13.06
C PHE D 265 -17.06 -33.90 -14.34
N LEU D 266 -17.55 -33.19 -15.36
CA LEU D 266 -16.89 -33.12 -16.67
C LEU D 266 -15.97 -31.92 -16.83
N HIS D 267 -15.02 -31.72 -15.89
CA HIS D 267 -14.06 -30.61 -15.88
C HIS D 267 -13.40 -30.31 -17.24
N ASP D 268 -12.49 -31.19 -17.70
CA ASP D 268 -11.75 -30.99 -18.96
C ASP D 268 -12.67 -30.98 -20.19
N PRO D 269 -13.69 -31.88 -20.35
CA PRO D 269 -14.58 -31.76 -21.53
C PRO D 269 -15.32 -30.41 -21.64
N VAL D 270 -15.66 -29.76 -20.50
CA VAL D 270 -16.34 -28.46 -20.47
C VAL D 270 -15.42 -27.34 -21.01
N SER D 271 -14.12 -27.36 -20.65
CA SER D 271 -13.14 -26.39 -21.13
C SER D 271 -12.91 -26.52 -22.63
N PHE D 272 -13.06 -27.76 -23.18
CA PHE D 272 -12.98 -28.03 -24.62
C PHE D 272 -14.24 -27.45 -25.31
N THR D 273 -15.39 -27.52 -24.62
CA THR D 273 -16.67 -26.98 -25.09
C THR D 273 -16.57 -25.44 -25.19
N ALA D 274 -15.83 -24.79 -24.26
CA ALA D 274 -15.58 -23.34 -24.27
C ALA D 274 -14.71 -22.91 -25.46
N VAL D 275 -13.85 -23.82 -25.99
CA VAL D 275 -12.98 -23.56 -27.16
C VAL D 275 -13.87 -23.45 -28.41
N LEU D 276 -14.75 -24.44 -28.63
CA LEU D 276 -15.62 -24.59 -29.81
C LEU D 276 -16.93 -23.84 -29.76
N HIS D 277 -17.56 -23.78 -28.58
CA HIS D 277 -18.85 -23.12 -28.36
C HIS D 277 -18.82 -22.16 -27.17
N PRO D 278 -18.05 -21.04 -27.25
CA PRO D 278 -18.05 -20.07 -26.14
C PRO D 278 -19.42 -19.44 -25.89
N GLU D 279 -20.32 -19.51 -26.89
CA GLU D 279 -21.70 -19.00 -26.84
C GLU D 279 -22.61 -19.78 -25.86
N TYR D 280 -22.14 -20.96 -25.36
CA TYR D 280 -22.85 -21.80 -24.37
C TYR D 280 -22.53 -21.30 -22.93
N PHE D 281 -21.73 -20.21 -22.83
CA PHE D 281 -21.28 -19.60 -21.58
C PHE D 281 -21.37 -18.07 -21.68
N THR D 282 -21.32 -17.39 -20.52
CA THR D 282 -21.16 -15.93 -20.42
C THR D 282 -19.81 -15.77 -19.71
N PHE D 283 -19.12 -14.66 -19.96
CA PHE D 283 -17.82 -14.40 -19.38
C PHE D 283 -17.76 -13.02 -18.76
N LYS D 284 -16.93 -12.85 -17.74
CA LYS D 284 -16.69 -11.54 -17.13
C LYS D 284 -15.21 -11.23 -17.32
N LYS D 285 -14.92 -9.97 -17.67
CA LYS D 285 -13.56 -9.53 -17.85
C LYS D 285 -13.01 -9.06 -16.49
N GLY D 286 -11.74 -9.36 -16.25
CA GLY D 286 -11.06 -8.96 -15.02
C GLY D 286 -9.67 -9.55 -14.87
N VAL D 287 -8.83 -8.85 -14.13
CA VAL D 287 -7.45 -9.25 -13.81
C VAL D 287 -7.51 -10.38 -12.78
N VAL D 288 -6.76 -11.45 -13.05
CA VAL D 288 -6.69 -12.63 -12.17
C VAL D 288 -5.27 -12.76 -11.58
N ARG D 289 -5.17 -12.86 -10.23
CA ARG D 289 -3.92 -13.11 -9.51
C ARG D 289 -4.04 -14.46 -8.78
N VAL D 290 -2.90 -15.12 -8.55
CA VAL D 290 -2.80 -16.42 -7.86
C VAL D 290 -1.96 -16.26 -6.59
N GLU D 291 -2.49 -16.72 -5.43
CA GLU D 291 -1.78 -16.77 -4.15
C GLU D 291 -0.74 -17.91 -4.24
N THR D 292 0.51 -17.61 -3.92
CA THR D 292 1.63 -18.54 -4.05
C THR D 292 2.19 -19.03 -2.72
N GLN D 293 1.73 -18.45 -1.60
CA GLN D 293 2.20 -18.78 -0.25
C GLN D 293 1.05 -18.83 0.77
N GLY D 294 1.32 -19.41 1.93
CA GLY D 294 0.37 -19.52 3.02
C GLY D 294 -0.69 -20.60 2.86
N ILE D 295 -1.71 -20.54 3.73
CA ILE D 295 -2.84 -21.48 3.74
C ILE D 295 -3.70 -21.41 2.46
N CYS D 296 -3.68 -20.26 1.74
CA CYS D 296 -4.45 -20.06 0.52
C CYS D 296 -3.61 -20.23 -0.76
N THR D 297 -2.42 -20.91 -0.68
CA THR D 297 -1.57 -21.25 -1.83
C THR D 297 -2.49 -21.90 -2.89
N GLY D 298 -2.44 -21.37 -4.11
CA GLY D 298 -3.23 -21.87 -5.23
C GLY D 298 -4.58 -21.22 -5.42
N HIS D 299 -4.98 -20.29 -4.53
CA HIS D 299 -6.26 -19.58 -4.65
C HIS D 299 -6.24 -18.61 -5.82
N THR D 300 -7.30 -18.66 -6.67
CA THR D 300 -7.49 -17.77 -7.82
C THR D 300 -8.49 -16.66 -7.46
N LEU D 301 -8.10 -15.42 -7.72
CA LEU D 301 -8.95 -14.29 -7.41
C LEU D 301 -8.94 -13.26 -8.53
N MET D 302 -10.13 -12.87 -8.94
CA MET D 302 -10.40 -11.95 -10.03
C MET D 302 -10.89 -10.59 -9.53
N ASP D 303 -10.36 -9.50 -10.12
CA ASP D 303 -10.86 -8.15 -9.82
C ASP D 303 -11.79 -7.82 -10.98
N GLN D 304 -13.09 -7.69 -10.70
CA GLN D 304 -14.09 -7.37 -11.73
C GLN D 304 -13.96 -5.94 -12.30
N GLY D 305 -13.24 -5.06 -11.59
CA GLY D 305 -13.00 -3.68 -12.00
C GLY D 305 -14.17 -2.75 -11.87
N LEU D 306 -15.19 -3.11 -11.06
CA LEU D 306 -16.39 -2.30 -10.87
C LEU D 306 -16.25 -1.28 -9.72
N LYS D 307 -15.10 -1.30 -9.04
CA LYS D 307 -14.81 -0.45 -7.89
C LYS D 307 -13.46 0.25 -8.05
N LYS D 308 -13.45 1.57 -7.81
CA LYS D 308 -12.23 2.36 -7.83
C LYS D 308 -11.55 2.21 -6.46
N TRP D 309 -10.39 1.59 -6.40
CA TRP D 309 -9.70 1.42 -5.11
C TRP D 309 -8.97 2.71 -4.73
N ASN D 310 -8.92 3.02 -3.40
CA ASN D 310 -8.18 4.20 -2.92
C ASN D 310 -6.69 4.05 -3.17
N SER D 311 -6.16 2.82 -3.03
CA SER D 311 -4.76 2.46 -3.24
C SER D 311 -4.62 1.38 -4.28
N GLU D 312 -3.44 1.35 -4.95
CA GLU D 312 -3.13 0.32 -5.93
C GLU D 312 -2.81 -1.00 -5.22
N ASN D 313 -2.97 -2.11 -5.92
CA ASN D 313 -2.83 -3.46 -5.35
C ASN D 313 -2.26 -4.43 -6.39
N PRO D 314 -2.01 -5.74 -6.05
CA PRO D 314 -1.49 -6.68 -7.07
C PRO D 314 -2.35 -6.90 -8.32
N TRP D 315 -3.62 -6.48 -8.30
CA TRP D 315 -4.55 -6.63 -9.42
C TRP D 315 -4.54 -5.39 -10.38
N SER D 316 -3.90 -4.29 -9.97
CA SER D 316 -3.81 -3.04 -10.73
C SER D 316 -2.88 -3.13 -11.93
N GLY D 317 -3.25 -2.41 -12.99
CA GLY D 317 -2.47 -2.23 -14.22
C GLY D 317 -2.37 -3.38 -15.21
N TYR D 318 -2.70 -4.61 -14.79
CA TYR D 318 -2.66 -5.78 -15.68
C TYR D 318 -3.79 -5.80 -16.69
N LYS D 319 -3.57 -6.53 -17.77
CA LYS D 319 -4.58 -6.68 -18.82
C LYS D 319 -5.60 -7.67 -18.30
N PRO D 320 -6.90 -7.34 -18.30
CA PRO D 320 -7.90 -8.31 -17.85
C PRO D 320 -7.99 -9.52 -18.77
N ILE D 321 -8.56 -10.62 -18.24
CA ILE D 321 -8.75 -11.86 -18.98
C ILE D 321 -10.24 -12.26 -18.87
N SER D 322 -10.69 -13.26 -19.64
CA SER D 322 -12.07 -13.70 -19.64
C SER D 322 -12.25 -14.86 -18.67
N VAL D 323 -13.22 -14.71 -17.73
CA VAL D 323 -13.53 -15.72 -16.71
C VAL D 323 -14.95 -16.19 -16.94
N ALA D 324 -15.13 -17.50 -17.21
CA ALA D 324 -16.46 -18.10 -17.41
C ALA D 324 -17.33 -17.85 -16.17
N TRP D 325 -18.51 -17.22 -16.36
CA TRP D 325 -19.40 -16.81 -15.28
C TRP D 325 -20.64 -17.67 -15.12
N THR D 326 -21.30 -18.01 -16.23
CA THR D 326 -22.48 -18.88 -16.27
C THR D 326 -22.29 -19.91 -17.38
N VAL D 327 -23.06 -21.01 -17.31
CA VAL D 327 -23.01 -22.10 -18.29
C VAL D 327 -24.43 -22.58 -18.61
N ASP D 328 -24.69 -22.83 -19.91
CA ASP D 328 -25.94 -23.42 -20.39
C ASP D 328 -25.66 -24.93 -20.32
N VAL D 329 -25.97 -25.54 -19.16
CA VAL D 329 -25.75 -26.96 -18.84
C VAL D 329 -26.38 -27.91 -19.89
N PRO D 330 -27.69 -27.81 -20.30
CA PRO D 330 -28.22 -28.74 -21.30
C PRO D 330 -27.50 -28.74 -22.66
N LYS D 331 -27.12 -27.54 -23.16
CA LYS D 331 -26.39 -27.39 -24.42
C LYS D 331 -24.98 -28.00 -24.36
N VAL D 332 -24.27 -27.81 -23.22
CA VAL D 332 -22.92 -28.33 -22.99
C VAL D 332 -22.95 -29.87 -22.88
N ILE D 333 -23.91 -30.40 -22.12
CA ILE D 333 -24.13 -31.85 -21.95
C ILE D 333 -24.45 -32.51 -23.31
N SER D 334 -25.33 -31.86 -24.12
CA SER D 334 -25.70 -32.35 -25.45
C SER D 334 -24.47 -32.47 -26.38
N PHE D 335 -23.59 -31.43 -26.39
CA PHE D 335 -22.36 -31.39 -27.20
C PHE D 335 -21.33 -32.48 -26.79
N ILE D 336 -21.13 -32.66 -25.47
CA ILE D 336 -20.20 -33.64 -24.90
C ILE D 336 -20.68 -35.07 -25.24
N LYS D 337 -21.96 -35.37 -24.90
CA LYS D 337 -22.60 -36.66 -25.18
C LYS D 337 -22.55 -37.05 -26.65
N LYS D 338 -22.78 -36.08 -27.58
CA LYS D 338 -22.77 -36.39 -29.02
C LYS D 338 -21.36 -36.77 -29.51
N LEU D 339 -20.29 -36.19 -28.91
CA LEU D 339 -18.91 -36.54 -29.28
C LEU D 339 -18.49 -37.90 -28.71
N LEU D 340 -18.85 -38.17 -27.44
CA LEU D 340 -18.53 -39.41 -26.72
C LEU D 340 -19.28 -40.62 -27.30
N MET D 341 -20.51 -40.40 -27.82
CA MET D 341 -21.38 -41.46 -28.35
C MET D 341 -21.36 -41.57 -29.88
N ALA D 342 -20.48 -40.82 -30.56
CA ALA D 342 -20.34 -40.88 -32.03
C ALA D 342 -19.59 -42.17 -32.44
N PRO D 343 -20.13 -42.97 -33.39
CA PRO D 343 -19.48 -44.24 -33.77
C PRO D 343 -18.18 -44.11 -34.55
CA CA E . 5.21 28.34 19.66
O5' IMH F . 9.28 23.72 16.58
C5' IMH F . 9.34 25.13 16.76
C4' IMH F . 8.09 25.61 17.48
N4' IMH F . 7.76 24.82 18.68
C3' IMH F . 8.17 27.05 18.00
O3' IMH F . 6.97 27.78 17.73
C2' IMH F . 8.48 26.94 19.50
O2' IMH F . 7.53 27.61 20.33
C1' IMH F . 8.44 25.42 19.83
C9 IMH F . 9.78 24.74 20.09
C8 IMH F . 11.00 25.33 20.15
N7 IMH F . 11.99 24.39 20.16
C5 IMH F . 11.41 23.14 20.14
C6 IMH F . 11.87 21.82 20.11
O6 IMH F . 13.17 21.57 20.08
N1 IMH F . 10.99 20.75 20.07
C2 IMH F . 9.66 21.01 20.05
N3 IMH F . 9.15 22.27 20.06
C4 IMH F . 10.02 23.31 20.11
S DMS G . -6.26 29.87 32.77
O DMS G . -7.49 30.22 32.02
C1 DMS G . -6.59 30.45 34.41
C2 DMS G . -6.34 28.11 33.03
S DMS H . 17.76 14.57 25.65
O DMS H . 18.60 14.96 24.51
C1 DMS H . 17.90 12.80 25.72
C2 DMS H . 18.70 14.98 27.10
S DMS I . 0.62 13.46 15.59
O DMS I . -0.72 13.44 15.07
C1 DMS I . 0.40 13.93 17.27
C2 DMS I . 1.07 11.76 15.81
C1 EDO J . 6.83 17.90 20.85
O1 EDO J . 6.14 17.03 21.73
C2 EDO J . 5.85 18.89 20.25
O2 EDO J . 5.23 19.62 21.31
C1 EDO K . -6.80 18.70 0.70
O1 EDO K . -5.82 19.68 0.39
C2 EDO K . -6.63 18.25 2.17
O2 EDO K . -6.48 19.40 3.00
C1 EDO L . 15.31 27.11 2.19
O1 EDO L . 15.86 27.12 3.49
C2 EDO L . 16.11 26.08 1.39
O2 EDO L . 15.66 24.81 1.77
C1 EDO M . 7.76 10.71 17.68
O1 EDO M . 9.00 11.07 18.23
C2 EDO M . 8.08 9.64 16.64
O2 EDO M . 8.99 10.24 15.76
C1 EDO N . 12.06 36.72 37.42
O1 EDO N . 12.52 37.85 36.72
C2 EDO N . 10.62 36.44 37.02
O2 EDO N . 10.12 35.45 37.89
CA CA O . 18.47 3.24 -14.26
O5' IMH P . 15.63 8.72 -11.41
C5' IMH P . 16.92 8.40 -11.91
C4' IMH P . 16.94 6.94 -12.37
N4' IMH P . 15.82 6.57 -13.27
C3' IMH P . 18.18 6.56 -13.17
O3' IMH P . 18.72 5.31 -12.75
C2' IMH P . 17.75 6.57 -14.65
O2' IMH P . 18.01 5.33 -15.32
C1' IMH P . 16.24 6.84 -14.65
C9 IMH P . 15.79 8.24 -15.09
C8 IMH P . 16.57 9.22 -15.63
N7 IMH P . 15.86 10.39 -15.71
C5 IMH P . 14.59 10.18 -15.25
C6 IMH P . 13.44 10.95 -15.08
O6 IMH P . 13.45 12.24 -15.35
N1 IMH P . 12.27 10.39 -14.60
C2 IMH P . 12.25 9.06 -14.30
N3 IMH P . 13.34 8.27 -14.42
C4 IMH P . 14.49 8.82 -14.87
S DMS Q . 7.52 6.96 -25.94
O DMS Q . 7.96 7.16 -27.34
C1 DMS Q . 7.02 8.56 -25.33
C2 DMS Q . 5.90 6.22 -26.04
S DMS R . 7.45 -10.01 -5.30
O DMS R . 5.98 -10.08 -5.42
C1 DMS R . 8.07 -11.52 -5.98
C2 DMS R . 7.90 -8.95 -6.61
S DMS S . 2.45 10.84 -9.20
O DMS S . 2.92 11.52 -7.96
C1 DMS S . 3.59 11.36 -10.44
C2 DMS S . 3.03 9.17 -9.10
C1 PEG T . 33.93 -10.13 -19.03
O1 PEG T . 33.50 -11.42 -18.66
C2 PEG T . 33.86 -9.19 -17.87
O2 PEG T . 33.99 -7.86 -18.35
C3 PEG T . 34.67 -7.00 -17.44
C4 PEG T . 35.07 -5.76 -18.13
O4 PEG T . 35.35 -4.70 -17.23
C1 PGE U . 25.89 15.90 25.18
O1 PGE U . 27.16 15.32 24.86
C2 PGE U . 25.50 17.00 24.22
O2 PGE U . 25.39 16.48 22.90
C3 PGE U . 24.32 17.06 22.15
C4 PGE U . 24.53 16.88 20.69
O4 PGE U . 24.42 12.84 19.20
C6 PGE U . 25.39 13.84 18.90
C5 PGE U . 24.82 15.23 19.01
O3 PGE U . 24.41 15.51 20.34
C1 EDO V . 23.12 17.67 0.81
O1 EDO V . 21.72 17.86 0.89
C2 EDO V . 23.39 16.48 -0.11
O2 EDO V . 23.27 16.93 -1.46
C1 EDO W . 31.48 3.27 2.53
O1 EDO W . 31.30 2.56 3.75
C2 EDO W . 32.24 4.59 2.78
O2 EDO W . 32.34 5.31 1.57
C1 EDO X . 20.42 10.37 19.64
O1 EDO X . 19.02 10.25 19.83
C2 EDO X . 20.82 9.94 18.21
O2 EDO X . 20.70 11.01 17.31
C1 EDO Y . 34.38 16.12 -3.20
O1 EDO Y . 34.00 17.46 -3.46
C2 EDO Y . 35.78 16.12 -2.55
O2 EDO Y . 36.33 14.82 -2.62
CA CA Z . -16.65 -0.16 12.13
O5' IMH AA . -15.23 -2.79 5.95
C5' IMH AA . -16.42 -2.55 6.65
C4' IMH AA . -16.08 -2.03 8.04
N4' IMH AA . -15.10 -0.92 8.05
C3' IMH AA . -17.27 -1.45 8.80
O3' IMH AA . -17.30 -1.90 10.16
C2' IMH AA . -17.15 0.08 8.68
O2' IMH AA . -17.14 0.75 9.93
C1' IMH AA . -15.82 0.34 7.95
C9 IMH AA . -15.93 0.80 6.50
C8 IMH AA . -17.08 1.10 5.82
N7 IMH AA . -16.80 1.27 4.49
C5 IMH AA . -15.47 1.09 4.28
C6 IMH AA . -14.60 1.07 3.17
O6 IMH AA . -15.08 1.30 1.99
N1 IMH AA . -13.26 0.84 3.31
C2 IMH AA . -12.77 0.60 4.55
N3 IMH AA . -13.54 0.57 5.67
C4 IMH AA . -14.86 0.81 5.52
S DMS BA . -4.17 -20.35 14.59
O DMS BA . -5.41 -20.90 15.17
C1 DMS BA . -3.43 -19.41 15.90
C2 DMS BA . -3.05 -21.72 14.56
S DMS CA . -22.18 10.38 -12.20
O DMS CA . -23.36 9.55 -11.92
C1 DMS CA . -21.38 10.60 -10.64
C2 DMS CA . -21.02 9.26 -12.93
S DMS DA . -22.67 -15.32 -0.01
O DMS DA . -23.49 -14.50 0.90
C1 DMS DA . -21.63 -16.25 1.05
C2 DMS DA . -23.73 -16.63 -0.55
C1 PEG EA . -15.06 1.84 -11.27
O1 PEG EA . -14.36 1.93 -12.50
C2 PEG EA . -16.33 2.62 -11.33
O2 PEG EA . -16.60 3.18 -10.05
C3 PEG EA . -17.40 4.35 -10.14
C4 PEG EA . -16.61 5.56 -9.74
O4 PEG EA . -17.07 6.73 -10.38
C1 EDO FA . -9.31 12.68 5.20
O1 EDO FA . -9.31 12.30 3.83
C2 EDO FA . -9.47 14.18 5.27
O2 EDO FA . -10.81 14.47 4.96
C1 EDO GA . -6.11 -28.39 14.68
O1 EDO GA . -7.36 -28.20 15.33
C2 EDO GA . -5.68 -29.86 14.85
O2 EDO GA . -4.47 -30.09 14.15
C1 EDO HA . -2.93 -3.48 -1.26
O1 EDO HA . -2.85 -4.89 -1.48
C2 EDO HA . -4.24 -3.10 -0.53
O2 EDO HA . -4.33 -1.68 -0.50
CA CA IA . -6.54 -32.55 -16.23
O5' IMH JA . -9.22 -30.04 -10.57
C5' IMH JA . -9.75 -30.32 -11.86
C4' IMH JA . -8.61 -30.82 -12.73
N4' IMH JA . -7.76 -31.87 -12.13
C3' IMH JA . -9.06 -31.44 -14.06
O3' IMH JA . -8.31 -30.96 -15.16
C2' IMH JA . -8.98 -32.96 -13.86
O2' IMH JA . -8.17 -33.61 -14.83
C1' IMH JA . -8.35 -33.17 -12.46
C9 IMH JA . -9.31 -33.64 -11.38
C8 IMH JA . -10.62 -34.01 -11.52
N7 IMH JA . -11.20 -34.18 -10.29
C5 IMH JA . -10.26 -33.95 -9.32
C6 IMH JA . -10.23 -33.91 -7.92
O6 IMH JA . -11.34 -34.15 -7.24
N1 IMH JA . -9.08 -33.61 -7.23
C2 IMH JA . -7.95 -33.34 -7.94
N3 IMH JA . -7.90 -33.35 -9.29
C4 IMH JA . -9.04 -33.63 -9.96
S DMS KA . -11.14 7.42 -5.10
O DMS KA . -11.08 7.79 -6.52
C1 DMS KA . -10.94 5.68 -5.14
C2 DMS KA . -9.55 7.85 -4.47
S DMS LA . 4.72 -12.14 -12.47
O DMS LA . 3.59 -13.05 -12.27
C1 DMS LA . 5.59 -12.74 -13.87
C2 DMS LA . 4.01 -10.68 -13.16
S DMS MA . -3.76 -32.81 -6.17
O DMS MA . -3.78 -33.41 -7.50
C1 DMS MA . -5.28 -33.23 -5.39
C2 DMS MA . -2.68 -33.86 -5.23
C1 EDO NA . -18.82 -17.53 -11.07
O1 EDO NA . -19.34 -18.86 -11.16
C2 EDO NA . -19.88 -16.66 -10.38
O2 EDO NA . -19.71 -16.72 -8.97
C1 EDO OA . 12.60 -36.99 -13.66
O1 EDO OA . 11.95 -38.21 -13.40
C2 EDO OA . 13.70 -37.18 -14.75
O2 EDO OA . 13.12 -37.69 -15.95
C1 EDO PA . 5.18 -30.39 -4.05
O1 EDO PA . 4.23 -30.90 -3.13
C2 EDO PA . 6.08 -29.35 -3.35
O2 EDO PA . 6.89 -28.70 -4.31
#